data_8P00
#
_entry.id   8P00
#
_cell.length_a   1.00
_cell.length_b   1.00
_cell.length_c   1.00
_cell.angle_alpha   90.00
_cell.angle_beta   90.00
_cell.angle_gamma   90.00
#
_symmetry.space_group_name_H-M   'P 1'
#
_entity_poly.entity_id   1
_entity_poly.type   'polypeptide(L)'
_entity_poly.pdbx_seq_one_letter_code
;MTQSVSLSDFIVKTEDGYMPSDRECVALDRYLSKEQKELRETFKDGKNDRSALRIKMFLSPSPSRRFTQHGVVPMREIKT
NTDIPSTLWTLVTDWLLNLLQDEENQEMFEDFISSKFPDVLASADKLARFAQRLEDRKDVLHKNFSKAMNAFGACFWAIK
PTFATEGKCNVVRATDDSMILEFQPVPEYFRCGRSKATFYKLYPLSDEQPVNGMLALKAVAGNQFFMYHGHGHIRTVPYH
ELADAIKSYARKDKETLESISKSPLAAQCGSKFLDMLDGIRSKQKIEDVILKAKIFEKKRS
;
_entity_poly.pdbx_strand_id   A,B,C,D,E,F,G,H
#
# COMPACT_ATOMS: atom_id res chain seq x y z
N MET A 1 41.13 15.13 5.49
CA MET A 1 40.26 16.25 5.18
C MET A 1 39.00 15.80 4.45
N THR A 2 38.69 16.50 3.36
CA THR A 2 37.53 16.16 2.54
C THR A 2 37.78 14.83 1.83
N GLN A 3 37.06 13.79 2.24
CA GLN A 3 37.24 12.47 1.64
C GLN A 3 36.86 12.48 0.17
N SER A 4 37.57 11.71 -0.62
CA SER A 4 37.35 11.63 -2.06
C SER A 4 36.89 10.23 -2.44
N VAL A 5 35.96 10.16 -3.38
CA VAL A 5 35.41 8.90 -3.86
C VAL A 5 35.97 8.67 -5.26
N SER A 6 36.70 7.57 -5.43
CA SER A 6 37.33 7.27 -6.71
C SER A 6 36.30 6.80 -7.72
N LEU A 7 36.70 6.80 -8.99
CA LEU A 7 35.84 6.33 -10.06
C LEU A 7 35.67 4.82 -10.02
N SER A 8 36.75 4.10 -9.67
CA SER A 8 36.71 2.64 -9.66
C SER A 8 35.75 2.09 -8.63
N ASP A 9 35.43 2.85 -7.57
CA ASP A 9 34.46 2.40 -6.59
C ASP A 9 33.05 2.32 -7.15
N PHE A 10 32.82 2.89 -8.33
CA PHE A 10 31.52 2.83 -9.00
C PHE A 10 31.50 1.88 -10.17
N ILE A 11 32.61 1.73 -10.89
CA ILE A 11 32.64 0.96 -12.13
C ILE A 11 34.09 0.63 -12.45
N VAL A 12 34.32 -0.59 -12.93
CA VAL A 12 35.65 -1.02 -13.35
C VAL A 12 35.56 -1.61 -14.75
N LYS A 13 36.71 -1.62 -15.42
CA LYS A 13 36.80 -2.16 -16.77
C LYS A 13 36.72 -3.69 -16.73
N THR A 14 36.28 -4.26 -17.84
CA THR A 14 36.19 -5.71 -17.99
C THR A 14 36.65 -6.06 -19.40
N GLU A 15 36.35 -7.29 -19.83
CA GLU A 15 36.80 -7.75 -21.14
C GLU A 15 36.22 -6.89 -22.26
N ASP A 16 34.90 -6.90 -22.41
CA ASP A 16 34.23 -6.05 -23.40
C ASP A 16 33.35 -4.99 -22.75
N GLY A 17 32.42 -5.39 -21.88
CA GLY A 17 31.46 -4.46 -21.30
C GLY A 17 31.79 -4.17 -19.84
N TYR A 18 31.65 -2.90 -19.47
CA TYR A 18 31.88 -2.49 -18.09
C TYR A 18 30.88 -3.17 -17.17
N MET A 19 31.33 -3.46 -15.95
CA MET A 19 30.56 -4.22 -14.98
C MET A 19 30.50 -3.46 -13.67
N PRO A 20 29.45 -3.63 -12.88
CA PRO A 20 29.42 -3.02 -11.55
C PRO A 20 30.48 -3.64 -10.66
N SER A 21 30.92 -2.87 -9.67
CA SER A 21 32.05 -3.22 -8.82
C SER A 21 31.59 -3.51 -7.40
N ASP A 22 32.06 -4.61 -6.84
CA ASP A 22 31.73 -5.02 -5.48
C ASP A 22 32.97 -4.88 -4.60
N ARG A 23 32.83 -4.12 -3.52
CA ARG A 23 33.91 -3.93 -2.56
C ARG A 23 33.76 -4.85 -1.36
N GLU A 24 32.91 -5.87 -1.44
CA GLU A 24 32.67 -6.76 -0.30
C GLU A 24 33.91 -7.55 0.06
N CYS A 25 34.63 -8.06 -0.94
CA CYS A 25 35.79 -8.91 -0.72
C CYS A 25 37.01 -8.34 -1.43
N VAL A 26 38.18 -8.58 -0.85
CA VAL A 26 39.44 -8.14 -1.42
C VAL A 26 40.38 -9.33 -1.52
N ALA A 27 39.88 -10.52 -1.23
CA ALA A 27 40.71 -11.72 -1.28
C ALA A 27 41.15 -12.05 -2.69
N LEU A 28 40.28 -11.82 -3.68
CA LEU A 28 40.56 -12.18 -5.06
C LEU A 28 41.62 -11.31 -5.70
N ASP A 29 42.05 -10.23 -5.04
CA ASP A 29 42.98 -9.28 -5.64
C ASP A 29 44.37 -9.85 -5.87
N ARG A 30 44.68 -11.04 -5.32
CA ARG A 30 46.02 -11.59 -5.47
C ARG A 30 46.35 -11.86 -6.93
N TYR A 31 45.41 -12.40 -7.69
CA TYR A 31 45.64 -12.67 -9.10
C TYR A 31 45.59 -11.37 -9.91
N LEU A 32 46.33 -11.35 -11.02
CA LEU A 32 46.41 -10.18 -11.86
C LEU A 32 46.89 -10.61 -13.24
N SER A 33 47.04 -9.63 -14.13
CA SER A 33 47.52 -9.84 -15.49
C SER A 33 48.96 -9.32 -15.62
N LYS A 34 49.60 -9.70 -16.73
CA LYS A 34 51.01 -9.37 -16.92
C LYS A 34 51.23 -7.87 -16.94
N GLU A 35 50.48 -7.15 -17.78
CA GLU A 35 50.59 -5.70 -17.78
C GLU A 35 50.16 -5.11 -16.45
N GLN A 36 49.13 -5.68 -15.84
CA GLN A 36 48.64 -5.19 -14.55
C GLN A 36 49.70 -5.32 -13.48
N LYS A 37 50.36 -6.49 -13.39
CA LYS A 37 51.39 -6.67 -12.38
C LYS A 37 52.63 -5.84 -12.69
N GLU A 38 52.98 -5.68 -13.96
CA GLU A 38 54.11 -4.83 -14.31
C GLU A 38 53.86 -3.38 -13.88
N LEU A 39 52.67 -2.86 -14.17
CA LEU A 39 52.33 -1.51 -13.74
C LEU A 39 52.27 -1.39 -12.22
N ARG A 40 51.76 -2.41 -11.53
CA ARG A 40 51.74 -2.37 -10.07
C ARG A 40 53.16 -2.32 -9.50
N GLU A 41 54.06 -3.12 -10.06
CA GLU A 41 55.45 -3.11 -9.61
C GLU A 41 56.11 -1.77 -9.87
N THR A 42 55.88 -1.19 -11.06
CA THR A 42 56.47 0.11 -11.35
C THR A 42 55.92 1.19 -10.43
N PHE A 43 54.62 1.15 -10.14
CA PHE A 43 54.02 2.13 -9.24
C PHE A 43 54.60 1.99 -7.83
N LYS A 44 54.75 0.76 -7.35
CA LYS A 44 55.32 0.56 -6.01
C LYS A 44 56.80 0.88 -5.95
N ASP A 45 57.51 0.82 -7.08
CA ASP A 45 58.96 1.02 -7.07
C ASP A 45 59.33 2.42 -6.62
N GLY A 46 58.92 3.45 -7.38
CA GLY A 46 59.34 4.80 -7.09
C GLY A 46 58.23 5.80 -7.41
N LYS A 47 58.43 7.02 -6.91
CA LYS A 47 57.46 8.10 -7.07
C LYS A 47 57.75 8.83 -8.37
N ASN A 48 57.10 8.40 -9.45
CA ASN A 48 57.29 8.99 -10.78
C ASN A 48 55.93 9.12 -11.45
N ASP A 49 55.29 10.28 -11.28
CA ASP A 49 54.02 10.60 -11.93
C ASP A 49 52.95 9.55 -11.61
N ARG A 50 52.59 9.51 -10.33
CA ARG A 50 51.64 8.51 -9.86
C ARG A 50 50.29 8.63 -10.57
N SER A 51 49.84 9.86 -10.83
CA SER A 51 48.53 10.06 -11.43
C SER A 51 48.46 9.48 -12.84
N ALA A 52 49.52 9.70 -13.65
CA ALA A 52 49.53 9.17 -15.00
C ALA A 52 49.52 7.65 -14.99
N LEU A 53 50.31 7.04 -14.10
CA LEU A 53 50.31 5.59 -13.98
C LEU A 53 48.95 5.07 -13.55
N ARG A 54 48.29 5.79 -12.64
CA ARG A 54 46.95 5.39 -12.20
C ARG A 54 45.96 5.43 -13.36
N ILE A 55 46.01 6.50 -14.16
CA ILE A 55 45.12 6.60 -15.32
C ILE A 55 45.40 5.48 -16.30
N LYS A 56 46.68 5.16 -16.53
CA LYS A 56 47.01 4.05 -17.41
C LYS A 56 46.48 2.74 -16.85
N MET A 57 46.55 2.56 -15.53
CA MET A 57 46.04 1.35 -14.90
C MET A 57 44.54 1.22 -15.10
N PHE A 58 43.80 2.31 -14.94
CA PHE A 58 42.35 2.26 -15.06
C PHE A 58 41.88 1.92 -16.47
N LEU A 59 42.74 2.08 -17.47
CA LEU A 59 42.35 1.88 -18.86
C LEU A 59 42.76 0.52 -19.41
N SER A 60 43.17 -0.41 -18.54
CA SER A 60 43.51 -1.74 -18.99
C SER A 60 42.42 -2.73 -18.59
N PRO A 61 42.11 -3.72 -19.44
CA PRO A 61 41.04 -4.67 -19.11
C PRO A 61 41.38 -5.56 -17.93
N SER A 62 40.45 -6.44 -17.56
CA SER A 62 40.64 -7.35 -16.44
C SER A 62 40.35 -8.78 -16.87
N PRO A 63 41.02 -9.76 -16.28
CA PRO A 63 40.78 -11.15 -16.64
C PRO A 63 39.47 -11.66 -16.06
N SER A 64 39.11 -12.87 -16.48
CA SER A 64 37.89 -13.52 -16.00
C SER A 64 38.05 -14.14 -14.61
N ARG A 65 39.27 -14.23 -14.10
CA ARG A 65 39.48 -14.82 -12.79
C ARG A 65 38.94 -13.93 -11.67
N ARG A 66 38.87 -12.62 -11.90
CA ARG A 66 38.42 -11.70 -10.88
C ARG A 66 36.90 -11.61 -10.77
N PHE A 67 36.16 -12.27 -11.66
CA PHE A 67 34.72 -12.21 -11.61
C PHE A 67 34.18 -12.93 -10.38
N THR A 68 33.14 -12.34 -9.77
CA THR A 68 32.41 -13.00 -8.69
C THR A 68 30.93 -13.06 -9.06
N GLN A 69 30.09 -13.49 -8.11
CA GLN A 69 28.66 -13.56 -8.38
C GLN A 69 28.06 -12.17 -8.53
N HIS A 70 28.35 -11.27 -7.59
CA HIS A 70 27.78 -9.93 -7.64
C HIS A 70 28.36 -9.12 -8.79
N GLY A 71 29.68 -9.11 -8.93
CA GLY A 71 30.32 -8.30 -9.94
C GLY A 71 31.81 -8.56 -10.07
N VAL A 72 32.60 -7.50 -10.21
CA VAL A 72 34.05 -7.61 -10.41
C VAL A 72 34.75 -6.84 -9.31
N VAL A 73 35.79 -7.45 -8.75
CA VAL A 73 36.60 -6.82 -7.71
C VAL A 73 37.55 -5.81 -8.36
N PRO A 74 37.69 -4.60 -7.82
CA PRO A 74 38.64 -3.64 -8.39
C PRO A 74 40.06 -3.90 -7.94
N MET A 75 40.99 -3.03 -8.33
CA MET A 75 42.36 -3.15 -7.89
C MET A 75 42.53 -2.54 -6.50
N ARG A 76 43.66 -2.85 -5.87
CA ARG A 76 43.96 -2.33 -4.54
C ARG A 76 44.58 -0.93 -4.58
N GLU A 77 44.87 -0.40 -5.76
CA GLU A 77 45.51 0.90 -5.88
C GLU A 77 44.55 2.02 -6.28
N ILE A 78 43.37 1.70 -6.80
CA ILE A 78 42.43 2.71 -7.25
C ILE A 78 41.12 2.57 -6.48
N LYS A 79 41.21 2.11 -5.24
CA LYS A 79 40.03 1.88 -4.42
C LYS A 79 40.20 2.61 -3.09
N THR A 80 39.14 3.27 -2.64
CA THR A 80 39.15 4.02 -1.39
C THR A 80 38.61 3.16 -0.26
N ASN A 81 38.46 3.76 0.91
CA ASN A 81 37.97 3.08 2.11
C ASN A 81 36.94 3.95 2.84
N THR A 82 36.12 4.67 2.09
CA THR A 82 35.07 5.51 2.64
C THR A 82 33.71 4.96 2.23
N ASP A 83 32.80 4.91 3.19
CA ASP A 83 31.46 4.39 2.94
C ASP A 83 30.58 5.47 2.32
N ILE A 84 29.68 5.05 1.44
CA ILE A 84 28.78 5.96 0.73
C ILE A 84 27.36 5.42 0.82
N PRO A 85 26.34 6.27 0.78
CA PRO A 85 24.96 5.77 0.86
C PRO A 85 24.62 4.88 -0.33
N SER A 86 23.73 3.91 -0.07
CA SER A 86 23.37 2.94 -1.10
C SER A 86 22.66 3.61 -2.28
N THR A 87 21.79 4.58 -2.00
CA THR A 87 21.01 5.21 -3.06
C THR A 87 21.91 5.91 -4.07
N LEU A 88 22.91 6.63 -3.59
CA LEU A 88 23.83 7.34 -4.47
C LEU A 88 24.56 6.37 -5.39
N TRP A 89 25.09 5.30 -4.81
CA TRP A 89 25.81 4.30 -5.61
C TRP A 89 24.90 3.67 -6.65
N THR A 90 23.68 3.28 -6.23
CA THR A 90 22.76 2.63 -7.15
C THR A 90 22.41 3.55 -8.30
N LEU A 91 22.07 4.80 -8.00
CA LEU A 91 21.65 5.73 -9.05
C LEU A 91 22.78 6.01 -10.02
N VAL A 92 23.98 6.30 -9.50
CA VAL A 92 25.10 6.64 -10.37
C VAL A 92 25.49 5.44 -11.24
N THR A 93 25.58 4.25 -10.63
CA THR A 93 25.95 3.07 -11.40
C THR A 93 24.90 2.76 -12.46
N ASP A 94 23.61 2.87 -12.11
CA ASP A 94 22.55 2.57 -13.07
C ASP A 94 22.62 3.53 -14.27
N TRP A 95 22.73 4.83 -14.00
CA TRP A 95 22.77 5.79 -15.11
C TRP A 95 24.01 5.57 -15.97
N LEU A 96 25.17 5.39 -15.32
CA LEU A 96 26.41 5.27 -16.06
C LEU A 96 26.42 4.02 -16.92
N LEU A 97 25.89 2.91 -16.41
CA LEU A 97 25.82 1.68 -17.21
C LEU A 97 24.76 1.79 -18.29
N ASN A 98 23.70 2.56 -18.05
CA ASN A 98 22.72 2.80 -19.11
C ASN A 98 23.33 3.59 -20.26
N LEU A 99 24.20 4.56 -19.96
CA LEU A 99 24.81 5.36 -21.02
C LEU A 99 25.84 4.55 -21.80
N LEU A 100 26.46 3.55 -21.18
CA LEU A 100 27.62 2.86 -21.74
C LEU A 100 27.24 1.69 -22.65
N GLN A 101 26.02 1.66 -23.17
CA GLN A 101 25.62 0.61 -24.10
C GLN A 101 25.82 1.03 -25.56
N ASP A 102 27.05 1.40 -25.90
CA ASP A 102 27.37 1.80 -27.27
C ASP A 102 28.88 1.83 -27.44
N GLU A 103 29.37 1.26 -28.55
CA GLU A 103 30.80 1.29 -28.83
C GLU A 103 31.28 2.72 -29.06
N GLU A 104 30.52 3.52 -29.80
CA GLU A 104 30.89 4.91 -30.03
C GLU A 104 30.89 5.69 -28.72
N ASN A 105 29.91 5.45 -27.85
CA ASN A 105 29.92 6.08 -26.55
C ASN A 105 31.09 5.60 -25.71
N GLN A 106 31.48 4.34 -25.85
CA GLN A 106 32.67 3.84 -25.16
C GLN A 106 33.92 4.61 -25.62
N GLU A 107 34.07 4.79 -26.92
CA GLU A 107 35.21 5.53 -27.45
C GLU A 107 35.19 6.99 -26.98
N MET A 108 33.99 7.59 -26.95
CA MET A 108 33.88 8.96 -26.46
C MET A 108 34.28 9.06 -25.00
N PHE A 109 33.85 8.11 -24.17
CA PHE A 109 34.21 8.11 -22.76
C PHE A 109 35.72 7.96 -22.60
N GLU A 110 36.33 7.06 -23.37
CA GLU A 110 37.77 6.89 -23.26
C GLU A 110 38.51 8.15 -23.68
N ASP A 111 38.05 8.79 -24.77
CA ASP A 111 38.68 10.03 -25.21
C ASP A 111 38.57 11.12 -24.16
N PHE A 112 37.39 11.25 -23.54
CA PHE A 112 37.22 12.25 -22.49
C PHE A 112 38.10 11.94 -21.28
N ILE A 113 38.18 10.67 -20.88
CA ILE A 113 38.99 10.30 -19.72
C ILE A 113 40.47 10.52 -20.00
N SER A 114 40.88 10.44 -21.27
CA SER A 114 42.26 10.69 -21.64
C SER A 114 42.52 12.14 -22.02
N SER A 115 41.51 13.00 -21.95
CA SER A 115 41.67 14.37 -22.43
C SER A 115 42.06 15.34 -21.32
N LYS A 116 41.22 15.46 -20.28
CA LYS A 116 41.38 16.52 -19.30
C LYS A 116 41.32 16.05 -17.86
N PHE A 117 41.17 14.77 -17.60
CA PHE A 117 41.08 14.30 -16.22
C PHE A 117 42.45 14.36 -15.56
N PRO A 118 42.64 15.15 -14.49
CA PRO A 118 43.95 15.20 -13.84
C PRO A 118 44.19 14.04 -12.89
N ASP A 119 43.13 13.60 -12.21
CA ASP A 119 43.22 12.46 -11.29
C ASP A 119 41.85 11.85 -11.14
N VAL A 120 41.84 10.58 -10.74
CA VAL A 120 40.59 9.84 -10.61
C VAL A 120 39.74 10.39 -9.46
N LEU A 121 40.40 10.76 -8.36
CA LEU A 121 39.67 11.16 -7.16
C LEU A 121 38.81 12.39 -7.41
N ALA A 122 37.66 12.44 -6.74
CA ALA A 122 36.74 13.56 -6.85
C ALA A 122 36.07 13.78 -5.50
N SER A 123 35.64 15.01 -5.26
CA SER A 123 35.04 15.36 -3.98
C SER A 123 33.69 14.67 -3.80
N ALA A 124 33.36 14.34 -2.57
CA ALA A 124 32.12 13.62 -2.29
C ALA A 124 30.91 14.55 -2.41
N ASP A 125 31.03 15.78 -1.89
CA ASP A 125 29.91 16.70 -1.94
C ASP A 125 29.54 17.06 -3.37
N LYS A 126 30.52 17.13 -4.27
CA LYS A 126 30.22 17.35 -5.68
C LYS A 126 29.36 16.23 -6.24
N LEU A 127 29.70 14.99 -5.92
CA LEU A 127 28.90 13.86 -6.36
C LEU A 127 27.49 13.91 -5.78
N ALA A 128 27.39 14.26 -4.49
CA ALA A 128 26.06 14.34 -3.86
C ALA A 128 25.20 15.40 -4.53
N ARG A 129 25.77 16.59 -4.78
CA ARG A 129 25.00 17.64 -5.42
C ARG A 129 24.63 17.26 -6.84
N PHE A 130 25.53 16.61 -7.58
CA PHE A 130 25.20 16.18 -8.93
C PHE A 130 24.08 15.15 -8.92
N ALA A 131 24.11 14.21 -7.98
CA ALA A 131 23.04 13.22 -7.90
C ALA A 131 21.72 13.86 -7.45
N GLN A 132 21.80 14.97 -6.72
CA GLN A 132 20.58 15.69 -6.36
C GLN A 132 19.81 16.14 -7.59
N ARG A 133 20.52 16.53 -8.64
CA ARG A 133 19.90 17.00 -9.87
C ARG A 133 19.50 15.86 -10.80
N LEU A 134 19.96 14.64 -10.54
CA LEU A 134 19.65 13.50 -11.40
C LEU A 134 18.50 12.66 -10.87
N GLU A 135 18.15 12.79 -9.60
CA GLU A 135 17.11 11.93 -9.04
C GLU A 135 15.72 12.32 -9.55
N ASP A 136 15.46 13.62 -9.71
CA ASP A 136 14.15 14.10 -10.11
C ASP A 136 13.96 13.95 -11.61
N ARG A 137 12.73 13.65 -12.02
CA ARG A 137 12.45 13.36 -13.42
C ARG A 137 12.41 14.63 -14.27
N LYS A 138 11.86 15.73 -13.73
CA LYS A 138 11.64 16.95 -14.52
C LYS A 138 12.87 17.86 -14.37
N ASP A 139 13.88 17.57 -15.19
CA ASP A 139 15.08 18.39 -15.29
C ASP A 139 15.49 18.46 -16.75
N VAL A 140 16.69 18.95 -17.00
CA VAL A 140 17.16 19.17 -18.37
C VAL A 140 18.17 18.09 -18.76
N LEU A 141 18.81 17.48 -17.75
CA LEU A 141 19.89 16.53 -18.03
C LEU A 141 19.40 15.32 -18.81
N HIS A 142 18.16 14.90 -18.60
CA HIS A 142 17.66 13.69 -19.26
C HIS A 142 17.62 13.86 -20.77
N LYS A 143 17.17 15.02 -21.25
CA LYS A 143 17.00 15.21 -22.68
C LYS A 143 18.33 15.40 -23.39
N ASN A 144 19.24 16.17 -22.79
CA ASN A 144 20.52 16.51 -23.42
C ASN A 144 21.60 15.62 -22.79
N PHE A 145 22.04 14.61 -23.56
CA PHE A 145 23.04 13.69 -23.06
C PHE A 145 24.40 14.38 -22.88
N SER A 146 24.82 15.17 -23.87
CA SER A 146 26.13 15.81 -23.79
C SER A 146 26.19 16.82 -22.66
N LYS A 147 25.15 17.65 -22.51
CA LYS A 147 25.12 18.63 -21.43
C LYS A 147 25.13 17.95 -20.07
N ALA A 148 24.43 16.82 -19.96
CA ALA A 148 24.50 16.04 -18.72
C ALA A 148 25.91 15.52 -18.48
N MET A 149 26.58 15.08 -19.55
CA MET A 149 27.90 14.49 -19.39
C MET A 149 28.93 15.53 -18.95
N ASN A 150 28.81 16.76 -19.46
CA ASN A 150 29.78 17.78 -19.04
C ASN A 150 29.60 18.11 -17.57
N ALA A 151 28.42 17.87 -17.02
CA ALA A 151 28.19 18.09 -15.59
C ALA A 151 28.96 17.07 -14.75
N PHE A 152 28.87 15.80 -15.11
CA PHE A 152 29.65 14.76 -14.44
C PHE A 152 31.14 15.02 -14.62
N GLY A 153 31.53 15.49 -15.81
CA GLY A 153 32.94 15.79 -16.05
C GLY A 153 33.46 16.87 -15.12
N ALA A 154 32.83 18.05 -15.14
CA ALA A 154 33.25 19.13 -14.25
C ALA A 154 33.05 18.77 -12.79
N CYS A 155 32.23 17.76 -12.49
CA CYS A 155 32.08 17.30 -11.11
C CYS A 155 33.38 16.75 -10.55
N PHE A 156 34.30 16.31 -11.40
CA PHE A 156 35.56 15.72 -10.98
C PHE A 156 36.75 16.55 -11.47
N TRP A 157 36.60 17.87 -11.50
CA TRP A 157 37.66 18.81 -11.84
C TRP A 157 38.20 18.55 -13.25
N ALA A 158 37.31 18.69 -14.23
CA ALA A 158 37.68 18.51 -15.63
C ALA A 158 37.54 19.76 -16.47
N ILE A 159 36.44 20.50 -16.33
CA ILE A 159 36.22 21.73 -17.09
C ILE A 159 35.67 22.80 -16.17
N LYS A 160 35.80 24.05 -16.60
CA LYS A 160 35.29 25.16 -15.81
C LYS A 160 33.78 25.10 -15.76
N PRO A 161 33.16 25.08 -14.57
CA PRO A 161 31.70 24.92 -14.50
C PRO A 161 30.99 26.24 -14.74
N THR A 162 30.03 26.22 -15.66
CA THR A 162 29.16 27.35 -15.91
C THR A 162 27.91 27.22 -15.05
N PHE A 163 26.90 28.05 -15.32
CA PHE A 163 25.66 27.96 -14.57
C PHE A 163 24.89 26.69 -14.89
N ALA A 164 24.77 26.37 -16.18
CA ALA A 164 24.00 25.20 -16.60
C ALA A 164 24.67 23.88 -16.24
N THR A 165 25.95 23.90 -15.88
CA THR A 165 26.69 22.69 -15.52
C THR A 165 26.95 22.56 -14.03
N GLU A 166 26.30 23.40 -13.21
CA GLU A 166 26.51 23.36 -11.77
C GLU A 166 25.68 22.21 -11.18
N GLY A 167 25.57 22.20 -9.85
CA GLY A 167 24.80 21.18 -9.17
C GLY A 167 23.34 21.55 -9.04
N LYS A 168 22.81 21.54 -7.83
CA LYS A 168 21.44 21.95 -7.56
C LYS A 168 21.47 23.37 -6.99
N CYS A 169 20.76 24.28 -7.63
CA CYS A 169 20.81 25.69 -7.28
C CYS A 169 19.55 26.38 -7.74
N ASN A 170 19.36 27.60 -7.25
CA ASN A 170 18.22 28.43 -7.65
C ASN A 170 18.68 29.88 -7.61
N VAL A 171 18.70 30.53 -8.79
CA VAL A 171 19.19 31.89 -8.88
C VAL A 171 18.31 32.80 -8.03
N VAL A 172 18.94 33.56 -7.14
CA VAL A 172 18.20 34.45 -6.24
C VAL A 172 18.23 35.90 -6.68
N ARG A 173 19.20 36.30 -7.51
CA ARG A 173 19.33 37.69 -7.93
C ARG A 173 20.35 37.77 -9.05
N ALA A 174 20.09 38.65 -10.02
CA ALA A 174 21.02 38.86 -11.12
C ALA A 174 21.34 40.34 -11.26
N THR A 175 22.08 40.68 -12.31
CA THR A 175 22.46 42.07 -12.61
C THR A 175 22.95 42.10 -14.05
N ASP A 176 23.52 43.24 -14.45
CA ASP A 176 23.95 43.40 -15.84
C ASP A 176 25.01 42.37 -16.21
N ASP A 177 26.00 42.17 -15.34
CA ASP A 177 27.07 41.20 -15.57
C ASP A 177 27.20 40.32 -14.34
N SER A 178 27.34 39.01 -14.56
CA SER A 178 27.51 38.01 -13.51
C SER A 178 26.24 37.83 -12.70
N MET A 179 26.15 36.71 -11.97
CA MET A 179 24.97 36.40 -11.15
C MET A 179 25.43 35.91 -9.78
N ILE A 180 24.47 35.82 -8.87
CA ILE A 180 24.70 35.28 -7.53
C ILE A 180 23.70 34.17 -7.27
N LEU A 181 24.18 33.04 -6.79
CA LEU A 181 23.35 31.86 -6.54
C LEU A 181 23.41 31.49 -5.07
N GLU A 182 22.38 30.78 -4.61
CA GLU A 182 22.30 30.32 -3.24
C GLU A 182 22.22 28.80 -3.22
N PHE A 183 22.95 28.18 -2.30
CA PHE A 183 22.93 26.75 -2.09
C PHE A 183 22.23 26.43 -0.78
N GLN A 184 21.93 25.15 -0.59
CA GLN A 184 21.21 24.69 0.59
C GLN A 184 21.82 23.38 1.06
N PRO A 185 21.66 23.04 2.33
CA PRO A 185 22.19 21.76 2.82
C PRO A 185 21.55 20.58 2.08
N VAL A 186 22.38 19.58 1.82
CA VAL A 186 21.91 18.36 1.12
C VAL A 186 21.12 17.51 2.11
N PRO A 187 20.01 16.88 1.70
CA PRO A 187 19.22 16.09 2.64
C PRO A 187 20.03 14.95 3.25
N GLU A 188 19.45 14.37 4.31
CA GLU A 188 20.19 13.44 5.16
C GLU A 188 20.60 12.19 4.40
N TYR A 189 19.66 11.58 3.66
CA TYR A 189 19.92 10.29 3.03
C TYR A 189 20.84 10.39 1.81
N PHE A 190 21.42 11.57 1.55
CA PHE A 190 22.51 11.71 0.61
C PHE A 190 23.83 12.06 1.28
N ARG A 191 23.81 12.46 2.55
CA ARG A 191 25.00 13.01 3.19
C ARG A 191 26.07 11.94 3.38
N CYS A 192 27.32 12.31 3.11
CA CYS A 192 28.48 11.44 3.34
C CYS A 192 29.59 12.31 3.90
N GLY A 193 29.65 12.41 5.23
CA GLY A 193 30.66 13.20 5.92
C GLY A 193 30.04 14.32 6.73
N ARG A 194 30.78 15.42 6.85
CA ARG A 194 30.34 16.56 7.63
C ARG A 194 29.24 17.32 6.90
N SER A 195 28.55 18.18 7.64
CA SER A 195 27.47 19.00 7.11
C SER A 195 27.93 20.45 6.96
N LYS A 196 27.36 21.13 5.97
CA LYS A 196 27.68 22.53 5.71
C LYS A 196 26.39 23.32 5.59
N ALA A 197 26.46 24.60 5.97
CA ALA A 197 25.30 25.46 6.02
C ALA A 197 25.16 26.22 4.69
N THR A 198 24.26 27.20 4.66
CA THR A 198 24.02 27.98 3.46
C THR A 198 25.26 28.80 3.08
N PHE A 199 25.56 28.84 1.79
CA PHE A 199 26.68 29.61 1.30
C PHE A 199 26.45 29.95 -0.17
N TYR A 200 26.74 31.20 -0.53
CA TYR A 200 26.45 31.71 -1.86
C TYR A 200 27.67 31.55 -2.77
N LYS A 201 27.63 32.15 -3.95
CA LYS A 201 28.73 32.10 -4.91
C LYS A 201 28.57 33.27 -5.88
N LEU A 202 29.40 33.28 -6.93
CA LEU A 202 29.35 34.33 -7.93
C LEU A 202 30.10 33.85 -9.16
N TYR A 203 29.53 34.10 -10.33
CA TYR A 203 30.11 33.64 -11.61
C TYR A 203 30.20 34.80 -12.58
N PRO A 204 31.40 35.28 -12.90
CA PRO A 204 31.53 36.32 -13.92
C PRO A 204 30.94 35.87 -15.25
N LEU A 205 30.36 36.82 -15.98
CA LEU A 205 29.52 36.45 -17.13
C LEU A 205 30.35 35.97 -18.32
N SER A 206 31.13 36.86 -18.94
CA SER A 206 31.97 36.44 -20.06
C SER A 206 33.45 36.67 -19.79
N ASP A 207 33.88 37.93 -19.64
CA ASP A 207 35.29 38.20 -19.35
C ASP A 207 35.54 39.34 -18.36
N GLU A 208 34.61 40.29 -18.21
CA GLU A 208 34.93 41.55 -17.54
C GLU A 208 34.73 41.45 -16.04
N GLN A 209 35.47 42.28 -15.31
CA GLN A 209 35.35 42.33 -13.86
C GLN A 209 34.00 42.93 -13.48
N PRO A 210 33.24 42.28 -12.59
CA PRO A 210 31.95 42.85 -12.18
C PRO A 210 32.13 44.13 -11.38
N VAL A 211 31.12 45.00 -11.46
CA VAL A 211 31.13 46.28 -10.76
C VAL A 211 30.10 46.31 -9.63
N ASN A 212 28.85 45.96 -9.93
CA ASN A 212 27.81 45.88 -8.91
C ASN A 212 27.74 44.53 -8.23
N GLY A 213 28.46 43.53 -8.75
CA GLY A 213 28.44 42.21 -8.13
C GLY A 213 29.00 42.22 -6.72
N MET A 214 30.08 42.99 -6.50
CA MET A 214 30.64 43.09 -5.16
C MET A 214 29.63 43.69 -4.18
N LEU A 215 28.94 44.76 -4.60
CA LEU A 215 27.95 45.38 -3.73
C LEU A 215 26.80 44.44 -3.45
N ALA A 216 26.31 43.74 -4.47
CA ALA A 216 25.20 42.81 -4.27
C ALA A 216 25.59 41.68 -3.33
N LEU A 217 26.77 41.10 -3.52
CA LEU A 217 27.21 40.00 -2.67
C LEU A 217 27.45 40.47 -1.24
N LYS A 218 28.02 41.67 -1.08
CA LYS A 218 28.20 42.23 0.26
C LYS A 218 26.85 42.42 0.94
N ALA A 219 25.85 42.87 0.19
CA ALA A 219 24.50 42.98 0.75
C ALA A 219 23.96 41.61 1.15
N VAL A 220 24.25 40.59 0.35
CA VAL A 220 23.71 39.26 0.60
C VAL A 220 24.51 38.54 1.68
N ALA A 221 25.84 38.57 1.58
CA ALA A 221 26.67 37.76 2.47
C ALA A 221 26.51 38.17 3.93
N GLY A 222 26.50 39.48 4.21
CA GLY A 222 26.43 39.94 5.57
C GLY A 222 27.63 39.52 6.38
N ASN A 223 27.44 38.59 7.31
CA ASN A 223 28.52 38.03 8.11
C ASN A 223 29.01 36.76 7.42
N GLN A 224 30.10 36.89 6.67
CA GLN A 224 30.67 35.77 5.92
C GLN A 224 32.11 36.13 5.57
N PHE A 225 32.73 35.31 4.71
CA PHE A 225 34.11 35.53 4.29
C PHE A 225 34.23 35.28 2.79
N PHE A 226 35.27 35.86 2.20
CA PHE A 226 35.52 35.76 0.77
C PHE A 226 36.71 34.85 0.52
N MET A 227 36.73 34.27 -0.69
CA MET A 227 37.80 33.36 -1.07
C MET A 227 37.83 33.24 -2.59
N TYR A 228 38.91 32.64 -3.09
CA TYR A 228 39.09 32.42 -4.51
C TYR A 228 39.58 30.99 -4.76
N HIS A 229 38.90 30.02 -4.15
CA HIS A 229 39.22 28.62 -4.39
C HIS A 229 39.04 28.29 -5.86
N GLY A 230 40.04 27.62 -6.44
CA GLY A 230 40.00 27.33 -7.86
C GLY A 230 40.11 28.59 -8.68
N HIS A 231 39.54 28.56 -9.88
CA HIS A 231 39.54 29.70 -10.78
C HIS A 231 38.16 29.90 -11.38
N GLY A 232 37.74 31.15 -11.47
CA GLY A 232 36.47 31.49 -12.07
C GLY A 232 35.30 31.61 -11.11
N HIS A 233 35.54 31.63 -9.81
CA HIS A 233 34.48 31.75 -8.83
C HIS A 233 34.96 32.58 -7.65
N ILE A 234 33.99 33.12 -6.90
CA ILE A 234 34.26 33.80 -5.63
C ILE A 234 33.32 33.15 -4.61
N ARG A 235 33.80 32.12 -3.93
CA ARG A 235 32.99 31.40 -2.98
C ARG A 235 32.96 32.13 -1.64
N THR A 236 31.94 31.81 -0.84
CA THR A 236 31.81 32.36 0.50
C THR A 236 31.61 31.21 1.48
N VAL A 237 32.31 31.29 2.61
CA VAL A 237 32.22 30.24 3.63
C VAL A 237 31.99 30.90 4.97
N PRO A 238 31.39 30.18 5.92
CA PRO A 238 31.26 30.70 7.27
C PRO A 238 32.61 30.79 7.96
N TYR A 239 32.64 31.59 9.04
CA TYR A 239 33.90 31.84 9.74
C TYR A 239 34.48 30.56 10.33
N HIS A 240 33.63 29.70 10.89
CA HIS A 240 34.12 28.50 11.56
C HIS A 240 34.81 27.56 10.57
N GLU A 241 34.10 27.18 9.50
CA GLU A 241 34.62 26.18 8.57
C GLU A 241 35.89 26.66 7.88
N LEU A 242 36.11 27.98 7.82
CA LEU A 242 37.34 28.50 7.23
C LEU A 242 38.57 27.91 7.89
N ALA A 243 38.46 27.53 9.17
CA ALA A 243 39.54 26.81 9.84
C ALA A 243 40.01 25.64 9.00
N ASP A 244 39.09 24.73 8.67
CA ASP A 244 39.45 23.59 7.84
C ASP A 244 40.03 24.03 6.51
N ALA A 245 39.54 25.15 5.97
CA ALA A 245 40.04 25.64 4.70
C ALA A 245 41.55 25.89 4.76
N ILE A 246 42.05 26.35 5.90
CA ILE A 246 43.49 26.60 6.03
C ILE A 246 44.26 25.30 5.82
N LYS A 247 43.73 24.18 6.34
CA LYS A 247 44.35 22.90 6.08
C LYS A 247 44.38 22.60 4.58
N SER A 248 43.28 22.88 3.89
CA SER A 248 43.26 22.71 2.43
C SER A 248 44.24 23.64 1.74
N TYR A 249 44.62 24.75 2.39
CA TYR A 249 45.61 25.64 1.82
C TYR A 249 47.03 25.13 2.03
N ALA A 250 47.23 24.15 2.92
CA ALA A 250 48.57 23.62 3.15
C ALA A 250 49.03 22.74 1.99
N ARG A 251 48.13 21.93 1.44
CA ARG A 251 48.49 20.99 0.39
C ARG A 251 48.65 21.64 -0.98
N LYS A 252 48.32 22.92 -1.11
CA LYS A 252 48.41 23.59 -2.41
C LYS A 252 49.86 23.70 -2.85
N ASP A 253 50.10 23.54 -4.15
CA ASP A 253 51.43 23.58 -4.71
C ASP A 253 51.89 25.03 -4.88
N LYS A 254 53.22 25.20 -4.93
CA LYS A 254 53.79 26.54 -5.09
C LYS A 254 53.44 27.13 -6.45
N GLU A 255 53.50 26.32 -7.51
CA GLU A 255 53.17 26.81 -8.84
C GLU A 255 51.70 27.20 -8.94
N THR A 256 50.82 26.39 -8.34
CA THR A 256 49.40 26.72 -8.35
C THR A 256 49.13 28.02 -7.59
N LEU A 257 49.77 28.19 -6.43
CA LEU A 257 49.59 29.43 -5.67
C LEU A 257 50.12 30.63 -6.46
N GLU A 258 51.26 30.47 -7.13
CA GLU A 258 51.79 31.57 -7.94
C GLU A 258 50.85 31.93 -9.07
N SER A 259 50.27 30.92 -9.73
CA SER A 259 49.32 31.18 -10.80
C SER A 259 48.07 31.87 -10.27
N ILE A 260 47.60 31.46 -9.09
CA ILE A 260 46.43 32.10 -8.48
C ILE A 260 46.71 33.56 -8.17
N SER A 261 47.90 33.85 -7.61
CA SER A 261 48.23 35.21 -7.22
C SER A 261 48.37 36.16 -8.40
N LYS A 262 48.55 35.62 -9.62
CA LYS A 262 48.76 36.44 -10.81
C LYS A 262 47.48 36.67 -11.60
N SER A 263 46.33 36.74 -10.92
CA SER A 263 45.05 36.93 -11.60
C SER A 263 44.37 38.20 -11.08
N PRO A 264 43.90 39.08 -11.95
CA PRO A 264 43.15 40.26 -11.48
C PRO A 264 41.88 39.90 -10.73
N LEU A 265 41.22 38.79 -11.10
CA LEU A 265 40.04 38.37 -10.37
C LEU A 265 40.37 38.03 -8.92
N ALA A 266 41.59 37.54 -8.67
CA ALA A 266 42.03 37.33 -7.30
C ALA A 266 42.15 38.65 -6.54
N ALA A 267 42.62 39.70 -7.22
CA ALA A 267 42.70 41.01 -6.59
C ALA A 267 41.33 41.62 -6.36
N GLN A 268 40.35 41.26 -7.19
CA GLN A 268 39.03 41.89 -7.13
C GLN A 268 38.22 41.45 -5.91
N CYS A 269 38.59 40.34 -5.26
CA CYS A 269 37.76 39.79 -4.19
C CYS A 269 37.60 40.76 -3.03
N GLY A 270 38.70 41.37 -2.59
CA GLY A 270 38.62 42.28 -1.46
C GLY A 270 39.95 42.75 -0.93
N SER A 271 40.09 42.78 0.40
CA SER A 271 41.31 43.23 1.05
C SER A 271 41.94 42.16 1.93
N LYS A 272 41.15 41.50 2.79
CA LYS A 272 41.70 40.55 3.74
C LYS A 272 42.23 39.29 3.06
N PHE A 273 41.67 38.93 1.91
CA PHE A 273 42.10 37.71 1.23
C PHE A 273 43.56 37.80 0.79
N LEU A 274 43.97 38.97 0.28
CA LEU A 274 45.37 39.16 -0.10
C LEU A 274 46.28 39.07 1.12
N ASP A 275 45.83 39.61 2.26
CA ASP A 275 46.62 39.49 3.49
C ASP A 275 46.76 38.02 3.90
N MET A 276 45.69 37.25 3.80
CA MET A 276 45.77 35.83 4.13
C MET A 276 46.70 35.09 3.17
N LEU A 277 46.64 35.43 1.88
CA LEU A 277 47.53 34.81 0.91
C LEU A 277 48.99 35.14 1.21
N ASP A 278 49.26 36.40 1.57
CA ASP A 278 50.62 36.77 1.97
C ASP A 278 51.06 36.01 3.21
N GLY A 279 50.15 35.84 4.17
CA GLY A 279 50.48 35.09 5.37
C GLY A 279 50.82 33.63 5.08
N ILE A 280 50.05 32.98 4.21
CA ILE A 280 50.36 31.60 3.87
C ILE A 280 51.61 31.53 3.01
N ARG A 281 51.93 32.59 2.27
CA ARG A 281 53.19 32.64 1.54
C ARG A 281 54.38 32.86 2.46
N SER A 282 54.15 33.44 3.64
CA SER A 282 55.24 33.68 4.59
C SER A 282 55.79 32.39 5.18
N LYS A 283 55.07 31.28 5.04
CA LYS A 283 55.50 29.98 5.53
C LYS A 283 55.71 29.97 7.04
N GLN A 284 54.92 30.76 7.76
CA GLN A 284 54.96 30.78 9.21
C GLN A 284 53.95 29.77 9.75
N LYS A 285 53.72 29.79 11.06
CA LYS A 285 52.74 28.90 11.65
C LYS A 285 51.33 29.28 11.19
N ILE A 286 50.47 28.27 11.09
CA ILE A 286 49.18 28.46 10.45
C ILE A 286 48.14 28.99 11.44
N GLU A 287 48.12 28.45 12.65
CA GLU A 287 47.04 28.76 13.58
C GLU A 287 47.03 30.23 13.98
N ASP A 288 48.19 30.78 14.34
CA ASP A 288 48.24 32.16 14.83
C ASP A 288 47.82 33.14 13.75
N VAL A 289 48.38 32.98 12.54
CA VAL A 289 48.03 33.87 11.43
C VAL A 289 46.56 33.69 11.06
N ILE A 290 46.05 32.45 11.15
CA ILE A 290 44.66 32.18 10.83
C ILE A 290 43.74 32.93 11.79
N LEU A 291 44.05 32.88 13.09
CA LEU A 291 43.22 33.62 14.05
C LEU A 291 43.39 35.12 13.90
N LYS A 292 44.59 35.58 13.53
CA LYS A 292 44.78 37.01 13.29
C LYS A 292 43.92 37.49 12.13
N ALA A 293 43.85 36.71 11.05
CA ALA A 293 43.00 37.06 9.93
C ALA A 293 41.53 36.81 10.20
N LYS A 294 41.21 35.99 11.21
CA LYS A 294 39.83 35.65 11.53
C LYS A 294 39.22 36.58 12.58
N ILE A 295 39.94 37.62 13.01
CA ILE A 295 39.37 38.54 13.98
C ILE A 295 38.17 39.25 13.38
N PHE A 296 37.18 39.53 14.22
CA PHE A 296 35.95 40.19 13.80
C PHE A 296 36.06 41.67 14.14
N GLU A 297 36.20 42.51 13.12
CA GLU A 297 36.32 43.95 13.33
C GLU A 297 34.98 44.57 13.70
N MET B 1 -12.42 40.56 -12.30
CA MET B 1 -13.52 39.65 -12.56
C MET B 1 -13.02 38.22 -12.71
N THR B 2 -13.48 37.54 -13.77
CA THR B 2 -13.06 36.17 -14.04
C THR B 2 -11.60 36.15 -14.45
N GLN B 3 -10.74 35.61 -13.58
CA GLN B 3 -9.31 35.58 -13.87
C GLN B 3 -9.02 34.71 -15.08
N SER B 4 -8.03 35.11 -15.86
CA SER B 4 -7.66 34.41 -17.08
C SER B 4 -6.24 33.85 -16.94
N VAL B 5 -6.04 32.64 -17.46
CA VAL B 5 -4.75 31.97 -17.43
C VAL B 5 -4.17 32.00 -18.83
N SER B 6 -3.02 32.64 -18.98
CA SER B 6 -2.41 32.79 -20.29
C SER B 6 -1.78 31.47 -20.75
N LEU B 7 -1.48 31.41 -22.05
CA LEU B 7 -0.84 30.23 -22.62
C LEU B 7 0.60 30.11 -22.16
N SER B 8 1.30 31.24 -22.02
CA SER B 8 2.71 31.20 -21.66
C SER B 8 2.94 30.67 -20.25
N ASP B 9 1.93 30.71 -19.38
CA ASP B 9 2.08 30.14 -18.04
C ASP B 9 2.18 28.62 -18.06
N PHE B 10 1.91 27.98 -19.21
CA PHE B 10 2.03 26.54 -19.36
C PHE B 10 3.21 26.11 -20.21
N ILE B 11 3.59 26.91 -21.20
CA ILE B 11 4.61 26.51 -22.17
C ILE B 11 5.12 27.76 -22.87
N VAL B 12 6.43 27.82 -23.09
CA VAL B 12 7.05 28.92 -23.81
C VAL B 12 7.93 28.37 -24.91
N LYS B 13 8.17 29.21 -25.92
CA LYS B 13 9.01 28.82 -27.04
C LYS B 13 10.47 28.77 -26.61
N THR B 14 11.25 27.97 -27.33
CA THR B 14 12.67 27.82 -27.09
C THR B 14 13.37 27.77 -28.44
N GLU B 15 14.64 27.34 -28.43
CA GLU B 15 15.42 27.30 -29.66
C GLU B 15 14.78 26.37 -30.70
N ASP B 16 14.70 25.08 -30.39
CA ASP B 16 14.05 24.11 -31.26
C ASP B 16 12.80 23.52 -30.63
N GLY B 17 12.92 22.93 -29.44
CA GLY B 17 11.81 22.23 -28.80
C GLY B 17 11.22 23.04 -27.66
N TYR B 18 9.89 23.05 -27.58
CA TYR B 18 9.21 23.74 -26.50
C TYR B 18 9.57 23.12 -25.16
N MET B 19 9.61 23.95 -24.13
CA MET B 19 10.07 23.56 -22.80
C MET B 19 9.02 23.96 -21.78
N PRO B 20 8.93 23.22 -20.67
CA PRO B 20 8.03 23.66 -19.59
C PRO B 20 8.51 24.96 -18.98
N SER B 21 7.58 25.70 -18.41
CA SER B 21 7.83 27.06 -17.93
C SER B 21 7.74 27.10 -16.41
N ASP B 22 8.72 27.77 -15.79
CA ASP B 22 8.78 27.90 -14.34
C ASP B 22 8.56 29.37 -13.98
N ARG B 23 7.59 29.62 -13.12
CA ARG B 23 7.29 30.97 -12.64
C ARG B 23 7.90 31.24 -11.27
N GLU B 24 8.83 30.40 -10.82
CA GLU B 24 9.42 30.56 -9.49
C GLU B 24 10.22 31.85 -9.38
N CYS B 25 10.99 32.17 -10.42
CA CYS B 25 11.86 33.34 -10.41
C CYS B 25 11.56 34.24 -11.59
N VAL B 26 11.77 35.54 -11.39
CA VAL B 26 11.56 36.54 -12.43
C VAL B 26 12.82 37.39 -12.57
N ALA B 27 13.87 37.02 -11.85
CA ALA B 27 15.10 37.79 -11.88
C ALA B 27 15.81 37.69 -13.23
N LEU B 28 15.71 36.53 -13.88
CA LEU B 28 16.42 36.31 -15.13
C LEU B 28 15.84 37.09 -16.30
N ASP B 29 14.69 37.74 -16.12
CA ASP B 29 13.99 38.40 -17.22
C ASP B 29 14.72 39.64 -17.73
N ARG B 30 15.77 40.10 -17.04
CA ARG B 30 16.46 41.32 -17.46
C ARG B 30 17.05 41.16 -18.86
N TYR B 31 17.68 40.02 -19.14
CA TYR B 31 18.25 39.78 -20.44
C TYR B 31 17.17 39.43 -21.45
N LEU B 32 17.45 39.75 -22.72
CA LEU B 32 16.50 39.49 -23.80
C LEU B 32 17.26 39.48 -25.13
N SER B 33 16.52 39.30 -26.21
CA SER B 33 17.07 39.30 -27.55
C SER B 33 16.73 40.61 -28.26
N LYS B 34 17.41 40.83 -29.40
CA LYS B 34 17.25 42.09 -30.12
C LYS B 34 15.81 42.30 -30.57
N GLU B 35 15.24 41.31 -31.25
CA GLU B 35 13.84 41.41 -31.65
C GLU B 35 12.93 41.48 -30.43
N GLN B 36 13.25 40.71 -29.39
CA GLN B 36 12.43 40.71 -28.18
C GLN B 36 12.42 42.08 -27.53
N LYS B 37 13.60 42.71 -27.39
CA LYS B 37 13.64 44.03 -26.77
C LYS B 37 13.01 45.09 -27.66
N GLU B 38 13.17 44.99 -28.98
CA GLU B 38 12.52 45.94 -29.88
C GLU B 38 11.01 45.86 -29.75
N LEU B 39 10.46 44.64 -29.74
CA LEU B 39 9.01 44.47 -29.58
C LEU B 39 8.55 44.93 -28.21
N ARG B 40 9.34 44.68 -27.16
CA ARG B 40 8.96 45.16 -25.83
C ARG B 40 8.90 46.68 -25.79
N GLU B 41 9.90 47.34 -26.40
CA GLU B 41 9.90 48.80 -26.44
C GLU B 41 8.71 49.33 -27.22
N THR B 42 8.40 48.72 -28.37
CA THR B 42 7.25 49.17 -29.15
C THR B 42 5.95 48.97 -28.38
N PHE B 43 5.81 47.84 -27.68
CA PHE B 43 4.62 47.60 -26.89
C PHE B 43 4.47 48.61 -25.76
N LYS B 44 5.57 48.91 -25.08
CA LYS B 44 5.51 49.89 -23.99
C LYS B 44 5.31 51.32 -24.51
N ASP B 45 5.69 51.59 -25.76
CA ASP B 45 5.62 52.96 -26.28
C ASP B 45 4.17 53.47 -26.32
N GLY B 46 3.32 52.82 -27.12
CA GLY B 46 1.98 53.31 -27.31
C GLY B 46 0.98 52.18 -27.47
N LYS B 47 -0.30 52.54 -27.38
CA LYS B 47 -1.39 51.58 -27.46
C LYS B 47 -1.79 51.42 -28.92
N ASN B 48 -1.17 50.43 -29.58
CA ASN B 48 -1.43 50.15 -31.00
C ASN B 48 -1.50 48.64 -31.18
N ASP B 49 -2.71 48.09 -31.12
CA ASP B 49 -2.97 46.67 -31.38
C ASP B 49 -2.13 45.77 -30.48
N ARG B 50 -2.44 45.86 -29.18
CA ARG B 50 -1.67 45.13 -28.18
C ARG B 50 -1.75 43.62 -28.40
N SER B 51 -2.92 43.12 -28.79
CA SER B 51 -3.08 41.67 -28.95
C SER B 51 -2.20 41.14 -30.07
N ALA B 52 -2.14 41.84 -31.20
CA ALA B 52 -1.29 41.41 -32.30
C ALA B 52 0.18 41.42 -31.90
N LEU B 53 0.60 42.44 -31.17
CA LEU B 53 1.98 42.50 -30.68
C LEU B 53 2.27 41.35 -29.74
N ARG B 54 1.31 41.00 -28.87
CA ARG B 54 1.48 39.87 -27.96
C ARG B 54 1.63 38.57 -28.74
N ILE B 55 0.80 38.39 -29.76
CA ILE B 55 0.88 37.17 -30.56
C ILE B 55 2.22 37.09 -31.27
N LYS B 56 2.69 38.21 -31.81
CA LYS B 56 4.01 38.23 -32.43
C LYS B 56 5.10 37.92 -31.42
N MET B 57 4.96 38.43 -30.19
CA MET B 57 5.95 38.16 -29.15
C MET B 57 6.00 36.67 -28.83
N PHE B 58 4.84 36.01 -28.73
CA PHE B 58 4.80 34.61 -28.34
C PHE B 58 5.42 33.69 -29.40
N LEU B 59 5.55 34.16 -30.64
CA LEU B 59 6.02 33.32 -31.73
C LEU B 59 7.50 33.52 -32.03
N SER B 60 8.24 34.19 -31.15
CA SER B 60 9.67 34.35 -31.36
C SER B 60 10.44 33.46 -30.39
N PRO B 61 11.57 32.88 -30.82
CA PRO B 61 12.33 31.99 -29.94
C PRO B 61 12.96 32.71 -28.76
N SER B 62 13.65 31.96 -27.90
CA SER B 62 14.29 32.52 -26.73
C SER B 62 15.75 32.09 -26.68
N PRO B 63 16.62 32.93 -26.13
CA PRO B 63 18.04 32.58 -26.04
C PRO B 63 18.29 31.55 -24.95
N SER B 64 19.53 31.05 -24.92
CA SER B 64 19.95 30.07 -23.92
C SER B 64 20.25 30.69 -22.57
N ARG B 65 20.33 32.02 -22.49
CA ARG B 65 20.63 32.67 -21.21
C ARG B 65 19.47 32.55 -20.24
N ARG B 66 18.25 32.39 -20.74
CA ARG B 66 17.07 32.32 -19.88
C ARG B 66 16.83 30.94 -19.30
N PHE B 67 17.61 29.94 -19.70
CA PHE B 67 17.42 28.59 -19.19
C PHE B 67 17.79 28.51 -17.71
N THR B 68 16.99 27.74 -16.96
CA THR B 68 17.32 27.42 -15.57
C THR B 68 17.34 25.91 -15.39
N GLN B 69 17.47 25.45 -14.15
CA GLN B 69 17.48 24.02 -13.91
C GLN B 69 16.12 23.39 -14.17
N HIS B 70 15.05 24.00 -13.63
CA HIS B 70 13.71 23.44 -13.80
C HIS B 70 13.23 23.60 -15.24
N GLY B 71 13.37 24.80 -15.80
CA GLY B 71 12.86 25.06 -17.14
C GLY B 71 13.28 26.41 -17.69
N VAL B 72 12.34 27.11 -18.33
CA VAL B 72 12.62 28.39 -18.97
C VAL B 72 11.68 29.44 -18.38
N VAL B 73 12.23 30.61 -18.07
CA VAL B 73 11.45 31.73 -17.56
C VAL B 73 10.72 32.40 -18.72
N PRO B 74 9.43 32.71 -18.58
CA PRO B 74 8.71 33.41 -19.65
C PRO B 74 9.00 34.90 -19.61
N MET B 75 8.33 35.62 -20.50
CA MET B 75 8.45 37.07 -20.52
C MET B 75 7.55 37.70 -19.47
N ARG B 76 7.80 38.98 -19.18
CA ARG B 76 7.02 39.71 -18.20
C ARG B 76 5.73 40.30 -18.78
N GLU B 77 5.50 40.17 -20.09
CA GLU B 77 4.33 40.73 -20.73
C GLU B 77 3.25 39.71 -21.02
N ILE B 78 3.57 38.41 -21.03
CA ILE B 78 2.61 37.37 -21.37
C ILE B 78 2.46 36.41 -20.20
N LYS B 79 2.66 36.92 -18.98
CA LYS B 79 2.59 36.10 -17.78
C LYS B 79 1.59 36.71 -16.80
N THR B 80 0.76 35.86 -16.21
CA THR B 80 -0.26 36.29 -15.27
C THR B 80 0.27 36.18 -13.84
N ASN B 81 -0.59 36.45 -12.87
CA ASN B 81 -0.25 36.41 -11.45
C ASN B 81 -1.33 35.70 -10.65
N THR B 82 -1.92 34.67 -11.24
CA THR B 82 -2.94 33.87 -10.57
C THR B 82 -2.43 32.45 -10.36
N ASP B 83 -2.70 31.91 -9.17
CA ASP B 83 -2.26 30.57 -8.84
C ASP B 83 -3.24 29.53 -9.36
N ILE B 84 -2.70 28.38 -9.76
CA ILE B 84 -3.50 27.30 -10.31
C ILE B 84 -3.12 25.99 -9.63
N PRO B 85 -4.03 25.02 -9.54
CA PRO B 85 -3.68 23.74 -8.90
C PRO B 85 -2.57 23.02 -9.65
N SER B 86 -1.76 22.28 -8.89
CA SER B 86 -0.62 21.58 -9.48
C SER B 86 -1.06 20.51 -10.47
N THR B 87 -2.14 19.78 -10.15
CA THR B 87 -2.58 18.69 -11.02
C THR B 87 -2.96 19.20 -12.40
N LEU B 88 -3.69 20.31 -12.47
CA LEU B 88 -4.10 20.87 -13.75
C LEU B 88 -2.88 21.24 -14.60
N TRP B 89 -1.92 21.94 -14.00
CA TRP B 89 -0.71 22.33 -14.71
C TRP B 89 0.05 21.11 -15.20
N THR B 90 0.24 20.12 -14.34
CA THR B 90 1.00 18.93 -14.71
C THR B 90 0.33 18.20 -15.86
N LEU B 91 -0.98 18.00 -15.77
CA LEU B 91 -1.69 17.25 -16.81
C LEU B 91 -1.65 17.98 -18.14
N VAL B 92 -1.94 19.29 -18.14
CA VAL B 92 -1.99 20.04 -19.39
C VAL B 92 -0.60 20.09 -20.02
N THR B 93 0.43 20.38 -19.21
CA THR B 93 1.78 20.46 -19.75
C THR B 93 2.23 19.12 -20.30
N ASP B 94 1.95 18.03 -19.58
CA ASP B 94 2.36 16.71 -20.04
C ASP B 94 1.70 16.36 -21.37
N TRP B 95 0.39 16.56 -21.47
CA TRP B 95 -0.29 16.23 -22.73
C TRP B 95 0.21 17.10 -23.87
N LEU B 96 0.36 18.41 -23.63
CA LEU B 96 0.74 19.32 -24.69
C LEU B 96 2.16 19.02 -25.18
N LEU B 97 3.07 18.69 -24.26
CA LEU B 97 4.42 18.35 -24.67
C LEU B 97 4.47 16.99 -25.35
N ASN B 98 3.58 16.06 -24.96
CA ASN B 98 3.50 14.79 -25.68
C ASN B 98 3.03 15.01 -27.11
N LEU B 99 2.12 15.95 -27.33
CA LEU B 99 1.62 16.22 -28.68
C LEU B 99 2.69 16.86 -29.55
N LEU B 100 3.58 17.66 -28.96
CA LEU B 100 4.47 18.54 -29.71
C LEU B 100 5.78 17.87 -30.13
N GLN B 101 5.81 16.54 -30.18
CA GLN B 101 7.01 15.82 -30.63
C GLN B 101 6.96 15.52 -32.13
N ASP B 102 6.76 16.55 -32.94
CA ASP B 102 6.71 16.39 -34.39
C ASP B 102 6.83 17.75 -35.06
N GLU B 103 7.68 17.82 -36.09
CA GLU B 103 7.85 19.07 -36.82
C GLU B 103 6.56 19.45 -37.55
N GLU B 104 5.89 18.47 -38.17
CA GLU B 104 4.62 18.75 -38.85
C GLU B 104 3.56 19.21 -37.84
N ASN B 105 3.52 18.58 -36.67
CA ASN B 105 2.61 19.04 -35.62
C ASN B 105 2.98 20.43 -35.14
N GLN B 106 4.28 20.74 -35.08
CA GLN B 106 4.71 22.09 -34.75
C GLN B 106 4.17 23.11 -35.75
N GLU B 107 4.31 22.80 -37.04
CA GLU B 107 3.80 23.70 -38.08
C GLU B 107 2.29 23.83 -38.00
N MET B 108 1.59 22.73 -37.72
CA MET B 108 0.14 22.79 -37.57
C MET B 108 -0.26 23.67 -36.39
N PHE B 109 0.45 23.54 -35.27
CA PHE B 109 0.15 24.38 -34.11
C PHE B 109 0.39 25.85 -34.42
N GLU B 110 1.49 26.15 -35.11
CA GLU B 110 1.77 27.54 -35.47
C GLU B 110 0.69 28.09 -36.40
N ASP B 111 0.26 27.28 -37.38
CA ASP B 111 -0.78 27.73 -38.29
C ASP B 111 -2.08 27.99 -37.55
N PHE B 112 -2.44 27.11 -36.61
CA PHE B 112 -3.66 27.31 -35.83
C PHE B 112 -3.57 28.54 -34.96
N ILE B 113 -2.42 28.75 -34.30
CA ILE B 113 -2.26 29.89 -33.42
C ILE B 113 -2.29 31.19 -34.21
N SER B 114 -1.85 31.14 -35.48
CA SER B 114 -1.90 32.32 -36.32
C SER B 114 -3.22 32.48 -37.05
N SER B 115 -4.13 31.50 -36.95
CA SER B 115 -5.34 31.51 -37.77
C SER B 115 -6.49 32.25 -37.09
N LYS B 116 -6.92 31.79 -35.92
CA LYS B 116 -8.16 32.28 -35.33
C LYS B 116 -8.05 32.73 -33.88
N PHE B 117 -6.87 32.66 -33.28
CA PHE B 117 -6.75 33.06 -31.88
C PHE B 117 -6.84 34.57 -31.74
N PRO B 118 -7.83 35.10 -31.02
CA PRO B 118 -7.94 36.56 -30.88
C PRO B 118 -7.01 37.12 -29.81
N ASP B 119 -6.80 36.36 -28.74
CA ASP B 119 -5.91 36.78 -27.66
C ASP B 119 -5.43 35.54 -26.91
N VAL B 120 -4.29 35.68 -26.25
CA VAL B 120 -3.69 34.55 -25.55
C VAL B 120 -4.54 34.15 -24.35
N LEU B 121 -5.11 35.11 -23.65
CA LEU B 121 -5.82 34.84 -22.41
C LEU B 121 -7.03 33.94 -22.65
N ALA B 122 -7.35 33.12 -21.66
CA ALA B 122 -8.49 32.21 -21.72
C ALA B 122 -9.07 32.05 -20.33
N SER B 123 -10.37 31.72 -20.28
CA SER B 123 -11.05 31.61 -19.00
C SER B 123 -10.55 30.40 -18.22
N ALA B 124 -10.56 30.52 -16.89
CA ALA B 124 -10.05 29.45 -16.03
C ALA B 124 -11.02 28.28 -15.97
N ASP B 125 -12.32 28.57 -15.85
CA ASP B 125 -13.30 27.50 -15.72
C ASP B 125 -13.40 26.66 -16.98
N LYS B 126 -13.24 27.29 -18.15
CA LYS B 126 -13.21 26.52 -19.40
C LYS B 126 -12.05 25.53 -19.38
N LEU B 127 -10.87 25.98 -18.94
CA LEU B 127 -9.71 25.09 -18.86
C LEU B 127 -9.95 23.97 -17.86
N ALA B 128 -10.54 24.28 -16.71
CA ALA B 128 -10.82 23.24 -15.72
C ALA B 128 -11.78 22.20 -16.27
N ARG B 129 -12.85 22.64 -16.93
CA ARG B 129 -13.79 21.70 -17.51
C ARG B 129 -13.16 20.85 -18.59
N PHE B 130 -12.30 21.46 -19.42
CA PHE B 130 -11.61 20.69 -20.45
C PHE B 130 -10.69 19.64 -19.82
N ALA B 131 -9.97 20.01 -18.77
CA ALA B 131 -9.10 19.05 -18.10
C ALA B 131 -9.89 17.96 -17.40
N GLN B 132 -11.15 18.26 -17.02
CA GLN B 132 -12.00 17.23 -16.43
C GLN B 132 -12.21 16.07 -17.40
N ARG B 133 -12.34 16.37 -18.69
CA ARG B 133 -12.58 15.36 -19.71
C ARG B 133 -11.30 14.66 -20.15
N LEU B 134 -10.13 15.19 -19.78
CA LEU B 134 -8.86 14.59 -20.18
C LEU B 134 -8.26 13.69 -19.12
N GLU B 135 -8.70 13.79 -17.87
CA GLU B 135 -8.09 13.00 -16.80
C GLU B 135 -8.48 11.53 -16.90
N ASP B 136 -9.72 11.24 -17.27
CA ASP B 136 -10.20 9.87 -17.29
C ASP B 136 -9.75 9.18 -18.58
N ARG B 137 -9.47 7.88 -18.47
CA ARG B 137 -8.90 7.13 -19.58
C ARG B 137 -9.94 6.78 -20.64
N LYS B 138 -11.17 6.49 -20.25
CA LYS B 138 -12.20 6.02 -21.18
C LYS B 138 -13.00 7.21 -21.69
N ASP B 139 -12.47 7.89 -22.69
CA ASP B 139 -13.14 8.97 -23.38
C ASP B 139 -12.85 8.85 -24.87
N VAL B 140 -13.15 9.90 -25.62
CA VAL B 140 -13.02 9.87 -27.07
C VAL B 140 -11.79 10.68 -27.50
N LEU B 141 -11.36 11.62 -26.65
CA LEU B 141 -10.29 12.52 -27.03
C LEU B 141 -8.98 11.79 -27.27
N HIS B 142 -8.74 10.69 -26.55
CA HIS B 142 -7.46 9.99 -26.68
C HIS B 142 -7.29 9.41 -28.08
N LYS B 143 -8.35 8.83 -28.65
CA LYS B 143 -8.22 8.19 -29.94
C LYS B 143 -8.11 9.20 -31.08
N ASN B 144 -8.91 10.27 -31.01
CA ASN B 144 -8.95 11.28 -32.08
C ASN B 144 -8.18 12.51 -31.61
N PHE B 145 -6.96 12.67 -32.10
CA PHE B 145 -6.15 13.83 -31.73
C PHE B 145 -6.73 15.12 -32.30
N SER B 146 -7.26 15.07 -33.51
CA SER B 146 -7.77 16.28 -34.16
C SER B 146 -8.94 16.87 -33.37
N LYS B 147 -9.87 16.02 -32.94
CA LYS B 147 -11.01 16.51 -32.15
C LYS B 147 -10.55 17.10 -30.82
N ALA B 148 -9.57 16.47 -30.17
CA ALA B 148 -9.05 17.02 -28.92
C ALA B 148 -8.41 18.38 -29.15
N MET B 149 -7.67 18.53 -30.24
CA MET B 149 -7.03 19.81 -30.53
C MET B 149 -8.08 20.88 -30.81
N ASN B 150 -9.15 20.51 -31.55
CA ASN B 150 -10.25 21.44 -31.77
C ASN B 150 -10.89 21.86 -30.45
N ALA B 151 -11.10 20.91 -29.54
CA ALA B 151 -11.69 21.20 -28.25
C ALA B 151 -10.82 22.16 -27.45
N PHE B 152 -9.52 21.91 -27.43
CA PHE B 152 -8.59 22.76 -26.69
C PHE B 152 -8.57 24.16 -27.29
N GLY B 153 -8.59 24.25 -28.62
CA GLY B 153 -8.61 25.56 -29.26
C GLY B 153 -9.87 26.33 -28.95
N ALA B 154 -11.02 25.67 -29.07
CA ALA B 154 -12.29 26.33 -28.76
C ALA B 154 -12.41 26.66 -27.29
N CYS B 155 -11.62 26.01 -26.43
CA CYS B 155 -11.60 26.37 -25.02
C CYS B 155 -11.13 27.80 -24.79
N PHE B 156 -10.38 28.38 -25.74
CA PHE B 156 -9.83 29.72 -25.60
C PHE B 156 -10.43 30.68 -26.64
N TRP B 157 -11.74 30.54 -26.89
CA TRP B 157 -12.48 31.45 -27.76
C TRP B 157 -11.90 31.48 -29.17
N ALA B 158 -11.86 30.31 -29.81
CA ALA B 158 -11.39 30.21 -31.18
C ALA B 158 -12.42 29.61 -32.13
N ILE B 159 -13.11 28.56 -31.72
CA ILE B 159 -14.09 27.86 -32.56
C ILE B 159 -15.42 27.83 -31.83
N LYS B 160 -16.50 28.01 -32.57
CA LYS B 160 -17.83 27.89 -31.99
C LYS B 160 -18.03 26.45 -31.50
N PRO B 161 -18.32 26.24 -30.21
CA PRO B 161 -18.32 24.87 -29.67
C PRO B 161 -19.60 24.13 -30.02
N THR B 162 -19.44 22.92 -30.55
CA THR B 162 -20.55 22.00 -30.78
C THR B 162 -20.71 21.12 -29.54
N PHE B 163 -21.52 20.07 -29.66
CA PHE B 163 -21.70 19.16 -28.53
C PHE B 163 -20.45 18.33 -28.29
N ALA B 164 -19.86 17.79 -29.36
CA ALA B 164 -18.69 16.93 -29.21
C ALA B 164 -17.44 17.68 -28.77
N THR B 165 -17.43 19.01 -28.85
CA THR B 165 -16.27 19.80 -28.49
C THR B 165 -16.47 20.57 -27.18
N GLU B 166 -17.52 20.25 -26.42
CA GLU B 166 -17.77 20.93 -25.16
C GLU B 166 -16.88 20.36 -24.07
N GLY B 167 -17.17 20.70 -22.81
CA GLY B 167 -16.39 20.21 -21.70
C GLY B 167 -16.90 18.88 -21.19
N LYS B 168 -17.21 18.80 -19.89
CA LYS B 168 -17.78 17.62 -19.29
C LYS B 168 -19.28 17.84 -19.12
N CYS B 169 -20.09 16.95 -19.68
CA CYS B 169 -21.53 17.13 -19.70
C CYS B 169 -22.20 15.78 -19.86
N ASN B 170 -23.53 15.78 -19.71
CA ASN B 170 -24.33 14.58 -19.89
C ASN B 170 -25.72 15.01 -20.36
N VAL B 171 -26.07 14.65 -21.59
CA VAL B 171 -27.35 15.07 -22.16
C VAL B 171 -28.49 14.54 -21.31
N VAL B 172 -29.37 15.44 -20.88
CA VAL B 172 -30.49 15.06 -20.03
C VAL B 172 -31.80 14.94 -20.79
N ARG B 173 -31.92 15.56 -21.96
CA ARG B 173 -33.17 15.54 -22.73
C ARG B 173 -32.90 16.11 -24.10
N ALA B 174 -33.56 15.54 -25.11
CA ALA B 174 -33.44 16.04 -26.47
C ALA B 174 -34.82 16.31 -27.07
N THR B 175 -34.85 16.64 -28.35
CA THR B 175 -36.09 16.90 -29.08
C THR B 175 -35.76 16.86 -30.57
N ASP B 176 -36.73 17.27 -31.40
CA ASP B 176 -36.53 17.21 -32.85
C ASP B 176 -35.36 18.07 -33.29
N ASP B 177 -35.28 19.30 -32.78
CA ASP B 177 -34.18 20.20 -33.10
C ASP B 177 -33.60 20.75 -31.81
N SER B 178 -32.27 20.81 -31.75
CA SER B 178 -31.52 21.33 -30.60
C SER B 178 -31.63 20.40 -29.40
N MET B 179 -30.73 20.57 -28.43
CA MET B 179 -30.70 19.74 -27.24
C MET B 179 -30.50 20.64 -26.01
N ILE B 180 -30.69 20.05 -24.83
CA ILE B 180 -30.45 20.72 -23.56
C ILE B 180 -29.52 19.86 -22.73
N LEU B 181 -28.47 20.47 -22.17
CA LEU B 181 -27.47 19.77 -21.38
C LEU B 181 -27.42 20.34 -19.98
N GLU B 182 -26.93 19.52 -19.05
CA GLU B 182 -26.80 19.92 -17.66
C GLU B 182 -25.33 19.85 -17.25
N PHE B 183 -24.89 20.86 -16.50
CA PHE B 183 -23.54 20.91 -15.97
C PHE B 183 -23.59 20.72 -14.46
N GLN B 184 -22.42 20.45 -13.88
CA GLN B 184 -22.30 20.18 -12.46
C GLN B 184 -21.08 20.92 -11.92
N PRO B 185 -21.05 21.20 -10.62
CA PRO B 185 -19.88 21.86 -10.04
C PRO B 185 -18.62 21.03 -10.22
N VAL B 186 -17.51 21.70 -10.49
CA VAL B 186 -16.22 21.03 -10.67
C VAL B 186 -15.68 20.63 -9.31
N PRO B 187 -15.07 19.45 -9.17
CA PRO B 187 -14.58 19.01 -7.85
C PRO B 187 -13.55 19.97 -7.27
N GLU B 188 -13.27 19.79 -5.98
CA GLU B 188 -12.49 20.76 -5.22
C GLU B 188 -11.07 20.89 -5.75
N TYR B 189 -10.40 19.75 -5.97
CA TYR B 189 -8.98 19.78 -6.33
C TYR B 189 -8.73 20.20 -7.77
N PHE B 190 -9.76 20.66 -8.48
CA PHE B 190 -9.60 21.36 -9.74
C PHE B 190 -9.97 22.83 -9.67
N ARG B 191 -10.65 23.25 -8.61
CA ARG B 191 -11.22 24.60 -8.55
C ARG B 191 -10.13 25.66 -8.47
N CYS B 192 -10.32 26.74 -9.23
CA CYS B 192 -9.43 27.91 -9.18
C CYS B 192 -10.31 29.15 -9.24
N GLY B 193 -10.70 29.66 -8.07
CA GLY B 193 -11.53 30.84 -7.98
C GLY B 193 -12.85 30.55 -7.29
N ARG B 194 -13.88 31.29 -7.70
CA ARG B 194 -15.19 31.15 -7.10
C ARG B 194 -15.87 29.86 -7.59
N SER B 195 -16.93 29.48 -6.90
CA SER B 195 -17.70 28.29 -7.22
C SER B 195 -19.04 28.68 -7.85
N LYS B 196 -19.53 27.81 -8.73
CA LYS B 196 -20.80 28.02 -9.41
C LYS B 196 -21.66 26.77 -9.29
N ALA B 197 -22.97 26.98 -9.26
CA ALA B 197 -23.92 25.90 -9.05
C ALA B 197 -24.36 25.31 -10.39
N THR B 198 -25.40 24.48 -10.36
CA THR B 198 -25.91 23.84 -11.56
C THR B 198 -26.50 24.88 -12.52
N PHE B 199 -26.23 24.70 -13.81
CA PHE B 199 -26.79 25.60 -14.81
C PHE B 199 -26.79 24.88 -16.16
N TYR B 200 -27.90 25.02 -16.89
CA TYR B 200 -28.12 24.30 -18.13
C TYR B 200 -27.66 25.14 -19.31
N LYS B 201 -27.98 24.70 -20.53
CA LYS B 201 -27.62 25.40 -21.75
C LYS B 201 -28.55 24.93 -22.86
N LEU B 202 -28.25 25.34 -24.09
CA LEU B 202 -29.05 24.95 -25.26
C LEU B 202 -28.24 25.23 -26.51
N TYR B 203 -28.26 24.29 -27.45
CA TYR B 203 -27.48 24.39 -28.68
C TYR B 203 -28.39 24.15 -29.89
N PRO B 204 -28.68 25.18 -30.70
CA PRO B 204 -29.45 24.94 -31.92
C PRO B 204 -28.76 23.93 -32.82
N LEU B 205 -29.56 23.14 -33.53
CA LEU B 205 -29.02 21.96 -34.21
C LEU B 205 -28.20 22.34 -35.45
N SER B 206 -28.86 22.85 -36.49
CA SER B 206 -28.13 23.27 -37.69
C SER B 206 -28.30 24.76 -37.98
N ASP B 207 -29.52 25.21 -38.29
CA ASP B 207 -29.74 26.64 -38.56
C ASP B 207 -31.04 27.20 -38.01
N GLU B 208 -32.06 26.39 -37.79
CA GLU B 208 -33.41 26.91 -37.60
C GLU B 208 -33.67 27.25 -36.14
N GLN B 209 -34.59 28.19 -35.93
CA GLN B 209 -34.96 28.58 -34.58
C GLN B 209 -35.75 27.45 -33.91
N PRO B 210 -35.39 27.04 -32.69
CA PRO B 210 -36.14 25.99 -32.01
C PRO B 210 -37.55 26.44 -31.67
N VAL B 211 -38.46 25.45 -31.60
CA VAL B 211 -39.86 25.70 -31.29
C VAL B 211 -40.24 25.11 -29.94
N ASN B 212 -39.92 23.84 -29.71
CA ASN B 212 -40.16 23.20 -28.43
C ASN B 212 -39.00 23.35 -27.45
N GLY B 213 -37.85 23.83 -27.92
CA GLY B 213 -36.71 24.01 -27.04
C GLY B 213 -36.98 25.02 -25.95
N MET B 214 -37.68 26.11 -26.28
CA MET B 214 -38.03 27.10 -25.28
C MET B 214 -38.92 26.51 -24.20
N LEU B 215 -39.93 25.73 -24.61
CA LEU B 215 -40.81 25.09 -23.63
C LEU B 215 -40.05 24.11 -22.76
N ALA B 216 -39.17 23.31 -23.36
CA ALA B 216 -38.40 22.34 -22.58
C ALA B 216 -37.50 23.05 -21.57
N LEU B 217 -36.81 24.11 -22.01
CA LEU B 217 -35.93 24.84 -21.10
C LEU B 217 -36.72 25.52 -19.99
N LYS B 218 -37.88 26.09 -20.32
CA LYS B 218 -38.72 26.72 -19.30
C LYS B 218 -39.18 25.69 -18.28
N ALA B 219 -39.50 24.47 -18.74
CA ALA B 219 -39.82 23.40 -17.81
C ALA B 219 -38.64 23.04 -16.94
N VAL B 220 -37.43 23.05 -17.51
CA VAL B 220 -36.25 22.63 -16.77
C VAL B 220 -35.70 23.75 -15.90
N ALA B 221 -35.60 24.96 -16.45
CA ALA B 221 -34.93 26.05 -15.73
C ALA B 221 -35.66 26.39 -14.44
N GLY B 222 -36.99 26.48 -14.49
CA GLY B 222 -37.75 26.85 -13.31
C GLY B 222 -37.45 28.26 -12.86
N ASN B 223 -36.74 28.40 -11.74
CA ASN B 223 -36.30 29.68 -11.22
C ASN B 223 -34.88 29.91 -11.70
N GLN B 224 -34.74 30.67 -12.78
CA GLN B 224 -33.44 30.95 -13.39
C GLN B 224 -33.59 32.19 -14.28
N PHE B 225 -32.55 32.46 -15.07
CA PHE B 225 -32.55 33.60 -15.96
C PHE B 225 -31.96 33.19 -17.31
N PHE B 226 -32.28 33.97 -18.34
CA PHE B 226 -31.85 33.71 -19.70
C PHE B 226 -30.83 34.75 -20.13
N MET B 227 -29.98 34.38 -21.09
CA MET B 227 -28.95 35.27 -21.58
C MET B 227 -28.46 34.77 -22.93
N TYR B 228 -27.67 35.60 -23.60
CA TYR B 228 -27.12 35.28 -24.91
C TYR B 228 -25.63 35.65 -24.95
N HIS B 229 -24.89 35.21 -23.93
CA HIS B 229 -23.45 35.42 -23.92
C HIS B 229 -22.81 34.75 -25.13
N GLY B 230 -21.94 35.48 -25.82
CA GLY B 230 -21.36 34.95 -27.03
C GLY B 230 -22.39 34.79 -28.13
N HIS B 231 -22.15 33.84 -29.02
CA HIS B 231 -23.06 33.55 -30.12
C HIS B 231 -23.24 32.04 -30.25
N GLY B 232 -24.48 31.63 -30.51
CA GLY B 232 -24.79 30.22 -30.71
C GLY B 232 -25.20 29.46 -29.48
N HIS B 233 -25.50 30.15 -28.37
CA HIS B 233 -25.92 29.46 -27.15
C HIS B 233 -26.95 30.32 -26.43
N ILE B 234 -27.72 29.67 -25.56
CA ILE B 234 -28.65 30.34 -24.65
C ILE B 234 -28.33 29.82 -23.26
N ARG B 235 -27.43 30.50 -22.56
CA ARG B 235 -27.00 30.06 -21.23
C ARG B 235 -28.02 30.48 -20.18
N THR B 236 -27.98 29.80 -19.04
CA THR B 236 -28.82 30.14 -17.90
C THR B 236 -27.94 30.29 -16.67
N VAL B 237 -28.21 31.33 -15.88
CA VAL B 237 -27.43 31.60 -14.68
C VAL B 237 -28.40 31.83 -13.52
N PRO B 238 -27.95 31.59 -12.29
CA PRO B 238 -28.78 31.93 -11.13
C PRO B 238 -28.90 33.43 -10.98
N TYR B 239 -29.91 33.84 -10.19
CA TYR B 239 -30.20 35.26 -10.03
C TYR B 239 -29.05 36.01 -9.39
N HIS B 240 -28.41 35.41 -8.38
CA HIS B 240 -27.35 36.10 -7.65
C HIS B 240 -26.16 36.41 -8.55
N GLU B 241 -25.63 35.37 -9.21
CA GLU B 241 -24.41 35.54 -9.99
C GLU B 241 -24.60 36.50 -11.16
N LEU B 242 -25.85 36.70 -11.59
CA LEU B 242 -26.13 37.65 -12.66
C LEU B 242 -25.58 39.03 -12.31
N ALA B 243 -25.52 39.36 -11.01
CA ALA B 243 -24.86 40.59 -10.59
C ALA B 243 -23.50 40.75 -11.25
N ASP B 244 -22.62 39.76 -11.03
CA ASP B 244 -21.29 39.81 -11.64
C ASP B 244 -21.38 39.91 -13.15
N ALA B 245 -22.40 39.27 -13.75
CA ALA B 245 -22.54 39.32 -15.20
C ALA B 245 -22.66 40.75 -15.69
N ILE B 246 -23.32 41.61 -14.93
CA ILE B 246 -23.46 43.01 -15.33
C ILE B 246 -22.09 43.66 -15.47
N LYS B 247 -21.16 43.33 -14.56
CA LYS B 247 -19.80 43.82 -14.71
C LYS B 247 -19.18 43.33 -16.01
N SER B 248 -19.40 42.05 -16.34
CA SER B 248 -18.92 41.53 -17.62
C SER B 248 -19.58 42.22 -18.80
N TYR B 249 -20.77 42.80 -18.60
CA TYR B 249 -21.42 43.55 -19.66
C TYR B 249 -20.86 44.96 -19.82
N ALA B 250 -20.08 45.43 -18.83
CA ALA B 250 -19.51 46.77 -18.94
C ALA B 250 -18.36 46.81 -19.94
N ARG B 251 -17.52 45.77 -19.94
CA ARG B 251 -16.33 45.75 -20.79
C ARG B 251 -16.65 45.43 -22.26
N LYS B 252 -17.89 45.07 -22.57
CA LYS B 252 -18.24 44.73 -23.95
C LYS B 252 -18.12 45.94 -24.86
N ASP B 253 -17.66 45.71 -26.08
CA ASP B 253 -17.46 46.78 -27.04
C ASP B 253 -18.79 47.15 -27.71
N LYS B 254 -18.83 48.39 -28.22
CA LYS B 254 -20.03 48.87 -28.88
C LYS B 254 -20.34 48.07 -30.15
N GLU B 255 -19.30 47.78 -30.95
CA GLU B 255 -19.51 47.01 -32.17
C GLU B 255 -19.99 45.60 -31.85
N THR B 256 -19.42 44.97 -30.82
CA THR B 256 -19.86 43.63 -30.44
C THR B 256 -21.31 43.64 -29.98
N LEU B 257 -21.69 44.64 -29.17
CA LEU B 257 -23.08 44.74 -28.72
C LEU B 257 -24.01 44.97 -29.90
N GLU B 258 -23.61 45.81 -30.85
CA GLU B 258 -24.44 46.05 -32.03
C GLU B 258 -24.61 44.77 -32.85
N SER B 259 -23.53 43.99 -33.01
CA SER B 259 -23.64 42.73 -33.72
C SER B 259 -24.54 41.74 -32.99
N ILE B 260 -24.45 41.71 -31.66
CA ILE B 260 -25.30 40.82 -30.88
C ILE B 260 -26.77 41.20 -31.04
N SER B 261 -27.07 42.50 -30.99
CA SER B 261 -28.45 42.95 -31.07
C SER B 261 -29.09 42.68 -32.43
N LYS B 262 -28.27 42.43 -33.47
CA LYS B 262 -28.78 42.22 -34.82
C LYS B 262 -28.94 40.74 -35.17
N SER B 263 -29.25 39.89 -34.19
CA SER B 263 -29.41 38.46 -34.42
C SER B 263 -30.80 38.00 -34.03
N PRO B 264 -31.50 37.26 -34.89
CA PRO B 264 -32.81 36.73 -34.49
C PRO B 264 -32.75 35.79 -33.30
N LEU B 265 -31.65 35.05 -33.15
CA LEU B 265 -31.51 34.18 -31.99
C LEU B 265 -31.47 34.98 -30.69
N ALA B 266 -30.95 36.22 -30.75
CA ALA B 266 -31.01 37.10 -29.60
C ALA B 266 -32.45 37.46 -29.26
N ALA B 267 -33.28 37.67 -30.28
CA ALA B 267 -34.69 37.98 -30.04
C ALA B 267 -35.45 36.76 -29.53
N GLN B 268 -35.00 35.55 -29.89
CA GLN B 268 -35.74 34.35 -29.55
C GLN B 268 -35.66 34.00 -28.07
N CYS B 269 -34.70 34.57 -27.33
CA CYS B 269 -34.47 34.15 -25.95
C CYS B 269 -35.68 34.41 -25.07
N GLY B 270 -36.28 35.59 -25.18
CA GLY B 270 -37.42 35.91 -24.35
C GLY B 270 -37.89 37.35 -24.41
N SER B 271 -38.21 37.93 -23.25
CA SER B 271 -38.68 39.30 -23.17
C SER B 271 -37.80 40.19 -22.31
N LYS B 272 -37.41 39.73 -21.12
CA LYS B 272 -36.66 40.58 -20.20
C LYS B 272 -35.24 40.84 -20.69
N PHE B 273 -34.67 39.92 -21.48
CA PHE B 273 -33.30 40.09 -21.94
C PHE B 273 -33.17 41.30 -22.85
N LEU B 274 -34.15 41.52 -23.73
CA LEU B 274 -34.14 42.70 -24.57
C LEU B 274 -34.24 43.98 -23.74
N ASP B 275 -35.06 43.95 -22.68
CA ASP B 275 -35.14 45.11 -21.80
C ASP B 275 -33.81 45.38 -21.12
N MET B 276 -33.13 44.33 -20.67
CA MET B 276 -31.81 44.51 -20.06
C MET B 276 -30.80 45.06 -21.06
N LEU B 277 -30.85 44.56 -22.30
CA LEU B 277 -29.94 45.08 -23.33
C LEU B 277 -30.21 46.54 -23.61
N ASP B 278 -31.49 46.93 -23.68
CA ASP B 278 -31.82 48.34 -23.86
C ASP B 278 -31.33 49.18 -22.69
N GLY B 279 -31.45 48.64 -21.47
CA GLY B 279 -30.97 49.36 -20.30
C GLY B 279 -29.47 49.58 -20.33
N ILE B 280 -28.71 48.55 -20.71
CA ILE B 280 -27.26 48.72 -20.79
C ILE B 280 -26.88 49.61 -21.97
N ARG B 281 -27.73 49.65 -23.01
CA ARG B 281 -27.50 50.59 -24.10
C ARG B 281 -27.82 52.02 -23.70
N SER B 282 -28.67 52.22 -22.70
CA SER B 282 -29.02 53.56 -22.25
C SER B 282 -27.86 54.28 -21.58
N LYS B 283 -26.81 53.55 -21.21
CA LYS B 283 -25.60 54.13 -20.59
C LYS B 283 -25.93 54.84 -19.27
N GLN B 284 -26.93 54.35 -18.55
CA GLN B 284 -27.28 54.88 -17.25
C GLN B 284 -26.50 54.11 -16.17
N LYS B 285 -26.85 54.34 -14.91
CA LYS B 285 -26.20 53.62 -13.82
C LYS B 285 -26.59 52.14 -13.87
N ILE B 286 -25.65 51.29 -13.44
CA ILE B 286 -25.81 49.85 -13.64
C ILE B 286 -26.62 49.21 -12.52
N GLU B 287 -26.39 49.63 -11.28
CA GLU B 287 -26.98 48.93 -10.13
C GLU B 287 -28.50 49.04 -10.12
N ASP B 288 -29.02 50.26 -10.31
CA ASP B 288 -30.47 50.47 -10.20
C ASP B 288 -31.21 49.73 -11.30
N VAL B 289 -30.73 49.84 -12.54
CA VAL B 289 -31.37 49.14 -13.66
C VAL B 289 -31.24 47.63 -13.47
N ILE B 290 -30.10 47.18 -12.93
CA ILE B 290 -29.89 45.76 -12.71
C ILE B 290 -30.91 45.22 -11.71
N LEU B 291 -31.13 45.95 -10.60
CA LEU B 291 -32.12 45.51 -9.63
C LEU B 291 -33.54 45.62 -10.18
N LYS B 292 -33.80 46.62 -11.03
CA LYS B 292 -35.13 46.72 -11.66
C LYS B 292 -35.40 45.51 -12.54
N ALA B 293 -34.40 45.09 -13.32
CA ALA B 293 -34.56 43.91 -14.16
C ALA B 293 -34.49 42.61 -13.37
N LYS B 294 -33.97 42.66 -12.14
CA LYS B 294 -33.82 41.48 -11.31
C LYS B 294 -35.00 41.26 -10.37
N ILE B 295 -36.05 42.08 -10.46
CA ILE B 295 -37.21 41.89 -9.60
C ILE B 295 -37.88 40.55 -9.93
N PHE B 296 -38.42 39.91 -8.90
CA PHE B 296 -39.06 38.61 -9.03
C PHE B 296 -40.58 38.83 -9.11
N GLU B 297 -41.15 38.62 -10.29
CA GLU B 297 -42.58 38.82 -10.48
C GLU B 297 -43.38 37.68 -9.84
N MET C 1 -37.66 -15.76 -16.83
CA MET C 1 -36.81 -16.90 -16.48
C MET C 1 -35.34 -16.48 -16.44
N THR C 2 -34.50 -17.27 -17.09
CA THR C 2 -33.07 -16.98 -17.15
C THR C 2 -32.83 -15.75 -18.01
N GLN C 3 -32.43 -14.64 -17.37
CA GLN C 3 -32.22 -13.40 -18.10
C GLN C 3 -31.07 -13.55 -19.09
N SER C 4 -31.20 -12.88 -20.24
CA SER C 4 -30.22 -12.94 -21.31
C SER C 4 -29.58 -11.58 -21.51
N VAL C 5 -28.28 -11.57 -21.77
CA VAL C 5 -27.51 -10.35 -21.99
C VAL C 5 -27.18 -10.28 -23.47
N SER C 6 -27.67 -9.24 -24.14
CA SER C 6 -27.46 -9.10 -25.57
C SER C 6 -26.02 -8.69 -25.89
N LEU C 7 -25.66 -8.86 -27.16
CA LEU C 7 -24.33 -8.47 -27.60
C LEU C 7 -24.18 -6.95 -27.63
N SER C 8 -25.24 -6.24 -28.02
CA SER C 8 -25.17 -4.78 -28.14
C SER C 8 -24.93 -4.10 -26.81
N ASP C 9 -25.28 -4.74 -25.69
CA ASP C 9 -25.01 -4.14 -24.39
C ASP C 9 -23.52 -4.09 -24.07
N PHE C 10 -22.68 -4.77 -24.86
CA PHE C 10 -21.23 -4.73 -24.69
C PHE C 10 -20.52 -3.90 -25.76
N ILE C 11 -21.04 -3.86 -26.97
CA ILE C 11 -20.35 -3.22 -28.09
C ILE C 11 -21.37 -2.98 -29.19
N VAL C 12 -21.27 -1.82 -29.84
CA VAL C 12 -22.12 -1.47 -30.96
C VAL C 12 -21.26 -1.03 -32.14
N LYS C 13 -21.83 -1.14 -33.33
CA LYS C 13 -21.13 -0.73 -34.54
C LYS C 13 -21.05 0.80 -34.62
N THR C 14 -20.05 1.28 -35.36
CA THR C 14 -19.85 2.70 -35.58
C THR C 14 -19.43 2.88 -37.03
N GLU C 15 -18.91 4.07 -37.34
CA GLU C 15 -18.53 4.38 -38.72
C GLU C 15 -17.45 3.43 -39.23
N ASP C 16 -16.27 3.46 -38.62
CA ASP C 16 -15.19 2.55 -38.97
C ASP C 16 -14.85 1.60 -37.83
N GLY C 17 -14.53 2.12 -36.65
CA GLY C 17 -14.09 1.30 -35.54
C GLY C 17 -15.18 1.15 -34.49
N TYR C 18 -15.30 -0.08 -33.98
CA TYR C 18 -16.28 -0.36 -32.93
C TYR C 18 -15.96 0.44 -31.67
N MET C 19 -17.00 0.83 -30.95
CA MET C 19 -16.88 1.71 -29.81
C MET C 19 -17.59 1.08 -28.61
N PRO C 20 -17.15 1.36 -27.40
CA PRO C 20 -17.89 0.89 -26.22
C PRO C 20 -19.25 1.56 -26.14
N SER C 21 -20.19 0.87 -25.49
CA SER C 21 -21.58 1.28 -25.46
C SER C 21 -21.97 1.73 -24.06
N ASP C 22 -22.64 2.87 -23.98
CA ASP C 22 -23.11 3.43 -22.72
C ASP C 22 -24.63 3.35 -22.66
N ARG C 23 -25.15 2.68 -21.63
CA ARG C 23 -26.57 2.58 -21.41
C ARG C 23 -27.09 3.61 -20.41
N GLU C 24 -26.28 4.62 -20.10
CA GLU C 24 -26.67 5.62 -19.10
C GLU C 24 -27.88 6.42 -19.57
N CYS C 25 -27.90 6.82 -20.84
CA CYS C 25 -28.94 7.67 -21.37
C CYS C 25 -29.60 7.02 -22.58
N VAL C 26 -30.89 7.31 -22.76
CA VAL C 26 -31.65 6.80 -23.89
C VAL C 26 -32.36 7.91 -24.67
N ALA C 27 -32.13 9.18 -24.33
CA ALA C 27 -32.82 10.26 -25.02
C ALA C 27 -32.31 10.45 -26.44
N LEU C 28 -31.04 10.13 -26.70
CA LEU C 28 -30.46 10.34 -28.01
C LEU C 28 -30.99 9.39 -29.07
N ASP C 29 -31.75 8.37 -28.68
CA ASP C 29 -32.21 7.35 -29.61
C ASP C 29 -33.23 7.86 -30.62
N ARG C 30 -33.74 9.09 -30.45
CA ARG C 30 -34.78 9.60 -31.35
C ARG C 30 -34.27 9.67 -32.78
N TYR C 31 -33.05 10.16 -32.98
CA TYR C 31 -32.48 10.25 -34.32
C TYR C 31 -32.00 8.89 -34.79
N LEU C 32 -32.01 8.70 -36.11
CA LEU C 32 -31.61 7.43 -36.71
C LEU C 32 -31.25 7.69 -38.16
N SER C 33 -30.81 6.63 -38.85
CA SER C 33 -30.48 6.68 -40.26
C SER C 33 -31.63 6.13 -41.10
N LYS C 34 -31.53 6.38 -42.42
CA LYS C 34 -32.62 5.99 -43.31
C LYS C 34 -32.84 4.49 -43.31
N GLU C 35 -31.77 3.71 -43.50
CA GLU C 35 -31.91 2.26 -43.42
C GLU C 35 -32.32 1.83 -42.02
N GLN C 36 -31.78 2.48 -41.00
CA GLN C 36 -32.13 2.13 -39.63
C GLN C 36 -33.61 2.35 -39.35
N LYS C 37 -34.15 3.50 -39.76
CA LYS C 37 -35.57 3.76 -39.52
C LYS C 37 -36.45 2.86 -40.38
N GLU C 38 -36.03 2.56 -41.62
CA GLU C 38 -36.82 1.64 -42.44
C GLU C 38 -36.90 0.27 -41.81
N LEU C 39 -35.76 -0.25 -41.33
CA LEU C 39 -35.75 -1.55 -40.66
C LEU C 39 -36.54 -1.52 -39.37
N ARG C 40 -36.47 -0.42 -38.61
CA ARG C 40 -37.26 -0.31 -37.38
C ARG C 40 -38.76 -0.35 -37.70
N GLU C 41 -39.17 0.37 -38.74
CA GLU C 41 -40.58 0.38 -39.13
C GLU C 41 -41.03 -1.01 -39.57
N THR C 42 -40.20 -1.70 -40.37
CA THR C 42 -40.57 -3.05 -40.80
C THR C 42 -40.65 -4.00 -39.62
N PHE C 43 -39.72 -3.90 -38.67
CA PHE C 43 -39.76 -4.76 -37.49
C PHE C 43 -41.01 -4.50 -36.66
N LYS C 44 -41.37 -3.23 -36.47
CA LYS C 44 -42.56 -2.91 -35.70
C LYS C 44 -43.85 -3.26 -36.44
N ASP C 45 -43.80 -3.35 -37.77
CA ASP C 45 -45.02 -3.58 -38.55
C ASP C 45 -45.63 -4.94 -38.23
N GLY C 46 -44.90 -6.03 -38.51
CA GLY C 46 -45.45 -7.36 -38.38
C GLY C 46 -44.40 -8.34 -37.92
N LYS C 47 -44.87 -9.52 -37.49
CA LYS C 47 -44.02 -10.58 -36.97
C LYS C 47 -43.55 -11.44 -38.13
N ASN C 48 -42.40 -11.10 -38.70
CA ASN C 48 -41.83 -11.83 -39.83
C ASN C 48 -40.32 -11.96 -39.62
N ASP C 49 -39.92 -13.08 -39.02
CA ASP C 49 -38.51 -13.43 -38.83
C ASP C 49 -37.77 -12.32 -38.07
N ARG C 50 -38.17 -12.16 -36.80
CA ARG C 50 -37.62 -11.10 -35.97
C ARG C 50 -36.11 -11.25 -35.79
N SER C 51 -35.63 -12.49 -35.63
CA SER C 51 -34.21 -12.71 -35.38
C SER C 51 -33.36 -12.27 -36.57
N ALA C 52 -33.79 -12.60 -37.79
CA ALA C 52 -33.04 -12.19 -38.96
C ALA C 52 -33.01 -10.67 -39.09
N LEU C 53 -34.14 -10.02 -38.81
CA LEU C 53 -34.19 -8.56 -38.84
C LEU C 53 -33.26 -7.96 -37.79
N ARG C 54 -33.20 -8.57 -36.61
CA ARG C 54 -32.29 -8.09 -35.57
C ARG C 54 -30.84 -8.22 -36.01
N ILE C 55 -30.48 -9.36 -36.61
CA ILE C 55 -29.12 -9.55 -37.09
C ILE C 55 -28.78 -8.53 -38.16
N LYS C 56 -29.73 -8.27 -39.07
CA LYS C 56 -29.50 -7.26 -40.09
C LYS C 56 -29.33 -5.87 -39.46
N MET C 57 -30.10 -5.58 -38.42
CA MET C 57 -29.98 -4.30 -37.73
C MET C 57 -28.60 -4.14 -37.10
N PHE C 58 -28.09 -5.20 -36.46
CA PHE C 58 -26.82 -5.11 -35.77
C PHE C 58 -25.64 -4.90 -36.71
N LEU C 59 -25.80 -5.19 -38.00
CA LEU C 59 -24.70 -5.13 -38.95
C LEU C 59 -24.70 -3.84 -39.77
N SER C 60 -25.49 -2.84 -39.37
CA SER C 60 -25.48 -1.56 -40.07
C SER C 60 -24.77 -0.50 -39.23
N PRO C 61 -24.01 0.39 -39.86
CA PRO C 61 -23.28 1.40 -39.08
C PRO C 61 -24.19 2.40 -38.40
N SER C 62 -23.59 3.34 -37.66
CA SER C 62 -24.35 4.35 -36.94
C SER C 62 -23.82 5.74 -37.28
N PRO C 63 -24.67 6.75 -37.26
CA PRO C 63 -24.23 8.11 -37.57
C PRO C 63 -23.46 8.73 -36.41
N SER C 64 -22.88 9.89 -36.67
CA SER C 64 -22.12 10.62 -35.67
C SER C 64 -23.00 11.37 -34.69
N ARG C 65 -24.30 11.48 -34.96
CA ARG C 65 -25.19 12.20 -34.05
C ARG C 65 -25.40 11.44 -32.75
N ARG C 66 -25.23 10.12 -32.76
CA ARG C 66 -25.46 9.32 -31.56
C ARG C 66 -24.27 9.28 -30.62
N PHE C 67 -23.14 9.88 -31.01
CA PHE C 67 -21.96 9.87 -30.16
C PHE C 67 -22.19 10.71 -28.91
N THR C 68 -21.67 10.23 -27.78
CA THR C 68 -21.65 11.02 -26.55
C THR C 68 -20.22 11.08 -26.02
N GLN C 69 -20.04 11.63 -24.83
CA GLN C 69 -18.70 11.72 -24.26
C GLN C 69 -18.15 10.34 -23.90
N HIS C 70 -18.95 9.53 -23.20
CA HIS C 70 -18.48 8.22 -22.79
C HIS C 70 -18.35 7.27 -23.97
N GLY C 71 -19.37 7.21 -24.82
CA GLY C 71 -19.37 6.28 -25.93
C GLY C 71 -20.52 6.48 -26.89
N VAL C 72 -21.14 5.39 -27.34
CA VAL C 72 -22.22 5.42 -28.31
C VAL C 72 -23.45 4.76 -27.72
N VAL C 73 -24.60 5.39 -27.90
CA VAL C 73 -25.87 4.84 -27.44
C VAL C 73 -26.32 3.74 -28.41
N PRO C 74 -26.78 2.59 -27.91
CA PRO C 74 -27.28 1.55 -28.82
C PRO C 74 -28.71 1.80 -29.26
N MET C 75 -29.28 0.88 -30.03
CA MET C 75 -30.66 1.00 -30.44
C MET C 75 -31.59 0.52 -29.33
N ARG C 76 -32.86 0.86 -29.47
CA ARG C 76 -33.87 0.47 -28.49
C ARG C 76 -34.42 -0.93 -28.72
N GLU C 77 -34.01 -1.60 -29.80
CA GLU C 77 -34.51 -2.93 -30.11
C GLU C 77 -33.54 -4.05 -29.78
N ILE C 78 -32.26 -3.74 -29.60
CA ILE C 78 -31.26 -4.78 -29.34
C ILE C 78 -30.60 -4.51 -27.99
N LYS C 79 -31.33 -3.91 -27.07
CA LYS C 79 -30.82 -3.57 -25.74
C LYS C 79 -31.72 -4.17 -24.68
N THR C 80 -31.10 -4.75 -23.66
CA THR C 80 -31.81 -5.37 -22.55
C THR C 80 -31.98 -4.39 -21.40
N ASN C 81 -32.53 -4.87 -20.30
CA ASN C 81 -32.77 -4.05 -19.11
C ASN C 81 -32.36 -4.80 -17.85
N THR C 82 -31.28 -5.58 -17.94
CA THR C 82 -30.74 -6.31 -16.80
C THR C 82 -29.38 -5.76 -16.43
N ASP C 83 -29.15 -5.58 -15.13
CA ASP C 83 -27.88 -5.06 -14.66
C ASP C 83 -26.83 -6.16 -14.57
N ILE C 84 -25.59 -5.80 -14.83
CA ILE C 84 -24.48 -6.75 -14.81
C ILE C 84 -23.33 -6.16 -14.00
N PRO C 85 -22.48 -6.98 -13.38
CA PRO C 85 -21.37 -6.44 -12.61
C PRO C 85 -20.39 -5.66 -13.48
N SER C 86 -19.78 -4.64 -12.88
CA SER C 86 -18.88 -3.77 -13.63
C SER C 86 -17.65 -4.53 -14.13
N THR C 87 -17.11 -5.44 -13.31
CA THR C 87 -15.89 -6.15 -13.69
C THR C 87 -16.10 -6.98 -14.94
N LEU C 88 -17.23 -7.68 -15.03
CA LEU C 88 -17.52 -8.50 -16.20
C LEU C 88 -17.58 -7.66 -17.46
N TRP C 89 -18.31 -6.55 -17.40
CA TRP C 89 -18.43 -5.66 -18.56
C TRP C 89 -17.07 -5.11 -18.97
N THR C 90 -16.29 -4.63 -17.99
CA THR C 90 -14.99 -4.06 -18.30
C THR C 90 -14.08 -5.08 -18.97
N LEU C 91 -14.00 -6.29 -18.39
CA LEU C 91 -13.11 -7.30 -18.93
C LEU C 91 -13.52 -7.72 -20.33
N VAL C 92 -14.81 -7.99 -20.54
CA VAL C 92 -15.26 -8.45 -21.85
C VAL C 92 -15.06 -7.36 -22.90
N THR C 93 -15.44 -6.13 -22.57
CA THR C 93 -15.27 -5.04 -23.53
C THR C 93 -13.80 -4.82 -23.86
N ASP C 94 -12.93 -4.84 -22.85
CA ASP C 94 -11.51 -4.62 -23.08
C ASP C 94 -10.93 -5.69 -23.99
N TRP C 95 -11.21 -6.96 -23.70
CA TRP C 95 -10.67 -8.02 -24.55
C TRP C 95 -11.21 -7.94 -25.96
N LEU C 96 -12.53 -7.73 -26.10
CA LEU C 96 -13.14 -7.72 -27.42
C LEU C 96 -12.63 -6.56 -28.26
N LEU C 97 -12.43 -5.40 -27.65
CA LEU C 97 -11.90 -4.27 -28.39
C LEU C 97 -10.42 -4.46 -28.70
N ASN C 98 -9.69 -5.16 -27.83
CA ASN C 98 -8.29 -5.47 -28.13
C ASN C 98 -8.19 -6.39 -29.34
N LEU C 99 -9.13 -7.33 -29.48
CA LEU C 99 -9.09 -8.25 -30.61
C LEU C 99 -9.46 -7.55 -31.91
N LEU C 100 -10.29 -6.51 -31.84
CA LEU C 100 -10.91 -5.92 -33.02
C LEU C 100 -10.05 -4.85 -33.69
N GLN C 101 -8.75 -4.84 -33.44
CA GLN C 101 -7.86 -3.86 -34.07
C GLN C 101 -7.23 -4.44 -35.33
N ASP C 102 -8.08 -4.86 -36.26
CA ASP C 102 -7.63 -5.42 -37.53
C ASP C 102 -8.77 -5.53 -38.53
N GLU C 103 -8.53 -5.10 -39.76
CA GLU C 103 -9.56 -5.21 -40.80
C GLU C 103 -9.87 -6.67 -41.12
N GLU C 104 -8.84 -7.51 -41.21
CA GLU C 104 -9.05 -8.93 -41.46
C GLU C 104 -9.82 -9.58 -40.31
N ASN C 105 -9.48 -9.22 -39.07
CA ASN C 105 -10.24 -9.71 -37.93
C ASN C 105 -11.68 -9.19 -37.95
N GLN C 106 -11.88 -7.96 -38.41
CA GLN C 106 -13.23 -7.44 -38.56
C GLN C 106 -14.03 -8.28 -39.56
N GLU C 107 -13.42 -8.60 -40.69
CA GLU C 107 -14.10 -9.43 -41.69
C GLU C 107 -14.38 -10.83 -41.13
N MET C 108 -13.43 -11.39 -40.37
CA MET C 108 -13.65 -12.69 -39.76
C MET C 108 -14.81 -12.65 -38.78
N PHE C 109 -14.89 -11.59 -37.96
CA PHE C 109 -15.98 -11.46 -37.01
C PHE C 109 -17.32 -11.36 -37.73
N GLU C 110 -17.38 -10.55 -38.80
CA GLU C 110 -18.62 -10.43 -39.55
C GLU C 110 -19.02 -11.76 -40.18
N ASP C 111 -18.06 -12.49 -40.74
CA ASP C 111 -18.36 -13.80 -41.32
C ASP C 111 -18.88 -14.76 -40.28
N PHE C 112 -18.28 -14.77 -39.09
CA PHE C 112 -18.75 -15.64 -38.02
C PHE C 112 -20.15 -15.26 -37.56
N ILE C 113 -20.40 -13.96 -37.39
CA ILE C 113 -21.70 -13.50 -36.92
C ILE C 113 -22.78 -13.80 -37.95
N SER C 114 -22.41 -13.82 -39.23
CA SER C 114 -23.37 -14.15 -40.28
C SER C 114 -23.47 -15.65 -40.54
N SER C 115 -22.62 -16.47 -39.90
CA SER C 115 -22.55 -17.88 -40.24
C SER C 115 -23.53 -18.73 -39.43
N LYS C 116 -23.40 -18.73 -38.10
CA LYS C 116 -24.10 -19.69 -37.27
C LYS C 116 -24.84 -19.08 -36.08
N PHE C 117 -24.82 -17.77 -35.92
CA PHE C 117 -25.50 -17.17 -34.78
C PHE C 117 -27.01 -17.19 -35.00
N PRO C 118 -27.78 -17.88 -34.15
CA PRO C 118 -29.23 -17.90 -34.33
C PRO C 118 -29.92 -16.66 -33.79
N ASP C 119 -29.41 -16.12 -32.69
CA ASP C 119 -29.98 -14.92 -32.11
C ASP C 119 -28.91 -14.23 -31.27
N VAL C 120 -29.08 -12.92 -31.08
CA VAL C 120 -28.10 -12.14 -30.35
C VAL C 120 -28.05 -12.53 -28.88
N LEU C 121 -29.21 -12.81 -28.29
CA LEU C 121 -29.28 -13.05 -26.86
C LEU C 121 -28.47 -14.28 -26.46
N ALA C 122 -27.90 -14.22 -25.26
CA ALA C 122 -27.11 -15.32 -24.73
C ALA C 122 -27.31 -15.39 -23.21
N SER C 123 -27.12 -16.58 -22.65
CA SER C 123 -27.34 -16.77 -21.23
C SER C 123 -26.30 -16.04 -20.40
N ALA C 124 -26.71 -15.56 -19.23
CA ALA C 124 -25.81 -14.78 -18.38
C ALA C 124 -24.77 -15.68 -17.71
N ASP C 125 -25.19 -16.85 -17.23
CA ASP C 125 -24.26 -17.74 -16.54
C ASP C 125 -23.17 -18.24 -17.48
N LYS C 126 -23.50 -18.43 -18.76
CA LYS C 126 -22.48 -18.80 -19.72
C LYS C 126 -21.41 -17.71 -19.83
N LEU C 127 -21.83 -16.46 -19.89
CA LEU C 127 -20.87 -15.35 -19.93
C LEU C 127 -20.04 -15.30 -18.65
N ALA C 128 -20.67 -15.50 -17.49
CA ALA C 128 -19.94 -15.47 -16.24
C ALA C 128 -18.87 -16.56 -16.20
N ARG C 129 -19.24 -17.79 -16.59
CA ARG C 129 -18.29 -18.88 -16.59
C ARG C 129 -17.16 -18.65 -17.60
N PHE C 130 -17.50 -18.10 -18.77
CA PHE C 130 -16.46 -17.82 -19.75
C PHE C 130 -15.49 -16.76 -19.24
N ALA C 131 -16.00 -15.72 -18.59
CA ALA C 131 -15.12 -14.69 -18.04
C ALA C 131 -14.32 -15.21 -16.86
N GLN C 132 -14.82 -16.25 -16.19
CA GLN C 132 -14.04 -16.87 -15.12
C GLN C 132 -12.73 -17.42 -15.65
N ARG C 133 -12.73 -17.96 -16.87
CA ARG C 133 -11.55 -18.53 -17.48
C ARG C 133 -10.65 -17.48 -18.15
N LEU C 134 -11.15 -16.25 -18.31
CA LEU C 134 -10.38 -15.20 -18.98
C LEU C 134 -9.67 -14.28 -17.99
N GLU C 135 -10.11 -14.25 -16.73
CA GLU C 135 -9.53 -13.32 -15.77
C GLU C 135 -8.11 -13.73 -15.36
N ASP C 136 -7.85 -15.02 -15.22
CA ASP C 136 -6.54 -15.49 -14.76
C ASP C 136 -5.55 -15.51 -15.91
N ARG C 137 -4.29 -15.20 -15.59
CA ARG C 137 -3.27 -15.06 -16.61
C ARG C 137 -2.79 -16.39 -17.17
N LYS C 138 -2.69 -17.43 -16.31
CA LYS C 138 -2.11 -18.71 -16.71
C LYS C 138 -3.23 -19.64 -17.19
N ASP C 139 -3.60 -19.46 -18.46
CA ASP C 139 -4.57 -20.34 -19.12
C ASP C 139 -4.10 -20.56 -20.55
N VAL C 140 -4.97 -21.11 -21.39
CA VAL C 140 -4.61 -21.48 -22.75
C VAL C 140 -5.18 -20.47 -23.73
N LEU C 141 -6.25 -19.78 -23.33
CA LEU C 141 -6.95 -18.90 -24.25
C LEU C 141 -6.07 -17.74 -24.73
N HIS C 142 -5.15 -17.27 -23.89
CA HIS C 142 -4.33 -16.13 -24.25
C HIS C 142 -3.44 -16.44 -25.46
N LYS C 143 -2.83 -17.63 -25.47
CA LYS C 143 -1.91 -17.96 -26.55
C LYS C 143 -2.63 -18.25 -27.85
N ASN C 144 -3.74 -18.98 -27.78
CA ASN C 144 -4.49 -19.39 -28.97
C ASN C 144 -5.73 -18.49 -29.10
N PHE C 145 -5.66 -17.52 -30.00
CA PHE C 145 -6.80 -16.62 -30.19
C PHE C 145 -7.98 -17.33 -30.83
N SER C 146 -7.70 -18.25 -31.77
CA SER C 146 -8.77 -18.94 -32.48
C SER C 146 -9.63 -19.78 -31.53
N LYS C 147 -8.99 -20.52 -30.63
CA LYS C 147 -9.74 -21.33 -29.67
C LYS C 147 -10.56 -20.46 -28.73
N ALA C 148 -10.01 -19.32 -28.30
CA ALA C 148 -10.76 -18.40 -27.47
C ALA C 148 -11.98 -17.87 -28.21
N MET C 149 -11.82 -17.56 -29.50
CA MET C 149 -12.95 -17.04 -30.26
C MET C 149 -14.01 -18.13 -30.44
N ASN C 150 -13.59 -19.38 -30.68
CA ASN C 150 -14.55 -20.48 -30.73
C ASN C 150 -15.29 -20.62 -29.41
N ALA C 151 -14.58 -20.51 -28.28
CA ALA C 151 -15.21 -20.62 -26.97
C ALA C 151 -16.23 -19.53 -26.75
N PHE C 152 -15.87 -18.29 -27.12
CA PHE C 152 -16.79 -17.16 -26.97
C PHE C 152 -18.01 -17.36 -27.84
N GLY C 153 -17.82 -17.85 -29.07
CA GLY C 153 -18.96 -18.09 -29.94
C GLY C 153 -19.89 -19.16 -29.40
N ALA C 154 -19.32 -20.28 -28.97
CA ALA C 154 -20.11 -21.35 -28.39
C ALA C 154 -20.78 -20.92 -27.09
N CYS C 155 -20.26 -19.88 -26.44
CA CYS C 155 -20.91 -19.33 -25.26
C CYS C 155 -22.30 -18.79 -25.57
N PHE C 156 -22.58 -18.46 -26.82
CA PHE C 156 -23.86 -17.88 -27.22
C PHE C 156 -24.59 -18.78 -28.22
N TRP C 157 -24.50 -20.11 -28.03
CA TRP C 157 -25.23 -21.09 -28.81
C TRP C 157 -24.88 -20.99 -30.30
N ALA C 158 -23.60 -21.21 -30.60
CA ALA C 158 -23.13 -21.19 -31.99
C ALA C 158 -22.61 -22.53 -32.48
N ILE C 159 -21.79 -23.22 -31.68
CA ILE C 159 -21.24 -24.50 -32.07
C ILE C 159 -21.31 -25.46 -30.88
N LYS C 160 -21.25 -26.74 -31.17
CA LYS C 160 -21.29 -27.74 -30.12
C LYS C 160 -20.04 -27.64 -29.25
N PRO C 161 -20.19 -27.46 -27.93
CA PRO C 161 -19.02 -27.26 -27.07
C PRO C 161 -18.32 -28.58 -26.74
N THR C 162 -17.02 -28.61 -26.97
CA THR C 162 -16.19 -29.74 -26.57
C THR C 162 -15.63 -29.47 -25.18
N PHE C 163 -14.67 -30.30 -24.75
CA PHE C 163 -14.06 -30.10 -23.43
C PHE C 163 -13.20 -28.85 -23.41
N ALA C 164 -12.37 -28.66 -24.45
CA ALA C 164 -11.47 -27.52 -24.49
C ALA C 164 -12.18 -26.19 -24.70
N THR C 165 -13.45 -26.20 -25.11
CA THR C 165 -14.21 -24.98 -25.34
C THR C 165 -15.25 -24.72 -24.27
N GLU C 166 -15.21 -25.45 -23.15
CA GLU C 166 -16.17 -25.25 -22.08
C GLU C 166 -15.78 -24.04 -21.25
N GLY C 167 -16.43 -23.88 -20.09
CA GLY C 167 -16.14 -22.78 -19.21
C GLY C 167 -15.00 -23.09 -18.25
N LYS C 168 -15.25 -22.94 -16.95
CA LYS C 168 -14.28 -23.27 -15.92
C LYS C 168 -14.66 -24.61 -15.32
N CYS C 169 -13.74 -25.58 -15.35
CA CYS C 169 -14.03 -26.93 -14.94
C CYS C 169 -12.74 -27.62 -14.54
N ASN C 170 -12.89 -28.82 -13.96
CA ASN C 170 -11.75 -29.64 -13.57
C ASN C 170 -12.18 -31.10 -13.64
N VAL C 171 -11.58 -31.85 -14.55
CA VAL C 171 -11.98 -33.24 -14.75
C VAL C 171 -11.74 -34.03 -13.47
N VAL C 172 -12.79 -34.71 -13.01
CA VAL C 172 -12.71 -35.46 -11.76
C VAL C 172 -12.54 -36.96 -11.99
N ARG C 173 -12.89 -37.48 -13.17
CA ARG C 173 -12.80 -38.91 -13.45
C ARG C 173 -13.03 -39.13 -14.94
N ALA C 174 -12.29 -40.09 -15.50
CA ALA C 174 -12.46 -40.44 -16.91
C ALA C 174 -12.71 -41.93 -17.05
N THR C 175 -12.75 -42.42 -18.28
CA THR C 175 -12.93 -43.82 -18.59
C THR C 175 -12.54 -44.03 -20.06
N ASP C 176 -12.83 -45.22 -20.59
CA ASP C 176 -12.42 -45.53 -21.96
C ASP C 176 -13.06 -44.58 -22.96
N ASP C 177 -14.35 -44.32 -22.81
CA ASP C 177 -15.08 -43.41 -23.69
C ASP C 177 -15.85 -42.42 -22.84
N SER C 178 -15.80 -41.14 -23.24
CA SER C 178 -16.49 -40.04 -22.57
C SER C 178 -15.88 -39.73 -21.20
N MET C 179 -16.18 -38.55 -20.67
CA MET C 179 -15.65 -38.12 -19.38
C MET C 179 -16.77 -37.51 -18.55
N ILE C 180 -16.48 -37.28 -17.27
CA ILE C 180 -17.41 -36.63 -16.36
C ILE C 180 -16.68 -35.47 -15.70
N LEU C 181 -17.32 -34.29 -15.69
CA LEU C 181 -16.73 -33.09 -15.13
C LEU C 181 -17.59 -32.55 -13.99
N GLU C 182 -16.96 -31.78 -13.12
CA GLU C 182 -17.65 -31.17 -11.98
C GLU C 182 -17.55 -29.65 -12.09
N PHE C 183 -18.65 -28.98 -11.80
CA PHE C 183 -18.71 -27.53 -11.77
C PHE C 183 -18.87 -27.06 -10.34
N GLN C 184 -18.64 -25.76 -10.13
CA GLN C 184 -18.69 -25.16 -8.81
C GLN C 184 -19.42 -23.83 -8.89
N PRO C 185 -19.99 -23.35 -7.79
CA PRO C 185 -20.66 -22.05 -7.81
C PRO C 185 -19.69 -20.93 -8.19
N VAL C 186 -20.20 -19.99 -8.97
CA VAL C 186 -19.40 -18.84 -9.40
C VAL C 186 -19.25 -17.86 -8.24
N PRO C 187 -18.09 -17.25 -8.03
CA PRO C 187 -17.92 -16.33 -6.89
C PRO C 187 -18.90 -15.16 -6.94
N GLU C 188 -18.99 -14.45 -5.80
CA GLU C 188 -20.04 -13.47 -5.60
C GLU C 188 -19.92 -12.31 -6.59
N TYR C 189 -18.72 -11.76 -6.74
CA TYR C 189 -18.54 -10.56 -7.54
C TYR C 189 -18.60 -10.81 -9.04
N PHE C 190 -18.98 -12.02 -9.46
CA PHE C 190 -19.36 -12.29 -10.83
C PHE C 190 -20.84 -12.62 -11.00
N ARG C 191 -21.54 -12.89 -9.91
CA ARG C 191 -22.91 -13.40 -9.98
C ARG C 191 -23.86 -12.35 -10.53
N CYS C 192 -24.76 -12.78 -11.41
CA CYS C 192 -25.83 -11.93 -11.95
C CYS C 192 -27.10 -12.77 -12.01
N GLY C 193 -27.89 -12.74 -10.93
CA GLY C 193 -29.13 -13.47 -10.85
C GLY C 193 -29.10 -14.48 -9.72
N ARG C 194 -29.81 -15.58 -9.92
CA ARG C 194 -29.93 -16.63 -8.92
C ARG C 194 -28.63 -17.43 -8.83
N SER C 195 -28.51 -18.19 -7.75
CA SER C 195 -27.35 -19.03 -7.50
C SER C 195 -27.69 -20.50 -7.73
N LYS C 196 -26.70 -21.26 -8.15
CA LYS C 196 -26.84 -22.68 -8.41
C LYS C 196 -25.74 -23.46 -7.70
N ALA C 197 -26.06 -24.68 -7.30
CA ALA C 197 -25.14 -25.51 -6.53
C ALA C 197 -24.31 -26.38 -7.47
N THR C 198 -23.58 -27.34 -6.89
CA THR C 198 -22.74 -28.23 -7.67
C THR C 198 -23.58 -29.11 -8.58
N PHE C 199 -23.11 -29.31 -9.82
CA PHE C 199 -23.79 -30.17 -10.76
C PHE C 199 -22.80 -30.64 -11.82
N TYR C 200 -22.87 -31.92 -12.14
CA TYR C 200 -21.90 -32.56 -13.03
C TYR C 200 -22.42 -32.53 -14.47
N LYS C 201 -21.74 -33.25 -15.36
CA LYS C 201 -22.12 -33.33 -16.77
C LYS C 201 -21.47 -34.59 -17.36
N LEU C 202 -21.58 -34.73 -18.68
CA LEU C 202 -21.01 -35.87 -19.38
C LEU C 202 -20.93 -35.54 -20.86
N TYR C 203 -19.81 -35.89 -21.49
CA TYR C 203 -19.57 -35.58 -22.90
C TYR C 203 -19.14 -36.84 -23.64
N PRO C 204 -19.97 -37.39 -24.52
CA PRO C 204 -19.54 -38.54 -25.33
C PRO C 204 -18.30 -38.20 -26.13
N LEU C 205 -17.44 -39.19 -26.33
CA LEU C 205 -16.09 -38.93 -26.84
C LEU C 205 -16.11 -38.58 -28.33
N SER C 206 -16.43 -39.56 -29.18
CA SER C 206 -16.51 -39.29 -30.62
C SER C 206 -17.89 -39.54 -31.19
N ASP C 207 -18.37 -40.79 -31.18
CA ASP C 207 -19.72 -41.08 -31.69
C ASP C 207 -20.50 -42.11 -30.90
N GLU C 208 -19.85 -43.00 -30.16
CA GLU C 208 -20.51 -44.21 -29.66
C GLU C 208 -21.19 -43.95 -28.33
N GLN C 209 -22.23 -44.73 -28.05
CA GLN C 209 -22.93 -44.62 -26.79
C GLN C 209 -22.06 -45.13 -25.65
N PRO C 210 -21.91 -44.38 -24.56
CA PRO C 210 -21.09 -44.85 -23.44
C PRO C 210 -21.72 -46.06 -22.77
N VAL C 211 -20.87 -46.89 -22.17
CA VAL C 211 -21.29 -48.10 -21.47
C VAL C 211 -21.06 -48.00 -19.98
N ASN C 212 -19.85 -47.62 -19.56
CA ASN C 212 -19.54 -47.42 -18.16
C ASN C 212 -19.81 -45.98 -17.69
N GLY C 213 -20.07 -45.07 -18.62
CA GLY C 213 -20.35 -43.69 -18.24
C GLY C 213 -21.60 -43.57 -17.39
N MET C 214 -22.64 -44.34 -17.73
CA MET C 214 -23.86 -44.32 -16.94
C MET C 214 -23.60 -44.79 -15.52
N LEU C 215 -22.83 -45.87 -15.36
CA LEU C 215 -22.52 -46.37 -14.03
C LEU C 215 -21.69 -45.35 -13.25
N ALA C 216 -20.70 -44.74 -13.89
CA ALA C 216 -19.87 -43.75 -13.21
C ALA C 216 -20.70 -42.55 -12.76
N LEU C 217 -21.57 -42.05 -13.64
CA LEU C 217 -22.41 -40.91 -13.29
C LEU C 217 -23.39 -41.27 -12.17
N LYS C 218 -23.98 -42.47 -12.22
CA LYS C 218 -24.88 -42.91 -11.16
C LYS C 218 -24.15 -42.99 -9.83
N ALA C 219 -22.90 -43.45 -9.85
CA ALA C 219 -22.10 -43.45 -8.63
C ALA C 219 -21.84 -42.02 -8.15
N VAL C 220 -21.61 -41.10 -9.08
CA VAL C 220 -21.26 -39.73 -8.70
C VAL C 220 -22.50 -38.93 -8.35
N ALA C 221 -23.55 -39.02 -9.18
CA ALA C 221 -24.71 -38.15 -8.99
C ALA C 221 -25.39 -38.39 -7.66
N GLY C 222 -25.58 -39.65 -7.28
CA GLY C 222 -26.27 -39.96 -6.05
C GLY C 222 -27.72 -39.52 -6.08
N ASN C 223 -28.03 -38.46 -5.32
CA ASN C 223 -29.37 -37.87 -5.30
C ASN C 223 -29.36 -36.70 -6.28
N GLN C 224 -29.84 -36.93 -7.49
CA GLN C 224 -29.87 -35.92 -8.54
C GLN C 224 -30.89 -36.35 -9.59
N PHE C 225 -30.88 -35.66 -10.72
CA PHE C 225 -31.79 -35.95 -11.81
C PHE C 225 -31.04 -35.87 -13.14
N PHE C 226 -31.59 -36.53 -14.16
CA PHE C 226 -30.99 -36.57 -15.48
C PHE C 226 -31.83 -35.77 -16.46
N MET C 227 -31.17 -35.30 -17.53
CA MET C 227 -31.84 -34.49 -18.54
C MET C 227 -31.02 -34.50 -19.80
N TYR C 228 -31.61 -33.99 -20.88
CA TYR C 228 -30.95 -33.92 -22.18
C TYR C 228 -31.18 -32.53 -22.80
N HIS C 229 -30.92 -31.49 -22.02
CA HIS C 229 -31.01 -30.13 -22.53
C HIS C 229 -30.03 -29.94 -23.69
N GLY C 230 -30.52 -29.37 -24.79
CA GLY C 230 -29.68 -29.24 -25.95
C GLY C 230 -29.36 -30.58 -26.58
N HIS C 231 -28.21 -30.65 -27.24
CA HIS C 231 -27.75 -31.88 -27.87
C HIS C 231 -26.27 -32.10 -27.56
N GLY C 232 -25.90 -33.35 -27.30
CA GLY C 232 -24.53 -33.70 -27.04
C GLY C 232 -24.10 -33.67 -25.59
N HIS C 233 -25.04 -33.57 -24.65
CA HIS C 233 -24.70 -33.55 -23.24
C HIS C 233 -25.77 -34.28 -22.45
N ILE C 234 -25.40 -34.70 -21.24
CA ILE C 234 -26.35 -35.26 -20.27
C ILE C 234 -26.12 -34.49 -18.97
N ARG C 235 -26.87 -33.40 -18.80
CA ARG C 235 -26.70 -32.56 -17.62
C ARG C 235 -27.44 -33.16 -16.42
N THR C 236 -27.03 -32.73 -15.23
CA THR C 236 -27.68 -33.13 -13.99
C THR C 236 -28.02 -31.88 -13.19
N VAL C 237 -29.24 -31.86 -12.65
CA VAL C 237 -29.71 -30.71 -11.87
C VAL C 237 -30.28 -31.22 -10.56
N PRO C 238 -30.28 -30.39 -9.52
CA PRO C 238 -30.94 -30.77 -8.26
C PRO C 238 -32.45 -30.82 -8.44
N TYR C 239 -33.10 -31.50 -7.49
CA TYR C 239 -34.54 -31.71 -7.59
C TYR C 239 -35.31 -30.40 -7.56
N HIS C 240 -34.90 -29.46 -6.71
CA HIS C 240 -35.65 -28.21 -6.56
C HIS C 240 -35.64 -27.40 -7.85
N GLU C 241 -34.44 -27.13 -8.37
CA GLU C 241 -34.31 -26.26 -9.55
C GLU C 241 -35.00 -26.84 -10.77
N LEU C 242 -35.20 -28.16 -10.80
CA LEU C 242 -35.92 -28.78 -11.90
C LEU C 242 -37.28 -28.15 -12.10
N ALA C 243 -37.89 -27.64 -11.02
CA ALA C 243 -39.13 -26.89 -11.14
C ALA C 243 -39.02 -25.82 -12.22
N ASP C 244 -38.04 -24.93 -12.08
CA ASP C 244 -37.83 -23.89 -13.08
C ASP C 244 -37.59 -24.49 -14.46
N ALA C 245 -36.93 -25.65 -14.53
CA ALA C 245 -36.66 -26.28 -15.80
C ALA C 245 -37.95 -26.55 -16.57
N ILE C 246 -39.01 -26.92 -15.85
CA ILE C 246 -40.29 -27.18 -16.51
C ILE C 246 -40.76 -25.93 -17.25
N LYS C 247 -40.57 -24.76 -16.64
CA LYS C 247 -40.90 -23.52 -17.34
C LYS C 247 -40.08 -23.39 -18.62
N SER C 248 -38.79 -23.71 -18.55
CA SER C 248 -37.96 -23.69 -19.75
C SER C 248 -38.42 -24.71 -20.77
N TYR C 249 -39.14 -25.76 -20.34
CA TYR C 249 -39.67 -26.73 -21.27
C TYR C 249 -40.96 -26.24 -21.93
N ALA C 250 -41.57 -25.19 -21.40
CA ALA C 250 -42.80 -24.68 -22.01
C ALA C 250 -42.53 -23.95 -23.31
N ARG C 251 -41.44 -23.17 -23.36
CA ARG C 251 -41.14 -22.36 -24.53
C ARG C 251 -40.53 -23.15 -25.67
N LYS C 252 -40.21 -24.42 -25.47
CA LYS C 252 -39.60 -25.22 -26.52
C LYS C 252 -40.55 -25.42 -27.69
N ASP C 253 -40.01 -25.40 -28.90
CA ASP C 253 -40.81 -25.55 -30.10
C ASP C 253 -41.14 -27.01 -30.35
N LYS C 254 -42.22 -27.23 -31.10
CA LYS C 254 -42.65 -28.59 -31.43
C LYS C 254 -41.62 -29.30 -32.29
N GLU C 255 -41.07 -28.61 -33.29
CA GLU C 255 -40.06 -29.22 -34.15
C GLU C 255 -38.81 -29.57 -33.36
N THR C 256 -38.38 -28.68 -32.46
CA THR C 256 -37.20 -28.97 -31.65
C THR C 256 -37.44 -30.17 -30.74
N LEU C 257 -38.62 -30.25 -30.13
CA LEU C 257 -38.94 -31.40 -29.28
C LEU C 257 -38.97 -32.69 -30.09
N GLU C 258 -39.54 -32.64 -31.30
CA GLU C 258 -39.57 -33.82 -32.15
C GLU C 258 -38.16 -34.27 -32.53
N SER C 259 -37.28 -33.31 -32.85
CA SER C 259 -35.90 -33.65 -33.18
C SER C 259 -35.19 -34.24 -31.96
N ILE C 260 -35.44 -33.70 -30.77
CA ILE C 260 -34.83 -34.24 -29.56
C ILE C 260 -35.28 -35.67 -29.31
N SER C 261 -36.59 -35.93 -29.49
CA SER C 261 -37.12 -37.25 -29.20
C SER C 261 -36.61 -38.32 -30.17
N LYS C 262 -36.07 -37.92 -31.32
CA LYS C 262 -35.60 -38.85 -32.33
C LYS C 262 -34.10 -39.13 -32.25
N SER C 263 -33.52 -39.10 -31.04
CA SER C 263 -32.10 -39.32 -30.87
C SER C 263 -31.86 -40.50 -29.93
N PRO C 264 -31.01 -41.45 -30.31
CA PRO C 264 -30.68 -42.55 -29.39
C PRO C 264 -30.04 -42.08 -28.09
N LEU C 265 -29.25 -41.00 -28.14
CA LEU C 265 -28.66 -40.47 -26.92
C LEU C 265 -29.73 -39.99 -25.95
N ALA C 266 -30.87 -39.52 -26.46
CA ALA C 266 -32.00 -39.18 -25.60
C ALA C 266 -32.55 -40.42 -24.90
N ALA C 267 -32.60 -41.55 -25.62
CA ALA C 267 -33.07 -42.78 -25.00
C ALA C 267 -32.07 -43.33 -24.00
N GLN C 268 -30.78 -43.02 -24.18
CA GLN C 268 -29.74 -43.61 -23.33
C GLN C 268 -29.73 -43.01 -21.92
N CYS C 269 -30.37 -41.86 -21.71
CA CYS C 269 -30.24 -41.17 -20.42
C CYS C 269 -30.80 -42.01 -19.28
N GLY C 270 -31.97 -42.61 -19.46
CA GLY C 270 -32.56 -43.39 -18.40
C GLY C 270 -33.98 -43.85 -18.64
N SER C 271 -34.83 -43.75 -17.62
CA SER C 271 -36.22 -44.17 -17.71
C SER C 271 -37.21 -43.04 -17.45
N LYS C 272 -36.99 -42.27 -16.37
CA LYS C 272 -37.96 -41.24 -15.99
C LYS C 272 -37.98 -40.09 -16.97
N PHE C 273 -36.87 -39.82 -17.65
CA PHE C 273 -36.80 -38.69 -18.57
C PHE C 273 -37.77 -38.87 -19.74
N LEU C 274 -37.86 -40.10 -20.26
CA LEU C 274 -38.83 -40.37 -21.33
C LEU C 274 -40.26 -40.18 -20.84
N ASP C 275 -40.54 -40.59 -19.60
CA ASP C 275 -41.87 -40.37 -19.04
C ASP C 275 -42.17 -38.88 -18.92
N MET C 276 -41.19 -38.08 -18.49
CA MET C 276 -41.40 -36.64 -18.40
C MET C 276 -41.62 -36.03 -19.78
N LEU C 277 -40.86 -36.49 -20.78
CA LEU C 277 -41.05 -36.00 -22.15
C LEU C 277 -42.44 -36.34 -22.67
N ASP C 278 -42.91 -37.56 -22.39
CA ASP C 278 -44.26 -37.93 -22.80
C ASP C 278 -45.30 -37.08 -22.08
N GLY C 279 -45.06 -36.77 -20.80
CA GLY C 279 -45.98 -35.92 -20.07
C GLY C 279 -46.07 -34.51 -20.65
N ILE C 280 -44.91 -33.93 -21.00
CA ILE C 280 -44.94 -32.60 -21.60
C ILE C 280 -45.51 -32.66 -23.01
N ARG C 281 -45.39 -33.80 -23.69
CA ARG C 281 -46.04 -33.95 -24.99
C ARG C 281 -47.54 -34.11 -24.86
N SER C 282 -48.02 -34.57 -23.70
CA SER C 282 -49.46 -34.74 -23.50
C SER C 282 -50.21 -33.42 -23.45
N LYS C 283 -49.50 -32.30 -23.29
CA LYS C 283 -50.10 -30.97 -23.25
C LYS C 283 -51.10 -30.82 -22.12
N GLN C 284 -50.88 -31.51 -21.01
CA GLN C 284 -51.72 -31.38 -19.83
C GLN C 284 -51.16 -30.29 -18.93
N LYS C 285 -51.69 -30.18 -17.71
CA LYS C 285 -51.16 -29.21 -16.77
C LYS C 285 -49.76 -29.58 -16.34
N ILE C 286 -48.95 -28.57 -16.06
CA ILE C 286 -47.51 -28.78 -15.87
C ILE C 286 -47.21 -29.16 -14.42
N GLU C 287 -47.87 -28.51 -13.46
CA GLU C 287 -47.48 -28.67 -12.05
C GLU C 287 -47.73 -30.09 -11.55
N ASP C 288 -48.92 -30.64 -11.82
CA ASP C 288 -49.26 -31.96 -11.29
C ASP C 288 -48.35 -33.04 -11.86
N VAL C 289 -48.14 -33.03 -13.18
CA VAL C 289 -47.27 -34.00 -13.81
C VAL C 289 -45.83 -33.80 -13.32
N ILE C 290 -45.45 -32.55 -13.07
CA ILE C 290 -44.09 -32.26 -12.59
C ILE C 290 -43.88 -32.91 -11.22
N LEU C 291 -44.83 -32.74 -10.31
CA LEU C 291 -44.70 -33.37 -9.00
C LEU C 291 -44.81 -34.89 -9.08
N LYS C 292 -45.63 -35.40 -10.01
CA LYS C 292 -45.70 -36.85 -10.19
C LYS C 292 -44.36 -37.42 -10.63
N ALA C 293 -43.68 -36.75 -11.55
CA ALA C 293 -42.35 -37.19 -11.98
C ALA C 293 -41.28 -36.86 -10.96
N LYS C 294 -41.56 -35.96 -10.03
CA LYS C 294 -40.59 -35.54 -9.03
C LYS C 294 -40.69 -36.33 -7.73
N ILE C 295 -41.55 -37.35 -7.67
CA ILE C 295 -41.65 -38.15 -6.46
C ILE C 295 -40.34 -38.88 -6.21
N PHE C 296 -39.99 -39.04 -4.94
CA PHE C 296 -38.76 -39.69 -4.53
C PHE C 296 -39.08 -41.13 -4.15
N GLU C 297 -38.66 -42.08 -4.98
CA GLU C 297 -38.92 -43.48 -4.73
C GLU C 297 -38.03 -44.02 -3.61
N MET D 1 15.89 -41.20 0.94
CA MET D 1 16.98 -40.29 1.25
C MET D 1 16.70 -38.89 0.71
N THR D 2 17.68 -38.32 0.01
CA THR D 2 17.54 -37.00 -0.59
C THR D 2 16.54 -37.07 -1.75
N GLN D 3 15.37 -36.46 -1.56
CA GLN D 3 14.35 -36.52 -2.59
C GLN D 3 14.81 -35.78 -3.85
N SER D 4 14.40 -36.30 -5.00
CA SER D 4 14.79 -35.74 -6.28
C SER D 4 13.56 -35.20 -7.01
N VAL D 5 13.72 -34.06 -7.69
CA VAL D 5 12.65 -33.42 -8.44
C VAL D 5 12.95 -33.63 -9.92
N SER D 6 12.04 -34.31 -10.60
CA SER D 6 12.24 -34.61 -12.01
C SER D 6 12.05 -33.36 -12.88
N LEU D 7 12.51 -33.46 -14.12
CA LEU D 7 12.34 -32.35 -15.06
C LEU D 7 10.89 -32.22 -15.51
N SER D 8 10.20 -33.35 -15.68
CA SER D 8 8.82 -33.31 -16.18
C SER D 8 7.86 -32.64 -15.20
N ASP D 9 8.21 -32.58 -13.91
CA ASP D 9 7.37 -31.88 -12.95
C ASP D 9 7.35 -30.38 -13.18
N PHE D 10 8.24 -29.86 -14.03
CA PHE D 10 8.27 -28.44 -14.37
C PHE D 10 7.77 -28.14 -15.76
N ILE D 11 7.98 -29.05 -16.72
CA ILE D 11 7.69 -28.77 -18.12
C ILE D 11 7.62 -30.11 -18.84
N VAL D 12 6.65 -30.23 -19.76
CA VAL D 12 6.51 -31.42 -20.58
C VAL D 12 6.41 -31.01 -22.04
N LYS D 13 6.73 -31.96 -22.91
CA LYS D 13 6.67 -31.72 -24.35
C LYS D 13 5.22 -31.65 -24.82
N THR D 14 5.00 -30.96 -25.93
CA THR D 14 3.69 -30.83 -26.53
C THR D 14 3.86 -30.94 -28.05
N GLU D 15 2.83 -30.55 -28.79
CA GLU D 15 2.87 -30.66 -30.24
C GLU D 15 4.00 -29.82 -30.83
N ASP D 16 3.92 -28.50 -30.67
CA ASP D 16 4.99 -27.62 -31.12
C ASP D 16 5.70 -26.92 -29.97
N GLY D 17 4.96 -26.23 -29.11
CA GLY D 17 5.56 -25.44 -28.05
C GLY D 17 5.38 -26.09 -26.69
N TYR D 18 6.43 -26.05 -25.88
CA TYR D 18 6.37 -26.61 -24.54
C TYR D 18 5.35 -25.86 -23.70
N MET D 19 4.71 -26.59 -22.78
CA MET D 19 3.62 -26.07 -21.99
C MET D 19 3.89 -26.34 -20.51
N PRO D 20 3.39 -25.49 -19.63
CA PRO D 20 3.51 -25.79 -18.19
C PRO D 20 2.73 -27.03 -17.83
N SER D 21 3.16 -27.69 -16.76
CA SER D 21 2.64 -28.99 -16.36
C SER D 21 1.87 -28.89 -15.06
N ASP D 22 0.69 -29.50 -15.02
CA ASP D 22 -0.17 -29.49 -13.85
C ASP D 22 -0.23 -30.90 -13.28
N ARG D 23 0.09 -31.05 -12.00
CA ARG D 23 0.02 -32.32 -11.30
C ARG D 23 -1.26 -32.47 -10.49
N GLU D 24 -2.26 -31.61 -10.71
CA GLU D 24 -3.48 -31.65 -9.93
C GLU D 24 -4.25 -32.95 -10.16
N CYS D 25 -4.32 -33.40 -11.41
CA CYS D 25 -5.09 -34.59 -11.77
C CYS D 25 -4.21 -35.60 -12.48
N VAL D 26 -4.54 -36.87 -12.29
CA VAL D 26 -3.81 -37.97 -12.94
C VAL D 26 -4.81 -38.86 -13.66
N ALA D 27 -6.07 -38.46 -13.68
CA ALA D 27 -7.10 -39.26 -14.33
C ALA D 27 -6.93 -39.32 -15.83
N LEU D 28 -6.45 -38.23 -16.45
CA LEU D 28 -6.35 -38.16 -17.90
C LEU D 28 -5.23 -39.05 -18.45
N ASP D 29 -4.39 -39.64 -17.59
CA ASP D 29 -3.22 -40.39 -18.05
C ASP D 29 -3.58 -41.69 -18.75
N ARG D 30 -4.85 -42.11 -18.72
CA ARG D 30 -5.22 -43.38 -19.33
C ARG D 30 -4.93 -43.40 -20.83
N TYR D 31 -5.26 -42.31 -21.52
CA TYR D 31 -5.01 -42.24 -22.96
C TYR D 31 -3.53 -41.95 -23.22
N LEU D 32 -3.06 -42.41 -24.37
CA LEU D 32 -1.66 -42.24 -24.76
C LEU D 32 -1.55 -42.40 -26.27
N SER D 33 -0.33 -42.28 -26.77
CA SER D 33 -0.04 -42.43 -28.19
C SER D 33 0.60 -43.80 -28.46
N LYS D 34 0.66 -44.16 -29.75
CA LYS D 34 1.14 -45.48 -30.12
C LYS D 34 2.59 -45.70 -29.68
N GLU D 35 3.47 -44.76 -30.03
CA GLU D 35 4.85 -44.86 -29.56
C GLU D 35 4.93 -44.77 -28.04
N GLN D 36 4.10 -43.90 -27.44
CA GLN D 36 4.10 -43.75 -26.00
C GLN D 36 3.72 -45.06 -25.31
N LYS D 37 2.64 -45.69 -25.78
CA LYS D 37 2.21 -46.94 -25.16
C LYS D 37 3.20 -48.08 -25.42
N GLU D 38 3.80 -48.11 -26.61
CA GLU D 38 4.82 -49.14 -26.89
C GLU D 38 6.01 -48.99 -25.94
N LEU D 39 6.50 -47.75 -25.76
CA LEU D 39 7.60 -47.54 -24.84
C LEU D 39 7.21 -47.83 -23.40
N ARG D 40 5.98 -47.49 -23.00
CA ARG D 40 5.53 -47.82 -21.66
C ARG D 40 5.51 -49.33 -21.43
N GLU D 41 5.00 -50.08 -22.41
CA GLU D 41 4.98 -51.54 -22.30
C GLU D 41 6.39 -52.11 -22.22
N THR D 42 7.30 -51.60 -23.06
CA THR D 42 8.68 -52.10 -23.01
C THR D 42 9.33 -51.78 -21.67
N PHE D 43 9.10 -50.58 -21.14
CA PHE D 43 9.65 -50.22 -19.84
C PHE D 43 9.11 -51.10 -18.73
N LYS D 44 7.80 -51.38 -18.75
CA LYS D 44 7.21 -52.23 -17.73
C LYS D 44 7.63 -53.69 -17.88
N ASP D 45 8.01 -54.11 -19.09
CA ASP D 45 8.33 -55.51 -19.35
C ASP D 45 9.53 -56.00 -18.54
N GLY D 46 10.70 -55.41 -18.79
CA GLY D 46 11.93 -55.88 -18.16
C GLY D 46 12.86 -54.73 -17.85
N LYS D 47 13.86 -55.04 -17.02
CA LYS D 47 14.85 -54.07 -16.56
C LYS D 47 15.99 -54.03 -17.58
N ASN D 48 15.88 -53.13 -18.56
CA ASN D 48 16.89 -53.00 -19.61
C ASN D 48 17.10 -51.51 -19.87
N ASP D 49 18.09 -50.91 -19.21
CA ASP D 49 18.50 -49.53 -19.42
C ASP D 49 17.31 -48.57 -19.23
N ARG D 50 16.84 -48.53 -17.98
CA ARG D 50 15.67 -47.71 -17.66
C ARG D 50 15.91 -46.24 -17.96
N SER D 51 17.11 -45.73 -17.67
CA SER D 51 17.37 -44.31 -17.86
C SER D 51 17.29 -43.91 -19.33
N ALA D 52 17.85 -44.73 -20.22
CA ALA D 52 17.79 -44.44 -21.65
C ALA D 52 16.34 -44.45 -22.14
N LEU D 53 15.54 -45.41 -21.67
CA LEU D 53 14.14 -45.46 -22.04
C LEU D 53 13.41 -44.23 -21.54
N ARG D 54 13.73 -43.77 -20.32
CA ARG D 54 13.11 -42.56 -19.78
C ARG D 54 13.46 -41.34 -20.63
N ILE D 55 14.72 -41.22 -21.03
CA ILE D 55 15.14 -40.10 -21.87
C ILE D 55 14.43 -40.14 -23.21
N LYS D 56 14.28 -41.34 -23.79
CA LYS D 56 13.55 -41.47 -25.03
C LYS D 56 12.09 -41.08 -24.85
N MET D 57 11.50 -41.46 -23.71
CA MET D 57 10.11 -41.10 -23.43
C MET D 57 9.93 -39.59 -23.35
N PHE D 58 10.85 -38.91 -22.68
CA PHE D 58 10.72 -37.48 -22.49
C PHE D 58 10.83 -36.69 -23.78
N LEU D 59 11.39 -37.28 -24.84
CA LEU D 59 11.62 -36.58 -26.09
C LEU D 59 10.56 -36.85 -27.14
N SER D 60 9.43 -37.45 -26.76
CA SER D 60 8.36 -37.68 -27.71
C SER D 60 7.20 -36.72 -27.43
N PRO D 61 6.54 -36.22 -28.47
CA PRO D 61 5.44 -35.25 -28.26
C PRO D 61 4.24 -35.87 -27.57
N SER D 62 3.22 -35.07 -27.32
CA SER D 62 2.01 -35.53 -26.66
C SER D 62 0.79 -35.14 -27.47
N PRO D 63 -0.27 -35.94 -27.41
CA PRO D 63 -1.49 -35.63 -28.17
C PRO D 63 -2.27 -34.50 -27.51
N SER D 64 -3.30 -34.04 -28.24
CA SER D 64 -4.17 -32.98 -27.74
C SER D 64 -5.20 -33.47 -26.73
N ARG D 65 -5.35 -34.78 -26.58
CA ARG D 65 -6.33 -35.31 -25.62
C ARG D 65 -5.89 -35.06 -24.19
N ARG D 66 -4.60 -34.90 -23.94
CA ARG D 66 -4.10 -34.71 -22.58
C ARG D 66 -4.19 -33.27 -22.11
N PHE D 67 -4.59 -32.34 -22.98
CA PHE D 67 -4.67 -30.95 -22.59
C PHE D 67 -5.79 -30.72 -21.58
N THR D 68 -5.52 -29.85 -20.60
CA THR D 68 -6.56 -29.41 -19.67
C THR D 68 -6.63 -27.89 -19.68
N GLN D 69 -7.41 -27.31 -18.78
CA GLN D 69 -7.51 -25.85 -18.74
C GLN D 69 -6.21 -25.22 -18.26
N HIS D 70 -5.65 -25.73 -17.16
CA HIS D 70 -4.42 -25.15 -16.62
C HIS D 70 -3.23 -25.43 -17.52
N GLY D 71 -3.07 -26.68 -17.94
CA GLY D 71 -1.91 -27.07 -18.73
C GLY D 71 -2.00 -28.47 -19.27
N VAL D 72 -0.88 -29.22 -19.20
CA VAL D 72 -0.80 -30.56 -19.75
C VAL D 72 -0.38 -31.51 -18.64
N VAL D 73 -1.05 -32.65 -18.57
CA VAL D 73 -0.73 -33.70 -17.60
C VAL D 73 0.51 -34.46 -18.08
N PRO D 74 1.48 -34.73 -17.22
CA PRO D 74 2.65 -35.50 -17.63
C PRO D 74 2.35 -36.99 -17.60
N MET D 75 3.37 -37.79 -17.89
CA MET D 75 3.24 -39.24 -17.84
C MET D 75 3.39 -39.72 -16.40
N ARG D 76 2.99 -40.98 -16.18
CA ARG D 76 3.07 -41.57 -14.85
C ARG D 76 4.44 -42.16 -14.55
N GLU D 77 5.35 -42.17 -15.51
CA GLU D 77 6.67 -42.75 -15.32
C GLU D 77 7.77 -41.73 -15.06
N ILE D 78 7.54 -40.46 -15.38
CA ILE D 78 8.57 -39.43 -15.23
C ILE D 78 8.07 -38.36 -14.28
N LYS D 79 7.23 -38.73 -13.32
CA LYS D 79 6.64 -37.80 -12.38
C LYS D 79 6.90 -38.28 -10.96
N THR D 80 7.27 -37.36 -10.09
CA THR D 80 7.57 -37.66 -8.70
C THR D 80 6.34 -37.41 -7.84
N ASN D 81 6.51 -37.55 -6.52
CA ASN D 81 5.43 -37.36 -5.56
C ASN D 81 5.90 -36.54 -4.37
N THR D 82 6.77 -35.55 -4.63
CA THR D 82 7.27 -34.67 -3.60
C THR D 82 6.78 -33.25 -3.85
N ASP D 83 6.35 -32.59 -2.79
CA ASP D 83 5.84 -31.23 -2.88
C ASP D 83 6.98 -30.22 -2.88
N ILE D 84 6.78 -29.13 -3.62
CA ILE D 84 7.80 -28.09 -3.75
C ILE D 84 7.14 -26.73 -3.53
N PRO D 85 7.87 -25.73 -3.05
CA PRO D 85 7.27 -24.41 -2.85
C PRO D 85 6.79 -23.80 -4.16
N SER D 86 5.72 -23.01 -4.06
CA SER D 86 5.12 -22.41 -5.25
C SER D 86 6.08 -21.44 -5.94
N THR D 87 6.81 -20.64 -5.15
CA THR D 87 7.69 -19.63 -5.73
C THR D 87 8.77 -20.27 -6.60
N LEU D 88 9.37 -21.36 -6.14
CA LEU D 88 10.41 -22.04 -6.91
C LEU D 88 9.86 -22.53 -8.25
N TRP D 89 8.70 -23.19 -8.22
CA TRP D 89 8.08 -23.69 -9.44
C TRP D 89 7.77 -22.55 -10.39
N THR D 90 7.16 -21.49 -9.89
CA THR D 90 6.77 -20.37 -10.74
C THR D 90 7.99 -19.74 -11.39
N LEU D 91 9.04 -19.48 -10.61
CA LEU D 91 10.23 -18.83 -11.15
C LEU D 91 10.91 -19.69 -12.19
N VAL D 92 11.11 -20.98 -11.89
CA VAL D 92 11.82 -21.85 -12.82
C VAL D 92 11.02 -22.01 -14.11
N THR D 93 9.71 -22.25 -13.98
CA THR D 93 8.88 -22.43 -15.17
C THR D 93 8.86 -21.16 -16.01
N ASP D 94 8.73 -20.00 -15.37
CA ASP D 94 8.68 -18.74 -16.12
C ASP D 94 9.97 -18.52 -16.88
N TRP D 95 11.12 -18.68 -16.21
CA TRP D 95 12.39 -18.46 -16.91
C TRP D 95 12.59 -19.46 -18.04
N LEU D 96 12.30 -20.74 -17.78
CA LEU D 96 12.53 -21.76 -18.78
C LEU D 96 11.64 -21.56 -20.00
N LEU D 97 10.38 -21.17 -19.79
CA LEU D 97 9.50 -20.92 -20.91
C LEU D 97 9.88 -19.62 -21.64
N ASN D 98 10.43 -18.64 -20.92
CA ASN D 98 10.93 -17.45 -21.60
C ASN D 98 12.12 -17.79 -22.49
N LEU D 99 12.97 -18.73 -22.07
CA LEU D 99 14.12 -19.12 -22.88
C LEU D 99 13.70 -19.88 -24.12
N LEU D 100 12.60 -20.65 -24.05
CA LEU D 100 12.26 -21.62 -25.07
C LEU D 100 11.43 -21.04 -26.22
N GLN D 101 11.47 -19.72 -26.41
CA GLN D 101 10.75 -19.09 -27.53
C GLN D 101 11.64 -18.95 -28.76
N ASP D 102 12.22 -20.06 -29.21
CA ASP D 102 13.09 -20.03 -30.40
C ASP D 102 13.30 -21.46 -30.88
N GLU D 103 13.17 -21.67 -32.19
CA GLU D 103 13.42 -22.99 -32.76
C GLU D 103 14.87 -23.40 -32.60
N GLU D 104 15.80 -22.47 -32.83
CA GLU D 104 17.21 -22.78 -32.66
C GLU D 104 17.52 -23.10 -31.19
N ASN D 105 16.93 -22.35 -30.27
CA ASN D 105 17.09 -22.67 -28.85
C ASN D 105 16.46 -24.02 -28.52
N GLN D 106 15.35 -24.36 -29.16
CA GLN D 106 14.75 -25.68 -28.98
C GLN D 106 15.72 -26.78 -29.41
N GLU D 107 16.34 -26.61 -30.58
CA GLU D 107 17.31 -27.59 -31.06
C GLU D 107 18.51 -27.69 -30.13
N MET D 108 18.98 -26.54 -29.63
CA MET D 108 20.11 -26.54 -28.69
C MET D 108 19.74 -27.28 -27.41
N PHE D 109 18.55 -27.05 -26.89
CA PHE D 109 18.10 -27.74 -25.68
C PHE D 109 18.03 -29.24 -25.92
N GLU D 110 17.48 -29.65 -27.07
CA GLU D 110 17.40 -31.08 -27.37
C GLU D 110 18.79 -31.71 -27.49
N ASP D 111 19.72 -30.99 -28.15
CA ASP D 111 21.08 -31.51 -28.28
C ASP D 111 21.76 -31.64 -26.93
N PHE D 112 21.56 -30.66 -26.05
CA PHE D 112 22.15 -30.74 -24.70
C PHE D 112 21.54 -31.90 -23.91
N ILE D 113 20.21 -32.07 -24.01
CA ILE D 113 19.55 -33.13 -23.26
C ILE D 113 19.98 -34.50 -23.77
N SER D 114 20.35 -34.58 -25.06
CA SER D 114 20.83 -35.83 -25.61
C SER D 114 22.34 -36.01 -25.46
N SER D 115 23.05 -35.01 -24.93
CA SER D 115 24.50 -35.05 -24.92
C SER D 115 25.07 -35.67 -23.65
N LYS D 116 24.75 -35.09 -22.49
CA LYS D 116 25.44 -35.46 -21.27
C LYS D 116 24.52 -35.74 -20.09
N PHE D 117 23.21 -35.68 -20.25
CA PHE D 117 22.32 -35.93 -19.12
C PHE D 117 22.28 -37.41 -18.81
N PRO D 118 22.69 -37.84 -17.62
CA PRO D 118 22.63 -39.27 -17.28
C PRO D 118 21.25 -39.74 -16.86
N ASP D 119 20.51 -38.87 -16.17
CA ASP D 119 19.16 -39.20 -15.74
C ASP D 119 18.40 -37.91 -15.51
N VAL D 120 17.07 -38.00 -15.59
CA VAL D 120 16.23 -36.83 -15.44
C VAL D 120 16.28 -36.29 -14.02
N LEU D 121 16.31 -37.18 -13.02
CA LEU D 121 16.23 -36.75 -11.63
C LEU D 121 17.40 -35.87 -11.25
N ALA D 122 17.12 -34.91 -10.36
CA ALA D 122 18.14 -33.98 -9.87
C ALA D 122 17.85 -33.66 -8.41
N SER D 123 18.91 -33.30 -7.69
CA SER D 123 18.78 -33.03 -6.25
C SER D 123 17.96 -31.76 -6.02
N ALA D 124 17.22 -31.75 -4.91
CA ALA D 124 16.35 -30.62 -4.61
C ALA D 124 17.16 -29.41 -4.12
N ASP D 125 18.16 -29.65 -3.27
CA ASP D 125 18.94 -28.55 -2.72
C ASP D 125 19.74 -27.84 -3.80
N LYS D 126 20.24 -28.58 -4.79
CA LYS D 126 20.92 -27.94 -5.92
C LYS D 126 19.98 -26.99 -6.64
N LEU D 127 18.75 -27.44 -6.89
CA LEU D 127 17.78 -26.58 -7.55
C LEU D 127 17.45 -25.34 -6.71
N ALA D 128 17.29 -25.52 -5.40
CA ALA D 128 17.00 -24.38 -4.54
C ALA D 128 18.14 -23.37 -4.56
N ARG D 129 19.38 -23.85 -4.47
CA ARG D 129 20.52 -22.94 -4.51
C ARG D 129 20.62 -22.23 -5.86
N PHE D 130 20.35 -22.94 -6.95
CA PHE D 130 20.37 -22.30 -8.26
C PHE D 130 19.31 -21.23 -8.37
N ALA D 131 18.10 -21.51 -7.87
CA ALA D 131 17.03 -20.51 -7.91
C ALA D 131 17.32 -19.34 -6.99
N GLN D 132 18.16 -19.55 -5.96
CA GLN D 132 18.57 -18.45 -5.11
C GLN D 132 19.32 -17.39 -5.90
N ARG D 133 20.15 -17.81 -6.85
CA ARG D 133 20.94 -16.91 -7.66
C ARG D 133 20.15 -16.29 -8.81
N LEU D 134 18.97 -16.82 -9.11
CA LEU D 134 18.15 -16.31 -10.20
C LEU D 134 17.10 -15.31 -9.76
N GLU D 135 16.75 -15.29 -8.48
CA GLU D 135 15.67 -14.40 -8.02
C GLU D 135 16.10 -12.93 -8.02
N ASP D 136 17.34 -12.64 -7.66
CA ASP D 136 17.80 -11.26 -7.56
C ASP D 136 18.16 -10.72 -8.94
N ARG D 137 17.90 -9.43 -9.14
CA ARG D 137 18.07 -8.82 -10.45
C ARG D 137 19.53 -8.55 -10.78
N LYS D 138 20.35 -8.17 -9.80
CA LYS D 138 21.73 -7.77 -10.05
C LYS D 138 22.65 -8.97 -9.89
N ASP D 139 22.73 -9.77 -10.95
CA ASP D 139 23.65 -10.91 -11.03
C ASP D 139 24.24 -10.95 -12.43
N VAL D 140 24.88 -12.06 -12.77
CA VAL D 140 25.59 -12.19 -14.05
C VAL D 140 24.77 -13.06 -14.99
N LEU D 141 23.92 -13.92 -14.44
CA LEU D 141 23.21 -14.89 -15.26
C LEU D 141 22.27 -14.23 -16.27
N HIS D 142 21.71 -13.06 -15.90
CA HIS D 142 20.74 -12.41 -16.80
C HIS D 142 21.40 -11.99 -18.10
N LYS D 143 22.60 -11.42 -18.04
CA LYS D 143 23.24 -10.91 -19.25
C LYS D 143 23.76 -12.05 -20.12
N ASN D 144 24.37 -13.07 -19.52
CA ASN D 144 24.97 -14.18 -20.25
C ASN D 144 24.02 -15.37 -20.18
N PHE D 145 23.29 -15.62 -21.26
CA PHE D 145 22.35 -16.74 -21.30
C PHE D 145 23.09 -18.08 -21.28
N SER D 146 24.20 -18.17 -22.01
CA SER D 146 24.93 -19.42 -22.12
C SER D 146 25.44 -19.90 -20.77
N LYS D 147 26.02 -18.98 -19.98
CA LYS D 147 26.55 -19.36 -18.68
C LYS D 147 25.44 -19.83 -17.75
N ALA D 148 24.29 -19.16 -17.78
CA ALA D 148 23.16 -19.60 -16.97
C ALA D 148 22.70 -20.98 -17.41
N MET D 149 22.72 -21.24 -18.72
CA MET D 149 22.31 -22.54 -19.21
C MET D 149 23.26 -23.61 -18.69
N ASN D 150 24.57 -23.34 -18.74
CA ASN D 150 25.54 -24.30 -18.20
C ASN D 150 25.30 -24.52 -16.71
N ALA D 151 25.02 -23.45 -15.97
CA ALA D 151 24.76 -23.57 -14.54
C ALA D 151 23.57 -24.46 -14.27
N PHE D 152 22.47 -24.23 -14.98
CA PHE D 152 21.28 -25.06 -14.80
C PHE D 152 21.52 -26.50 -15.20
N GLY D 153 22.26 -26.74 -16.28
CA GLY D 153 22.56 -28.12 -16.67
C GLY D 153 23.40 -28.84 -15.65
N ALA D 154 24.48 -28.19 -15.19
CA ALA D 154 25.34 -28.78 -14.17
C ALA D 154 24.63 -28.93 -12.84
N CYS D 155 23.54 -28.18 -12.63
CA CYS D 155 22.72 -28.39 -11.45
C CYS D 155 22.13 -29.80 -11.39
N PHE D 156 22.01 -30.48 -12.52
CA PHE D 156 21.44 -31.83 -12.59
C PHE D 156 22.49 -32.87 -12.99
N TRP D 157 23.71 -32.73 -12.49
CA TRP D 157 24.79 -33.70 -12.69
C TRP D 157 25.09 -33.88 -14.18
N ALA D 158 25.46 -32.78 -14.83
CA ALA D 158 25.83 -32.83 -16.25
C ALA D 158 27.23 -32.34 -16.52
N ILE D 159 27.65 -31.23 -15.90
CA ILE D 159 28.96 -30.63 -16.13
C ILE D 159 29.66 -30.47 -14.79
N LYS D 160 30.97 -30.69 -14.78
CA LYS D 160 31.75 -30.46 -13.58
C LYS D 160 31.69 -28.98 -13.23
N PRO D 161 31.23 -28.61 -12.03
CA PRO D 161 30.98 -27.19 -11.74
C PRO D 161 32.25 -26.45 -11.38
N THR D 162 32.44 -25.30 -12.01
CA THR D 162 33.52 -24.39 -11.66
C THR D 162 32.98 -23.37 -10.65
N PHE D 163 33.76 -22.32 -10.38
CA PHE D 163 33.31 -21.29 -9.45
C PHE D 163 32.17 -20.48 -10.04
N ALA D 164 32.28 -20.09 -11.31
CA ALA D 164 31.26 -19.25 -11.94
C ALA D 164 29.96 -19.99 -12.19
N THR D 165 29.95 -21.32 -12.13
CA THR D 165 28.76 -22.11 -12.38
C THR D 165 28.17 -22.72 -11.12
N GLU D 166 28.62 -22.29 -9.95
CA GLU D 166 28.12 -22.82 -8.69
C GLU D 166 26.77 -22.18 -8.36
N GLY D 167 26.30 -22.36 -7.13
CA GLY D 167 25.04 -21.79 -6.71
C GLY D 167 25.20 -20.40 -6.14
N LYS D 168 24.78 -20.20 -4.89
CA LYS D 168 24.96 -18.94 -4.19
C LYS D 168 26.11 -19.10 -3.20
N CYS D 169 27.11 -18.24 -3.30
CA CYS D 169 28.31 -18.38 -2.49
C CYS D 169 29.00 -17.03 -2.39
N ASN D 170 30.01 -16.98 -1.53
CA ASN D 170 30.83 -15.77 -1.34
C ASN D 170 32.21 -16.21 -0.92
N VAL D 171 33.21 -15.96 -1.77
CA VAL D 171 34.56 -16.41 -1.49
C VAL D 171 35.07 -15.75 -0.22
N VAL D 172 35.53 -16.58 0.71
CA VAL D 172 36.00 -16.08 2.01
C VAL D 172 37.52 -15.99 2.09
N ARG D 173 38.25 -16.73 1.26
CA ARG D 173 39.71 -16.75 1.32
C ARG D 173 40.24 -17.47 0.09
N ALA D 174 41.35 -16.99 -0.44
CA ALA D 174 42.00 -17.62 -1.58
C ALA D 174 43.47 -17.88 -1.27
N THR D 175 44.22 -18.35 -2.26
CA THR D 175 45.65 -18.63 -2.14
C THR D 175 46.20 -18.76 -3.54
N ASP D 176 47.46 -19.21 -3.64
CA ASP D 176 48.12 -19.30 -4.95
C ASP D 176 47.38 -20.26 -5.87
N ASP D 177 46.99 -21.43 -5.35
CA ASP D 177 46.24 -22.42 -6.11
C ASP D 177 45.02 -22.85 -5.31
N SER D 178 43.89 -22.97 -5.99
CA SER D 178 42.61 -23.39 -5.41
C SER D 178 42.03 -22.32 -4.49
N MET D 179 40.73 -22.43 -4.19
CA MET D 179 40.05 -21.48 -3.33
C MET D 179 39.17 -22.24 -2.34
N ILE D 180 38.69 -21.53 -1.32
CA ILE D 180 37.76 -22.08 -0.34
C ILE D 180 36.54 -21.17 -0.27
N LEU D 181 35.36 -21.76 -0.32
CA LEU D 181 34.10 -21.01 -0.30
C LEU D 181 33.26 -21.43 0.90
N GLU D 182 32.37 -20.54 1.30
CA GLU D 182 31.46 -20.79 2.41
C GLU D 182 30.02 -20.72 1.92
N PHE D 183 29.21 -21.65 2.41
CA PHE D 183 27.78 -21.68 2.10
C PHE D 183 26.99 -21.33 3.34
N GLN D 184 25.70 -21.07 3.15
CA GLN D 184 24.82 -20.66 4.22
C GLN D 184 23.49 -21.38 4.07
N PRO D 185 22.72 -21.52 5.15
CA PRO D 185 21.40 -22.15 5.04
C PRO D 185 20.48 -21.37 4.10
N VAL D 186 19.71 -22.11 3.33
CA VAL D 186 18.76 -21.50 2.39
C VAL D 186 17.56 -20.96 3.17
N PRO D 187 17.02 -19.79 2.82
CA PRO D 187 15.88 -19.25 3.57
C PRO D 187 14.68 -20.17 3.56
N GLU D 188 13.75 -19.89 4.49
CA GLU D 188 12.64 -20.81 4.75
C GLU D 188 11.75 -20.99 3.53
N TYR D 189 11.38 -19.89 2.88
CA TYR D 189 10.39 -20.02 1.81
C TYR D 189 10.99 -20.61 0.51
N PHE D 190 12.21 -21.13 0.55
CA PHE D 190 12.74 -21.97 -0.51
C PHE D 190 12.95 -23.42 -0.07
N ARG D 191 12.90 -23.69 1.22
CA ARG D 191 13.30 -25.01 1.74
C ARG D 191 12.31 -26.08 1.31
N CYS D 192 12.86 -27.24 0.90
CA CYS D 192 12.06 -28.42 0.55
C CYS D 192 12.79 -29.63 1.12
N GLY D 193 12.44 -30.00 2.35
CA GLY D 193 13.04 -31.14 3.02
C GLY D 193 13.76 -30.73 4.29
N ARG D 194 14.82 -31.46 4.60
CA ARG D 194 15.60 -31.22 5.81
C ARG D 194 16.48 -29.97 5.65
N SER D 195 16.97 -29.49 6.78
CA SER D 195 17.84 -28.31 6.82
C SER D 195 19.28 -28.73 7.07
N LYS D 196 20.21 -27.93 6.54
CA LYS D 196 21.64 -28.17 6.70
C LYS D 196 22.31 -26.90 7.16
N ALA D 197 23.39 -27.06 7.94
CA ALA D 197 24.09 -25.93 8.53
C ALA D 197 25.21 -25.47 7.60
N THR D 198 26.07 -24.60 8.12
CA THR D 198 27.19 -24.08 7.34
C THR D 198 28.17 -25.18 6.99
N PHE D 199 28.67 -25.16 5.76
CA PHE D 199 29.66 -26.13 5.33
C PHE D 199 30.45 -25.55 4.16
N TYR D 200 31.76 -25.74 4.18
CA TYR D 200 32.66 -25.15 3.21
C TYR D 200 32.90 -26.12 2.05
N LYS D 201 33.85 -25.80 1.19
CA LYS D 201 34.22 -26.64 0.05
C LYS D 201 35.62 -26.27 -0.40
N LEU D 202 36.07 -26.75 -1.54
CA LEU D 202 37.38 -26.37 -2.03
C LEU D 202 37.48 -26.82 -3.44
N TYR D 203 38.24 -26.13 -4.26
CA TYR D 203 38.28 -26.49 -5.66
C TYR D 203 39.65 -26.27 -6.23
N PRO D 204 40.05 -27.11 -7.18
CA PRO D 204 41.37 -26.97 -7.80
C PRO D 204 41.35 -25.87 -8.81
N LEU D 205 42.52 -25.34 -9.15
CA LEU D 205 42.57 -24.23 -10.08
C LEU D 205 42.64 -24.75 -11.49
N SER D 206 43.69 -25.47 -11.84
CA SER D 206 43.73 -26.07 -13.17
C SER D 206 43.94 -27.58 -13.12
N ASP D 207 45.08 -28.06 -12.63
CA ASP D 207 45.32 -29.49 -12.53
C ASP D 207 46.07 -29.95 -11.28
N GLU D 208 46.85 -29.09 -10.63
CA GLU D 208 47.83 -29.55 -9.66
C GLU D 208 47.22 -29.72 -8.28
N GLN D 209 47.81 -30.61 -7.50
CA GLN D 209 47.34 -30.85 -6.14
C GLN D 209 47.67 -29.63 -5.26
N PRO D 210 46.72 -29.14 -4.48
CA PRO D 210 47.01 -28.00 -3.60
C PRO D 210 47.98 -28.36 -2.51
N VAL D 211 48.71 -27.35 -2.03
CA VAL D 211 49.70 -27.51 -0.97
C VAL D 211 49.27 -26.78 0.30
N ASN D 212 48.92 -25.50 0.18
CA ASN D 212 48.43 -24.74 1.31
C ASN D 212 46.92 -24.82 1.48
N GLY D 213 46.21 -25.38 0.51
CA GLY D 213 44.77 -25.50 0.63
C GLY D 213 44.36 -26.39 1.79
N MET D 214 45.09 -27.49 2.00
CA MET D 214 44.79 -28.35 3.13
C MET D 214 44.96 -27.62 4.45
N LEU D 215 46.04 -26.86 4.60
CA LEU D 215 46.26 -26.10 5.83
C LEU D 215 45.18 -25.06 6.04
N ALA D 216 44.82 -24.34 4.97
CA ALA D 216 43.78 -23.31 5.09
C ALA D 216 42.44 -23.92 5.49
N LEU D 217 42.07 -25.03 4.84
CA LEU D 217 40.78 -25.66 5.15
C LEU D 217 40.78 -26.23 6.56
N LYS D 218 41.91 -26.82 6.98
CA LYS D 218 42.01 -27.31 8.35
C LYS D 218 41.85 -26.17 9.35
N ALA D 219 42.44 -25.01 9.04
CA ALA D 219 42.24 -23.84 9.89
C ALA D 219 40.77 -23.42 9.91
N VAL D 220 40.10 -23.52 8.77
CA VAL D 220 38.71 -23.06 8.69
C VAL D 220 37.75 -24.10 9.24
N ALA D 221 37.93 -25.37 8.85
CA ALA D 221 36.94 -26.39 9.19
C ALA D 221 36.81 -26.57 10.70
N GLY D 222 37.93 -26.62 11.40
CA GLY D 222 37.90 -26.86 12.83
C GLY D 222 37.36 -28.23 13.17
N ASN D 223 36.15 -28.28 13.71
CA ASN D 223 35.46 -29.52 14.01
C ASN D 223 34.54 -29.85 12.84
N GLN D 224 35.00 -30.72 11.95
CA GLN D 224 34.25 -31.10 10.76
C GLN D 224 34.82 -32.41 10.24
N PHE D 225 34.41 -32.80 9.04
CA PHE D 225 34.86 -34.03 8.42
C PHE D 225 35.14 -33.79 6.94
N PHE D 226 35.94 -34.66 6.36
CA PHE D 226 36.36 -34.57 4.97
C PHE D 226 35.69 -35.66 4.15
N MET D 227 35.54 -35.40 2.84
CA MET D 227 34.91 -36.36 1.95
C MET D 227 35.30 -36.02 0.52
N TYR D 228 34.99 -36.94 -0.39
CA TYR D 228 35.28 -36.77 -1.82
C TYR D 228 34.05 -37.19 -2.63
N HIS D 229 32.89 -36.67 -2.25
CA HIS D 229 31.68 -36.93 -3.03
C HIS D 229 31.85 -36.41 -4.45
N GLY D 230 31.50 -37.24 -5.43
CA GLY D 230 31.70 -36.86 -6.80
C GLY D 230 33.18 -36.78 -7.15
N HIS D 231 33.50 -35.92 -8.12
CA HIS D 231 34.87 -35.72 -8.56
C HIS D 231 35.13 -34.22 -8.72
N GLY D 232 36.31 -33.79 -8.27
CA GLY D 232 36.72 -32.41 -8.40
C GLY D 232 36.41 -31.52 -7.23
N HIS D 233 36.00 -32.07 -6.08
CA HIS D 233 35.69 -31.27 -4.91
C HIS D 233 36.15 -32.02 -3.66
N ILE D 234 36.32 -31.25 -2.58
CA ILE D 234 36.57 -31.81 -1.26
C ILE D 234 35.54 -31.15 -0.33
N ARG D 235 34.38 -31.78 -0.19
CA ARG D 235 33.32 -31.22 0.62
C ARG D 235 33.56 -31.50 2.10
N THR D 236 32.91 -30.71 2.95
CA THR D 236 32.95 -30.90 4.40
C THR D 236 31.54 -30.95 4.93
N VAL D 237 31.29 -31.90 5.83
CA VAL D 237 29.96 -32.06 6.43
C VAL D 237 30.11 -32.15 7.93
N PRO D 238 29.06 -31.80 8.67
CA PRO D 238 29.10 -31.99 10.13
C PRO D 238 29.06 -33.47 10.48
N TYR D 239 29.46 -33.76 11.72
CA TYR D 239 29.57 -35.15 12.16
C TYR D 239 28.22 -35.86 12.13
N HIS D 240 27.15 -35.18 12.55
CA HIS D 240 25.85 -35.82 12.64
C HIS D 240 25.35 -36.25 11.26
N GLU D 241 25.29 -35.31 10.32
CA GLU D 241 24.71 -35.60 9.01
C GLU D 241 25.49 -36.66 8.25
N LEU D 242 26.76 -36.86 8.61
CA LEU D 242 27.55 -37.91 7.98
C LEU D 242 26.87 -39.27 8.10
N ALA D 243 26.08 -39.46 9.17
CA ALA D 243 25.27 -40.66 9.29
C ALA D 243 24.50 -40.93 8.00
N ASP D 244 23.68 -39.95 7.59
CA ASP D 244 22.91 -40.11 6.36
C ASP D 244 23.82 -40.35 5.16
N ALA D 245 25.01 -39.75 5.17
CA ALA D 245 25.95 -39.93 4.06
C ALA D 245 26.28 -41.42 3.87
N ILE D 246 26.38 -42.17 4.96
CA ILE D 246 26.66 -43.60 4.84
C ILE D 246 25.59 -44.29 4.03
N LYS D 247 24.33 -43.90 4.23
CA LYS D 247 23.25 -44.45 3.40
C LYS D 247 23.49 -44.12 1.93
N SER D 248 23.89 -42.88 1.64
CA SER D 248 24.22 -42.51 0.28
C SER D 248 25.40 -43.30 -0.26
N TYR D 249 26.26 -43.81 0.63
CA TYR D 249 27.37 -44.65 0.20
C TYR D 249 26.94 -46.08 -0.11
N ALA D 250 25.74 -46.47 0.32
CA ALA D 250 25.27 -47.83 0.06
C ALA D 250 24.88 -48.01 -1.40
N ARG D 251 24.23 -47.01 -1.98
CA ARG D 251 23.72 -47.12 -3.34
C ARG D 251 24.80 -46.93 -4.41
N LYS D 252 26.02 -46.58 -4.01
CA LYS D 252 27.08 -46.35 -4.99
C LYS D 252 27.46 -47.66 -5.68
N ASP D 253 27.75 -47.56 -6.98
CA ASP D 253 28.10 -48.74 -7.77
C ASP D 253 29.55 -49.14 -7.54
N LYS D 254 29.84 -50.41 -7.82
CA LYS D 254 31.19 -50.92 -7.64
C LYS D 254 32.17 -50.26 -8.60
N GLU D 255 31.76 -50.07 -9.85
CA GLU D 255 32.64 -49.42 -10.83
C GLU D 255 32.92 -47.97 -10.45
N THR D 256 31.88 -47.27 -9.99
CA THR D 256 32.07 -45.88 -9.56
C THR D 256 33.02 -45.80 -8.36
N LEU D 257 32.86 -46.70 -7.39
CA LEU D 257 33.76 -46.71 -6.24
C LEU D 257 35.19 -47.02 -6.66
N GLU D 258 35.36 -47.97 -7.59
CA GLU D 258 36.70 -48.29 -8.07
C GLU D 258 37.33 -47.10 -8.77
N SER D 259 36.55 -46.39 -9.58
CA SER D 259 37.07 -45.20 -10.26
C SER D 259 37.43 -44.12 -9.24
N ILE D 260 36.63 -43.94 -8.20
CA ILE D 260 36.92 -42.95 -7.17
C ILE D 260 38.22 -43.31 -6.45
N SER D 261 38.40 -44.58 -6.12
CA SER D 261 39.57 -44.99 -5.36
C SER D 261 40.87 -44.85 -6.15
N LYS D 262 40.79 -44.73 -7.48
CA LYS D 262 41.97 -44.64 -8.33
C LYS D 262 42.33 -43.21 -8.69
N SER D 263 42.08 -42.25 -7.79
CA SER D 263 42.38 -40.85 -8.05
C SER D 263 43.33 -40.31 -6.99
N PRO D 264 44.41 -39.64 -7.39
CA PRO D 264 45.31 -39.02 -6.39
C PRO D 264 44.61 -37.98 -5.53
N LEU D 265 43.65 -37.25 -6.10
CA LEU D 265 42.90 -36.28 -5.31
C LEU D 265 42.13 -36.94 -4.19
N ALA D 266 41.69 -38.20 -4.40
CA ALA D 266 41.07 -38.95 -3.31
C ALA D 266 42.06 -39.23 -2.20
N ALA D 267 43.32 -39.52 -2.56
CA ALA D 267 44.34 -39.76 -1.55
C ALA D 267 44.72 -38.47 -0.82
N GLN D 268 44.59 -37.32 -1.50
CA GLN D 268 45.05 -36.06 -0.93
C GLN D 268 44.16 -35.57 0.22
N CYS D 269 42.94 -36.09 0.34
CA CYS D 269 42.00 -35.53 1.31
C CYS D 269 42.50 -35.67 2.74
N GLY D 270 43.02 -36.84 3.10
CA GLY D 270 43.50 -37.03 4.46
C GLY D 270 43.88 -38.46 4.81
N SER D 271 43.47 -38.90 6.00
CA SER D 271 43.78 -40.24 6.48
C SER D 271 42.54 -41.07 6.78
N LYS D 272 41.57 -40.50 7.50
CA LYS D 272 40.40 -41.27 7.93
C LYS D 272 39.49 -41.61 6.76
N PHE D 273 39.49 -40.80 5.70
CA PHE D 273 38.60 -41.06 4.57
C PHE D 273 38.96 -42.36 3.88
N LEU D 274 40.26 -42.64 3.73
CA LEU D 274 40.67 -43.91 3.13
C LEU D 274 40.27 -45.09 4.01
N ASP D 275 40.36 -44.93 5.33
CA ASP D 275 39.91 -45.98 6.23
C ASP D 275 38.41 -46.23 6.07
N MET D 276 37.62 -45.16 5.96
CA MET D 276 36.19 -45.31 5.75
C MET D 276 35.88 -46.00 4.42
N LEU D 277 36.63 -45.63 3.37
CA LEU D 277 36.44 -46.27 2.07
C LEU D 277 36.78 -47.75 2.13
N ASP D 278 37.85 -48.10 2.84
CA ASP D 278 38.19 -49.52 3.01
C ASP D 278 37.11 -50.24 3.80
N GLY D 279 36.55 -49.58 4.81
CA GLY D 279 35.48 -50.19 5.58
C GLY D 279 34.24 -50.46 4.74
N ILE D 280 33.84 -49.50 3.91
CA ILE D 280 32.68 -49.72 3.05
C ILE D 280 33.00 -50.76 1.97
N ARG D 281 34.27 -50.85 1.56
CA ARG D 281 34.67 -51.91 0.63
C ARG D 281 34.67 -53.29 1.29
N SER D 282 34.81 -53.34 2.61
CA SER D 282 34.81 -54.62 3.31
C SER D 282 33.46 -55.31 3.29
N LYS D 283 32.39 -54.58 2.93
CA LYS D 283 31.03 -55.12 2.85
C LYS D 283 30.54 -55.67 4.18
N GLN D 284 30.99 -55.08 5.28
CA GLN D 284 30.54 -55.47 6.61
C GLN D 284 29.33 -54.62 6.99
N LYS D 285 28.90 -54.71 8.24
CA LYS D 285 27.77 -53.90 8.70
C LYS D 285 28.17 -52.43 8.73
N ILE D 286 27.18 -51.57 8.47
CA ILE D 286 27.46 -50.16 8.25
C ILE D 286 27.54 -49.38 9.56
N GLU D 287 26.64 -49.67 10.49
CA GLU D 287 26.51 -48.85 11.70
C GLU D 287 27.76 -48.91 12.57
N ASP D 288 28.26 -50.12 12.83
CA ASP D 288 29.40 -50.28 13.73
C ASP D 288 30.64 -49.62 13.16
N VAL D 289 30.94 -49.87 11.88
CA VAL D 289 32.11 -49.27 11.25
C VAL D 289 31.94 -47.76 11.17
N ILE D 290 30.72 -47.29 10.95
CA ILE D 290 30.45 -45.86 10.87
C ILE D 290 30.77 -45.19 12.21
N LEU D 291 30.31 -45.79 13.31
CA LEU D 291 30.61 -45.23 14.62
C LEU D 291 32.09 -45.35 14.97
N LYS D 292 32.75 -46.42 14.52
CA LYS D 292 34.18 -46.55 14.75
C LYS D 292 34.94 -45.43 14.04
N ALA D 293 34.56 -45.12 12.81
CA ALA D 293 35.20 -44.03 12.08
C ALA D 293 34.74 -42.66 12.56
N LYS D 294 33.63 -42.59 13.29
CA LYS D 294 33.07 -41.34 13.77
C LYS D 294 33.54 -40.99 15.18
N ILE D 295 34.44 -41.78 15.77
CA ILE D 295 34.93 -41.46 17.11
C ILE D 295 35.70 -40.15 17.07
N PHE D 296 35.60 -39.39 18.15
CA PHE D 296 36.25 -38.09 18.27
C PHE D 296 37.54 -38.26 19.08
N GLU D 297 38.68 -38.17 18.40
CA GLU D 297 39.97 -38.32 19.05
C GLU D 297 40.32 -37.11 19.90
N MET E 1 -12.64 42.32 -0.01
CA MET E 1 -11.24 42.26 0.39
C MET E 1 -10.89 40.89 0.96
N THR E 2 -10.23 40.88 2.12
CA THR E 2 -9.86 39.64 2.78
C THR E 2 -11.11 38.94 3.30
N GLN E 3 -11.46 37.81 2.68
CA GLN E 3 -12.66 37.09 3.08
C GLN E 3 -12.52 36.56 4.50
N SER E 4 -13.64 36.55 5.23
CA SER E 4 -13.67 36.11 6.60
C SER E 4 -14.52 34.86 6.74
N VAL E 5 -14.08 33.93 7.57
CA VAL E 5 -14.79 32.68 7.82
C VAL E 5 -15.41 32.75 9.21
N SER E 6 -16.73 32.68 9.27
CA SER E 6 -17.43 32.82 10.54
C SER E 6 -17.27 31.55 11.38
N LEU E 7 -17.59 31.69 12.67
CA LEU E 7 -17.53 30.56 13.58
C LEU E 7 -18.64 29.55 13.30
N SER E 8 -19.82 30.03 12.92
CA SER E 8 -20.95 29.14 12.70
C SER E 8 -20.74 28.22 11.50
N ASP E 9 -19.86 28.57 10.58
CA ASP E 9 -19.56 27.68 9.46
C ASP E 9 -18.82 26.42 9.90
N PHE E 10 -18.34 26.37 11.14
CA PHE E 10 -17.67 25.20 11.68
C PHE E 10 -18.50 24.43 12.69
N ILE E 11 -19.33 25.13 13.47
CA ILE E 11 -20.04 24.52 14.58
C ILE E 11 -21.20 25.43 14.96
N VAL E 12 -22.34 24.81 15.27
CA VAL E 12 -23.52 25.55 15.71
C VAL E 12 -24.04 24.93 17.00
N LYS E 13 -24.78 25.74 17.76
CA LYS E 13 -25.37 25.28 19.00
C LYS E 13 -26.52 24.32 18.72
N THR E 14 -26.79 23.45 19.69
CA THR E 14 -27.89 22.49 19.61
C THR E 14 -28.55 22.43 20.98
N GLU E 15 -29.37 21.40 21.20
CA GLU E 15 -30.10 21.27 22.45
C GLU E 15 -29.15 21.16 23.63
N ASP E 16 -28.37 20.08 23.67
CA ASP E 16 -27.36 19.91 24.72
C ASP E 16 -25.94 19.93 24.17
N GLY E 17 -25.62 19.09 23.20
CA GLY E 17 -24.27 18.97 22.68
C GLY E 17 -24.13 19.62 21.33
N TYR E 18 -23.01 20.33 21.14
CA TYR E 18 -22.73 20.97 19.87
C TYR E 18 -22.58 19.91 18.77
N MET E 19 -22.99 20.29 17.57
CA MET E 19 -23.04 19.37 16.44
C MET E 19 -22.31 19.98 15.26
N PRO E 20 -21.73 19.17 14.38
CA PRO E 20 -21.14 19.70 13.15
C PRO E 20 -22.20 20.32 12.26
N SER E 21 -21.78 21.27 11.44
CA SER E 21 -22.69 22.08 10.64
C SER E 21 -22.52 21.77 9.16
N ASP E 22 -23.63 21.58 8.46
CA ASP E 22 -23.64 21.28 7.04
C ASP E 22 -24.22 22.46 6.28
N ARG E 23 -23.47 22.99 5.33
CA ARG E 23 -23.91 24.08 4.47
C ARG E 23 -24.45 23.59 3.13
N GLU E 24 -24.71 22.29 3.00
CA GLU E 24 -25.16 21.73 1.72
C GLU E 24 -26.52 22.29 1.34
N CYS E 25 -27.43 22.39 2.30
CA CYS E 25 -28.80 22.81 2.03
C CYS E 25 -29.16 24.01 2.89
N VAL E 26 -30.05 24.85 2.35
CA VAL E 26 -30.54 26.02 3.07
C VAL E 26 -32.06 26.09 3.09
N ALA E 27 -32.76 25.08 2.59
CA ALA E 27 -34.21 25.12 2.56
C ALA E 27 -34.82 25.00 3.95
N LEU E 28 -34.14 24.28 4.86
CA LEU E 28 -34.69 24.04 6.18
C LEU E 28 -34.70 25.28 7.06
N ASP E 29 -34.08 26.38 6.62
CA ASP E 29 -33.94 27.57 7.45
C ASP E 29 -35.27 28.30 7.67
N ARG E 30 -36.33 27.92 6.96
CA ARG E 30 -37.60 28.63 7.10
C ARG E 30 -38.13 28.56 8.52
N TYR E 31 -38.08 27.38 9.14
CA TYR E 31 -38.53 27.23 10.52
C TYR E 31 -37.51 27.80 11.48
N LEU E 32 -38.02 28.23 12.65
CA LEU E 32 -37.17 28.84 13.68
C LEU E 32 -37.91 28.76 15.01
N SER E 33 -37.27 29.31 16.04
CA SER E 33 -37.84 29.37 17.38
C SER E 33 -38.34 30.78 17.67
N LYS E 34 -39.12 30.91 18.75
CA LYS E 34 -39.73 32.19 19.09
C LYS E 34 -38.67 33.25 19.36
N GLU E 35 -37.71 32.95 20.22
CA GLU E 35 -36.63 33.90 20.46
C GLU E 35 -35.82 34.12 19.20
N GLN E 36 -35.58 33.06 18.43
CA GLN E 36 -34.79 33.18 17.21
C GLN E 36 -35.47 34.11 16.21
N LYS E 37 -36.78 33.95 16.01
CA LYS E 37 -37.49 34.81 15.07
C LYS E 37 -37.60 36.24 15.59
N GLU E 38 -37.76 36.39 16.90
CA GLU E 38 -37.81 37.74 17.47
C GLU E 38 -36.50 38.48 17.24
N LEU E 39 -35.37 37.82 17.51
CA LEU E 39 -34.07 38.44 17.27
C LEU E 39 -33.83 38.68 15.78
N ARG E 40 -34.29 37.77 14.92
CA ARG E 40 -34.14 37.98 13.48
C ARG E 40 -34.92 39.22 13.04
N GLU E 41 -36.15 39.38 13.52
CA GLU E 41 -36.95 40.55 13.18
C GLU E 41 -36.30 41.83 13.68
N THR E 42 -35.79 41.81 14.92
CA THR E 42 -35.12 43.00 15.46
C THR E 42 -33.88 43.35 14.66
N PHE E 43 -33.09 42.34 14.28
CA PHE E 43 -31.89 42.58 13.48
C PHE E 43 -32.24 43.16 12.12
N LYS E 44 -33.27 42.62 11.47
CA LYS E 44 -33.68 43.14 10.17
C LYS E 44 -34.32 44.51 10.26
N ASP E 45 -34.87 44.87 11.43
CA ASP E 45 -35.58 46.13 11.56
C ASP E 45 -34.66 47.33 11.34
N GLY E 46 -33.66 47.50 12.20
CA GLY E 46 -32.81 48.66 12.16
C GLY E 46 -31.38 48.34 12.53
N LYS E 47 -30.49 49.30 12.25
CA LYS E 47 -29.06 49.14 12.49
C LYS E 47 -28.76 49.61 13.91
N ASN E 48 -28.80 48.67 14.86
CA ASN E 48 -28.55 48.96 16.27
C ASN E 48 -27.68 47.84 16.85
N ASP E 49 -26.36 48.05 16.84
CA ASP E 49 -25.39 47.13 17.45
C ASP E 49 -25.54 45.72 16.89
N ARG E 50 -25.24 45.61 15.59
CA ARG E 50 -25.40 44.34 14.89
C ARG E 50 -24.54 43.24 15.50
N SER E 51 -23.31 43.57 15.92
CA SER E 51 -22.41 42.56 16.44
C SER E 51 -22.93 41.96 17.74
N ALA E 52 -23.48 42.79 18.63
CA ALA E 52 -24.04 42.27 19.87
C ALA E 52 -25.23 41.36 19.60
N LEU E 53 -26.08 41.76 18.65
CA LEU E 53 -27.21 40.91 18.28
C LEU E 53 -26.73 39.58 17.71
N ARG E 54 -25.66 39.61 16.90
CA ARG E 54 -25.12 38.37 16.35
C ARG E 54 -24.59 37.46 17.46
N ILE E 55 -23.88 38.04 18.42
CA ILE E 55 -23.37 37.24 19.54
C ILE E 55 -24.52 36.64 20.34
N LYS E 56 -25.58 37.42 20.57
CA LYS E 56 -26.74 36.90 21.26
C LYS E 56 -27.39 35.77 20.45
N MET E 57 -27.43 35.91 19.13
CA MET E 57 -28.00 34.86 18.28
C MET E 57 -27.20 33.57 18.40
N PHE E 58 -25.87 33.67 18.38
CA PHE E 58 -25.04 32.46 18.40
C PHE E 58 -25.14 31.70 19.71
N LEU E 59 -25.64 32.33 20.78
CA LEU E 59 -25.68 31.71 22.09
C LEU E 59 -27.06 31.16 22.45
N SER E 60 -27.96 31.05 21.48
CA SER E 60 -29.25 30.46 21.74
C SER E 60 -29.35 29.07 21.11
N PRO E 61 -30.01 28.12 21.77
CA PRO E 61 -30.08 26.76 21.21
C PRO E 61 -30.91 26.68 19.94
N SER E 62 -31.02 25.48 19.38
CA SER E 62 -31.76 25.27 18.15
C SER E 62 -32.74 24.12 18.33
N PRO E 63 -33.88 24.16 17.65
CA PRO E 63 -34.87 23.09 17.77
C PRO E 63 -34.43 21.84 17.01
N SER E 64 -35.19 20.77 17.23
CA SER E 64 -34.92 19.49 16.55
C SER E 64 -35.42 19.47 15.12
N ARG E 65 -36.19 20.46 14.69
CA ARG E 65 -36.69 20.47 13.32
C ARG E 65 -35.58 20.75 12.31
N ARG E 66 -34.51 21.42 12.75
CA ARG E 66 -33.43 21.77 11.84
C ARG E 66 -32.43 20.65 11.64
N PHE E 67 -32.57 19.53 12.35
CA PHE E 67 -31.64 18.43 12.20
C PHE E 67 -31.78 17.77 10.84
N THR E 68 -30.63 17.39 10.25
CA THR E 68 -30.63 16.58 9.03
C THR E 68 -29.81 15.33 9.27
N GLN E 69 -29.56 14.55 8.21
CA GLN E 69 -28.77 13.34 8.36
C GLN E 69 -27.32 13.66 8.67
N HIS E 70 -26.71 14.56 7.90
CA HIS E 70 -25.31 14.90 8.11
C HIS E 70 -25.10 15.66 9.41
N GLY E 71 -25.91 16.69 9.65
CA GLY E 71 -25.74 17.53 10.81
C GLY E 71 -26.86 18.52 11.02
N VAL E 72 -26.51 19.77 11.37
CA VAL E 72 -27.49 20.80 11.66
C VAL E 72 -27.23 21.99 10.74
N VAL E 73 -28.30 22.53 10.18
CA VAL E 73 -28.22 23.72 9.32
C VAL E 73 -28.07 24.96 10.19
N PRO E 74 -27.16 25.87 9.87
CA PRO E 74 -27.02 27.10 10.66
C PRO E 74 -28.06 28.12 10.25
N MET E 75 -27.98 29.30 10.86
CA MET E 75 -28.87 30.40 10.50
C MET E 75 -28.36 31.11 9.25
N ARG E 76 -29.25 31.91 8.67
CA ARG E 76 -28.91 32.66 7.46
C ARG E 76 -28.19 33.97 7.75
N GLU E 77 -28.03 34.34 9.03
CA GLU E 77 -27.40 35.60 9.38
C GLU E 77 -25.97 35.45 9.86
N ILE E 78 -25.54 34.24 10.24
CA ILE E 78 -24.19 34.04 10.76
C ILE E 78 -23.45 33.04 9.88
N LYS E 79 -23.79 33.01 8.60
CA LYS E 79 -23.19 32.08 7.65
C LYS E 79 -22.61 32.84 6.47
N THR E 80 -21.40 32.46 6.06
CA THR E 80 -20.71 33.10 4.96
C THR E 80 -20.98 32.34 3.66
N ASN E 81 -20.32 32.77 2.59
CA ASN E 81 -20.47 32.17 1.27
C ASN E 81 -19.13 31.98 0.60
N THR E 82 -18.10 31.65 1.39
CA THR E 82 -16.77 31.40 0.88
C THR E 82 -16.41 29.94 1.10
N ASP E 83 -15.82 29.32 0.08
CA ASP E 83 -15.43 27.92 0.15
C ASP E 83 -14.09 27.77 0.86
N ILE E 84 -13.94 26.67 1.58
CA ILE E 84 -12.73 26.39 2.35
C ILE E 84 -12.29 24.96 2.07
N PRO E 85 -11.00 24.65 2.16
CA PRO E 85 -10.56 23.28 1.91
C PRO E 85 -11.14 22.30 2.91
N SER E 86 -11.34 21.07 2.45
CA SER E 86 -11.96 20.04 3.29
C SER E 86 -11.09 19.70 4.50
N THR E 87 -9.77 19.63 4.30
CA THR E 87 -8.88 19.23 5.39
C THR E 87 -8.95 20.20 6.55
N LEU E 88 -8.95 21.51 6.26
CA LEU E 88 -9.02 22.52 7.31
C LEU E 88 -10.30 22.37 8.12
N TRP E 89 -11.44 22.24 7.43
CA TRP E 89 -12.72 22.09 8.12
C TRP E 89 -12.73 20.83 8.97
N THR E 90 -12.27 19.72 8.42
CA THR E 90 -12.29 18.46 9.16
C THR E 90 -11.43 18.55 10.41
N LEU E 91 -10.21 19.08 10.27
CA LEU E 91 -9.30 19.13 11.41
C LEU E 91 -9.85 20.04 12.50
N VAL E 92 -10.30 21.25 12.12
CA VAL E 92 -10.78 22.20 13.12
C VAL E 92 -12.02 21.65 13.82
N THR E 93 -12.97 21.11 13.05
CA THR E 93 -14.19 20.58 13.65
C THR E 93 -13.87 19.41 14.58
N ASP E 94 -12.98 18.51 14.15
CA ASP E 94 -12.65 17.36 14.97
C ASP E 94 -12.02 17.80 16.29
N TRP E 95 -11.03 18.69 16.24
CA TRP E 95 -10.40 19.12 17.49
C TRP E 95 -11.39 19.85 18.39
N LEU E 96 -12.19 20.76 17.80
CA LEU E 96 -13.09 21.56 18.60
C LEU E 96 -14.16 20.70 19.27
N LEU E 97 -14.68 19.69 18.55
CA LEU E 97 -15.66 18.80 19.14
C LEU E 97 -15.02 17.87 20.16
N ASN E 98 -13.74 17.53 19.97
CA ASN E 98 -13.04 16.74 20.97
C ASN E 98 -12.90 17.51 22.28
N LEU E 99 -12.65 18.82 22.19
CA LEU E 99 -12.45 19.61 23.40
C LEU E 99 -13.77 19.83 24.16
N LEU E 100 -14.89 19.87 23.44
CA LEU E 100 -16.17 20.27 24.03
C LEU E 100 -16.94 19.11 24.66
N GLN E 101 -16.26 18.04 25.04
CA GLN E 101 -16.91 16.93 25.75
C GLN E 101 -16.79 17.11 27.26
N ASP E 102 -17.29 18.25 27.73
CA ASP E 102 -17.28 18.57 29.15
C ASP E 102 -18.18 19.76 29.46
N GLU E 103 -19.01 19.63 30.51
CA GLU E 103 -19.87 20.75 30.91
C GLU E 103 -19.05 21.94 31.40
N GLU E 104 -18.01 21.68 32.19
CA GLU E 104 -17.16 22.77 32.65
C GLU E 104 -16.44 23.45 31.48
N ASN E 105 -15.97 22.66 30.52
CA ASN E 105 -15.38 23.24 29.32
C ASN E 105 -16.42 24.03 28.51
N GLN E 106 -17.66 23.56 28.50
CA GLN E 106 -18.74 24.31 27.85
C GLN E 106 -18.91 25.68 28.52
N GLU E 107 -18.94 25.70 29.85
CA GLU E 107 -19.09 26.95 30.57
C GLU E 107 -17.90 27.87 30.33
N MET E 108 -16.68 27.30 30.28
CA MET E 108 -15.49 28.10 29.99
C MET E 108 -15.56 28.71 28.60
N PHE E 109 -16.00 27.92 27.61
CA PHE E 109 -16.12 28.43 26.24
C PHE E 109 -17.14 29.56 26.18
N GLU E 110 -18.29 29.38 26.85
CA GLU E 110 -19.29 30.44 26.86
C GLU E 110 -18.77 31.70 27.53
N ASP E 111 -18.06 31.55 28.65
CA ASP E 111 -17.50 32.71 29.34
C ASP E 111 -16.50 33.44 28.46
N PHE E 112 -15.65 32.70 27.75
CA PHE E 112 -14.69 33.33 26.85
C PHE E 112 -15.39 34.05 25.70
N ILE E 113 -16.40 33.39 25.10
CA ILE E 113 -17.08 33.97 23.95
C ILE E 113 -17.84 35.23 24.37
N SER E 114 -18.27 35.29 25.64
CA SER E 114 -18.94 36.48 26.14
C SER E 114 -17.96 37.51 26.69
N SER E 115 -16.66 37.20 26.76
CA SER E 115 -15.71 38.07 27.44
C SER E 115 -15.09 39.11 26.51
N LYS E 116 -14.41 38.66 25.46
CA LYS E 116 -13.58 39.56 24.66
C LYS E 116 -13.78 39.45 23.16
N PHE E 117 -14.68 38.61 22.68
CA PHE E 117 -14.88 38.48 21.25
C PHE E 117 -15.62 39.69 20.71
N PRO E 118 -15.02 40.47 19.80
CA PRO E 118 -15.71 41.65 19.26
C PRO E 118 -16.70 41.30 18.16
N ASP E 119 -16.38 40.30 17.34
CA ASP E 119 -17.26 39.86 16.28
C ASP E 119 -16.92 38.42 15.93
N VAL E 120 -17.91 37.73 15.35
CA VAL E 120 -17.74 36.32 15.02
C VAL E 120 -16.70 36.14 13.91
N LEU E 121 -16.71 37.04 12.93
CA LEU E 121 -15.86 36.88 11.75
C LEU E 121 -14.38 36.89 12.13
N ALA E 122 -13.58 36.14 11.37
CA ALA E 122 -12.15 36.05 11.58
C ALA E 122 -11.45 35.88 10.24
N SER E 123 -10.20 36.31 10.17
CA SER E 123 -9.45 36.24 8.93
C SER E 123 -9.15 34.80 8.54
N ALA E 124 -9.11 34.54 7.23
CA ALA E 124 -8.89 33.19 6.75
C ALA E 124 -7.43 32.77 6.91
N ASP E 125 -6.50 33.68 6.62
CA ASP E 125 -5.09 33.33 6.70
C ASP E 125 -4.65 33.04 8.13
N LYS E 126 -5.21 33.76 9.11
CA LYS E 126 -4.94 33.45 10.51
C LYS E 126 -5.37 32.03 10.84
N LEU E 127 -6.56 31.64 10.39
CA LEU E 127 -7.04 30.28 10.63
C LEU E 127 -6.15 29.25 9.96
N ALA E 128 -5.72 29.51 8.72
CA ALA E 128 -4.86 28.57 8.02
C ALA E 128 -3.53 28.40 8.75
N ARG E 129 -2.93 29.52 9.18
CA ARG E 129 -1.66 29.44 9.91
C ARG E 129 -1.84 28.71 11.24
N PHE E 130 -2.95 28.94 11.93
CA PHE E 130 -3.19 28.23 13.19
C PHE E 130 -3.34 26.73 12.93
N ALA E 131 -4.05 26.35 11.88
CA ALA E 131 -4.21 24.93 11.57
C ALA E 131 -2.90 24.31 11.11
N GLN E 132 -1.98 25.12 10.59
CA GLN E 132 -0.66 24.62 10.22
C GLN E 132 0.07 24.07 11.44
N ARG E 133 -0.06 24.74 12.59
CA ARG E 133 0.59 24.32 13.82
C ARG E 133 -0.13 23.19 14.52
N LEU E 134 -1.37 22.88 14.13
CA LEU E 134 -2.14 21.83 14.78
C LEU E 134 -2.06 20.49 14.06
N GLU E 135 -1.67 20.48 12.79
CA GLU E 135 -1.65 19.23 12.03
C GLU E 135 -0.53 18.30 12.47
N ASP E 136 0.64 18.84 12.79
CA ASP E 136 1.79 18.01 13.15
C ASP E 136 1.68 17.56 14.60
N ARG E 137 2.15 16.34 14.87
CA ARG E 137 1.99 15.73 16.18
C ARG E 137 2.96 16.30 17.21
N LYS E 138 4.18 16.63 16.81
CA LYS E 138 5.23 17.06 17.76
C LYS E 138 5.22 18.59 17.86
N ASP E 139 4.31 19.09 18.68
CA ASP E 139 4.24 20.52 19.00
C ASP E 139 3.93 20.65 20.49
N VAL E 140 3.57 21.86 20.91
CA VAL E 140 3.35 22.15 22.32
C VAL E 140 1.86 22.22 22.62
N LEU E 141 1.06 22.52 21.58
CA LEU E 141 -0.37 22.74 21.80
C LEU E 141 -1.08 21.51 22.32
N HIS E 142 -0.62 20.31 21.93
CA HIS E 142 -1.30 19.09 22.35
C HIS E 142 -1.25 18.90 23.85
N LYS E 143 -0.09 19.15 24.47
CA LYS E 143 0.06 18.90 25.89
C LYS E 143 -0.66 19.95 26.72
N ASN E 144 -0.56 21.22 26.33
CA ASN E 144 -1.15 22.33 27.08
C ASN E 144 -2.44 22.76 26.37
N PHE E 145 -3.58 22.35 26.92
CA PHE E 145 -4.86 22.72 26.32
C PHE E 145 -5.13 24.21 26.45
N SER E 146 -4.77 24.80 27.60
CA SER E 146 -5.08 26.21 27.83
C SER E 146 -4.38 27.12 26.82
N LYS E 147 -3.09 26.86 26.57
CA LYS E 147 -2.34 27.68 25.63
C LYS E 147 -2.90 27.58 24.22
N ALA E 148 -3.27 26.37 23.79
CA ALA E 148 -3.90 26.20 22.49
C ALA E 148 -5.22 26.96 22.44
N MET E 149 -5.97 26.94 23.54
CA MET E 149 -7.23 27.68 23.60
C MET E 149 -7.00 29.18 23.44
N ASN E 150 -6.01 29.73 24.13
CA ASN E 150 -5.72 31.16 23.96
C ASN E 150 -5.24 31.46 22.55
N ALA E 151 -4.47 30.55 21.94
CA ALA E 151 -4.01 30.74 20.57
C ALA E 151 -5.19 30.82 19.62
N PHE E 152 -6.13 29.90 19.76
CA PHE E 152 -7.31 29.88 18.89
C PHE E 152 -8.15 31.13 19.12
N GLY E 153 -8.28 31.55 20.38
CA GLY E 153 -9.04 32.76 20.66
C GLY E 153 -8.42 33.99 20.05
N ALA E 154 -7.11 34.16 20.22
CA ALA E 154 -6.42 35.30 19.65
C ALA E 154 -6.35 35.22 18.13
N CYS E 155 -6.58 34.05 17.55
CA CYS E 155 -6.66 33.93 16.10
C CYS E 155 -7.79 34.75 15.52
N PHE E 156 -8.82 35.07 16.32
CA PHE E 156 -9.98 35.82 15.87
C PHE E 156 -10.09 37.18 16.56
N TRP E 157 -8.95 37.85 16.73
CA TRP E 157 -8.89 39.22 17.26
C TRP E 157 -9.51 39.31 18.66
N ALA E 158 -8.94 38.53 19.57
CA ALA E 158 -9.40 38.55 20.96
C ALA E 158 -8.31 38.90 21.96
N ILE E 159 -7.11 38.33 21.79
CA ILE E 159 -6.00 38.54 22.70
C ILE E 159 -4.80 39.04 21.91
N LYS E 160 -4.05 39.97 22.49
CA LYS E 160 -2.82 40.43 21.86
C LYS E 160 -1.85 39.27 21.77
N PRO E 161 -1.38 38.90 20.57
CA PRO E 161 -0.60 37.67 20.43
C PRO E 161 0.85 37.86 20.85
N THR E 162 1.34 36.95 21.68
CA THR E 162 2.75 36.89 22.04
C THR E 162 3.46 35.95 21.08
N PHE E 163 4.70 35.58 21.39
CA PHE E 163 5.44 34.66 20.54
C PHE E 163 4.86 33.24 20.63
N ALA E 164 4.57 32.79 21.84
CA ALA E 164 4.08 31.43 22.03
C ALA E 164 2.67 31.22 21.51
N THR E 165 1.92 32.30 21.24
CA THR E 165 0.56 32.20 20.77
C THR E 165 0.41 32.58 19.29
N GLU E 166 1.51 32.68 18.56
CA GLU E 166 1.47 33.04 17.14
C GLU E 166 1.11 31.80 16.33
N GLY E 167 1.27 31.89 15.01
CA GLY E 167 0.97 30.78 14.14
C GLY E 167 2.16 29.86 13.94
N LYS E 168 2.56 29.62 12.71
CA LYS E 168 3.74 28.82 12.40
C LYS E 168 4.88 29.77 12.05
N CYS E 169 5.99 29.65 12.77
CA CYS E 169 7.09 30.59 12.62
C CYS E 169 8.37 29.91 13.08
N ASN E 170 9.50 30.58 12.82
CA ASN E 170 10.81 30.13 13.25
C ASN E 170 11.68 31.34 13.48
N VAL E 171 12.09 31.58 14.73
CA VAL E 171 12.87 32.76 15.06
C VAL E 171 14.19 32.72 14.30
N VAL E 172 14.48 33.81 13.59
CA VAL E 172 15.69 33.88 12.77
C VAL E 172 16.80 34.69 13.43
N ARG E 173 16.46 35.56 14.39
CA ARG E 173 17.44 36.43 15.01
C ARG E 173 16.80 37.12 16.20
N ALA E 174 17.58 37.30 17.27
CA ALA E 174 17.09 38.00 18.45
C ALA E 174 18.05 39.11 18.84
N THR E 175 17.81 39.74 19.98
CA THR E 175 18.65 40.81 20.51
C THR E 175 18.27 41.00 21.98
N ASP E 176 18.79 42.07 22.60
CA ASP E 176 18.54 42.30 24.02
C ASP E 176 17.05 42.47 24.31
N ASP E 177 16.36 43.27 23.50
CA ASP E 177 14.93 43.49 23.64
C ASP E 177 14.25 43.25 22.31
N SER E 178 13.11 42.56 22.34
CA SER E 178 12.30 42.25 21.17
C SER E 178 12.99 41.26 20.24
N MET E 179 12.22 40.64 19.34
CA MET E 179 12.74 39.64 18.42
C MET E 179 12.19 39.92 17.02
N ILE E 180 12.76 39.24 16.04
CA ILE E 180 12.30 39.31 14.65
C ILE E 180 12.05 37.90 14.16
N LEU E 181 10.91 37.68 13.54
CA LEU E 181 10.50 36.36 13.05
C LEU E 181 10.27 36.42 11.55
N GLU E 182 10.38 35.25 10.91
CA GLU E 182 10.16 35.12 9.48
C GLU E 182 9.00 34.16 9.22
N PHE E 183 8.15 34.52 8.27
CA PHE E 183 7.03 33.69 7.86
C PHE E 183 7.30 33.16 6.46
N GLN E 184 6.52 32.16 6.07
CA GLN E 184 6.67 31.50 4.78
C GLN E 184 5.30 31.28 4.17
N PRO E 185 5.22 31.14 2.85
CA PRO E 185 3.93 30.88 2.21
C PRO E 185 3.32 29.58 2.70
N VAL E 186 2.00 29.59 2.87
CA VAL E 186 1.27 28.41 3.34
C VAL E 186 1.16 27.42 2.17
N PRO E 187 1.30 26.12 2.41
CA PRO E 187 1.22 25.15 1.30
C PRO E 187 -0.11 25.20 0.57
N GLU E 188 -0.13 24.55 -0.59
CA GLU E 188 -1.25 24.71 -1.53
C GLU E 188 -2.55 24.17 -0.94
N TYR E 189 -2.52 22.97 -0.37
CA TYR E 189 -3.74 22.32 0.07
C TYR E 189 -4.29 22.89 1.38
N PHE E 190 -3.75 24.01 1.85
CA PHE E 190 -4.36 24.81 2.89
C PHE E 190 -4.83 26.18 2.39
N ARG E 191 -4.42 26.59 1.21
CA ARG E 191 -4.67 27.96 0.75
C ARG E 191 -6.15 28.19 0.47
N CYS E 192 -6.64 29.36 0.90
CA CYS E 192 -8.01 29.79 0.62
C CYS E 192 -7.96 31.27 0.27
N GLY E 193 -7.81 31.58 -1.02
CA GLY E 193 -7.76 32.94 -1.50
C GLY E 193 -6.44 33.23 -2.19
N ARG E 194 -6.00 34.49 -2.08
CA ARG E 194 -4.78 34.95 -2.71
C ARG E 194 -3.56 34.42 -1.96
N SER E 195 -2.41 34.51 -2.60
CA SER E 195 -1.14 34.06 -2.04
C SER E 195 -0.29 35.27 -1.64
N LYS E 196 0.53 35.08 -0.61
CA LYS E 196 1.41 36.12 -0.11
C LYS E 196 2.82 35.55 0.04
N ALA E 197 3.81 36.42 -0.15
CA ALA E 197 5.21 36.02 -0.14
C ALA E 197 5.78 36.15 1.26
N THR E 198 7.10 36.04 1.38
CA THR E 198 7.78 36.13 2.66
C THR E 198 7.63 37.53 3.25
N PHE E 199 7.40 37.60 4.55
CA PHE E 199 7.30 38.88 5.25
C PHE E 199 7.58 38.67 6.73
N TYR E 200 8.37 39.57 7.29
CA TYR E 200 8.85 39.46 8.66
C TYR E 200 7.90 40.19 9.62
N LYS E 201 8.32 40.33 10.87
CA LYS E 201 7.54 41.03 11.89
C LYS E 201 8.49 41.44 13.02
N LEU E 202 7.91 41.94 14.11
CA LEU E 202 8.69 42.37 15.27
C LEU E 202 7.76 42.50 16.46
N TYR E 203 8.21 42.01 17.61
CA TYR E 203 7.41 42.01 18.83
C TYR E 203 8.20 42.63 19.97
N PRO E 204 7.83 43.81 20.45
CA PRO E 204 8.51 44.37 21.63
C PRO E 204 8.39 43.43 22.82
N LEU E 205 9.44 43.42 23.65
CA LEU E 205 9.57 42.38 24.65
C LEU E 205 8.58 42.56 25.81
N SER E 206 8.77 43.60 26.62
CA SER E 206 7.83 43.86 27.72
C SER E 206 7.15 45.21 27.60
N ASP E 207 7.88 46.31 27.68
CA ASP E 207 7.28 47.64 27.53
C ASP E 207 8.11 48.65 26.76
N GLU E 208 9.42 48.51 26.67
CA GLU E 208 10.27 49.60 26.24
C GLU E 208 10.44 49.62 24.72
N GLN E 209 10.69 50.81 24.20
CA GLN E 209 10.91 50.96 22.76
C GLN E 209 12.23 50.31 22.36
N PRO E 210 12.25 49.48 21.34
CA PRO E 210 13.51 48.86 20.91
C PRO E 210 14.48 49.89 20.34
N VAL E 211 15.77 49.59 20.47
CA VAL E 211 16.84 50.46 19.99
C VAL E 211 17.59 49.83 18.81
N ASN E 212 18.02 48.58 18.97
CA ASN E 212 18.67 47.86 17.89
C ASN E 212 17.70 47.10 17.01
N GLY E 213 16.44 46.98 17.42
CA GLY E 213 15.46 46.26 16.61
C GLY E 213 15.23 46.93 15.27
N MET E 214 15.19 48.26 15.25
CA MET E 214 15.02 48.97 13.99
C MET E 214 16.19 48.70 13.04
N LEU E 215 17.42 48.74 13.56
CA LEU E 215 18.58 48.45 12.72
C LEU E 215 18.54 47.02 12.20
N ALA E 216 18.20 46.06 13.07
CA ALA E 216 18.13 44.66 12.64
C ALA E 216 17.09 44.47 11.55
N LEU E 217 15.90 45.05 11.75
CA LEU E 217 14.84 44.91 10.75
C LEU E 217 15.23 45.58 9.44
N LYS E 218 15.85 46.76 9.51
CA LYS E 218 16.30 47.44 8.30
C LYS E 218 17.32 46.60 7.55
N ALA E 219 18.22 45.94 8.29
CA ALA E 219 19.15 45.01 7.66
C ALA E 219 18.41 43.84 7.01
N VAL E 220 17.37 43.34 7.66
CA VAL E 220 16.67 42.16 7.16
C VAL E 220 15.68 42.53 6.06
N ALA E 221 14.89 43.59 6.28
CA ALA E 221 13.80 43.90 5.36
C ALA E 221 14.32 44.22 3.96
N GLY E 222 15.38 45.04 3.87
CA GLY E 222 15.91 45.44 2.59
C GLY E 222 14.91 46.27 1.80
N ASN E 223 14.35 45.70 0.75
CA ASN E 223 13.32 46.34 -0.07
C ASN E 223 11.96 45.88 0.46
N GLN E 224 11.35 46.70 1.30
CA GLN E 224 10.06 46.37 1.91
C GLN E 224 9.44 47.67 2.42
N PHE E 225 8.37 47.54 3.19
CA PHE E 225 7.67 48.69 3.75
C PHE E 225 7.29 48.40 5.19
N PHE E 226 7.06 49.47 5.95
CA PHE E 226 6.72 49.38 7.36
C PHE E 226 5.27 49.78 7.58
N MET E 227 4.68 49.28 8.66
CA MET E 227 3.29 49.56 8.98
C MET E 227 3.06 49.25 10.46
N TYR E 228 1.89 49.67 10.95
CA TYR E 228 1.50 49.46 12.34
C TYR E 228 0.06 48.96 12.39
N HIS E 229 -0.25 47.94 11.59
CA HIS E 229 -1.56 47.31 11.64
C HIS E 229 -1.82 46.75 13.03
N GLY E 230 -3.00 47.05 13.57
CA GLY E 230 -3.30 46.63 14.93
C GLY E 230 -2.44 47.36 15.94
N HIS E 231 -2.19 46.70 17.07
CA HIS E 231 -1.37 47.26 18.13
C HIS E 231 -0.40 46.19 18.64
N GLY E 232 0.83 46.60 18.89
CA GLY E 232 1.84 45.71 19.43
C GLY E 232 2.71 45.01 18.41
N HIS E 233 2.67 45.40 17.14
CA HIS E 233 3.47 44.77 16.11
C HIS E 233 3.94 45.83 15.12
N ILE E 234 5.01 45.50 14.39
CA ILE E 234 5.49 46.30 13.27
C ILE E 234 5.61 45.33 12.10
N ARG E 235 4.55 45.21 11.31
CA ARG E 235 4.55 44.27 10.20
C ARG E 235 5.25 44.88 8.99
N THR E 236 5.67 44.00 8.08
CA THR E 236 6.29 44.42 6.83
C THR E 236 5.58 43.73 5.67
N VAL E 237 5.29 44.50 4.63
CA VAL E 237 4.59 43.97 3.45
C VAL E 237 5.36 44.39 2.21
N PRO E 238 5.22 43.62 1.13
CA PRO E 238 5.82 44.04 -0.14
C PRO E 238 5.12 45.26 -0.71
N TYR E 239 5.80 45.93 -1.64
CA TYR E 239 5.29 47.18 -2.19
C TYR E 239 3.97 46.97 -2.93
N HIS E 240 3.85 45.87 -3.68
CA HIS E 240 2.66 45.65 -4.48
C HIS E 240 1.42 45.48 -3.60
N GLU E 241 1.47 44.52 -2.67
CA GLU E 241 0.29 44.20 -1.86
C GLU E 241 -0.15 45.39 -1.01
N LEU E 242 0.75 46.34 -0.74
CA LEU E 242 0.37 47.53 0.00
C LEU E 242 -0.80 48.24 -0.64
N ALA E 243 -0.93 48.13 -1.96
CA ALA E 243 -2.11 48.66 -2.66
C ALA E 243 -3.38 48.21 -1.96
N ASP E 244 -3.57 46.89 -1.84
CA ASP E 244 -4.76 46.38 -1.17
C ASP E 244 -4.85 46.89 0.26
N ALA E 245 -3.71 47.09 0.92
CA ALA E 245 -3.73 47.59 2.29
C ALA E 245 -4.46 48.94 2.38
N ILE E 246 -4.30 49.78 1.35
CA ILE E 246 -4.98 51.07 1.37
C ILE E 246 -6.49 50.87 1.44
N LYS E 247 -7.01 49.87 0.73
CA LYS E 247 -8.43 49.55 0.84
C LYS E 247 -8.79 49.18 2.27
N SER E 248 -7.95 48.37 2.92
CA SER E 248 -8.16 48.04 4.31
C SER E 248 -8.08 49.27 5.21
N TYR E 249 -7.39 50.31 4.77
CA TYR E 249 -7.34 51.55 5.53
C TYR E 249 -8.59 52.40 5.35
N ALA E 250 -9.41 52.10 4.34
CA ALA E 250 -10.62 52.88 4.13
C ALA E 250 -11.68 52.56 5.18
N ARG E 251 -11.81 51.29 5.53
CA ARG E 251 -12.87 50.86 6.45
C ARG E 251 -12.55 51.15 7.91
N LYS E 252 -11.34 51.63 8.21
CA LYS E 252 -10.97 51.90 9.60
C LYS E 252 -11.80 53.05 10.16
N ASP E 253 -12.17 52.93 11.43
CA ASP E 253 -12.99 53.94 12.09
C ASP E 253 -12.15 55.13 12.52
N LYS E 254 -12.82 56.28 12.68
CA LYS E 254 -12.13 57.49 13.10
C LYS E 254 -11.55 57.36 14.49
N GLU E 255 -12.31 56.77 15.42
CA GLU E 255 -11.82 56.59 16.78
C GLU E 255 -10.62 55.65 16.82
N THR E 256 -10.68 54.57 16.05
CA THR E 256 -9.56 53.64 15.99
C THR E 256 -8.31 54.31 15.42
N LEU E 257 -8.47 55.11 14.37
CA LEU E 257 -7.33 55.82 13.79
C LEU E 257 -6.76 56.83 14.78
N GLU E 258 -7.63 57.53 15.52
CA GLU E 258 -7.16 58.48 16.52
C GLU E 258 -6.38 57.77 17.62
N SER E 259 -6.88 56.61 18.07
CA SER E 259 -6.17 55.85 19.09
C SER E 259 -4.82 55.37 18.58
N ILE E 260 -4.77 54.93 17.31
CA ILE E 260 -3.51 54.48 16.72
C ILE E 260 -2.51 55.62 16.66
N SER E 261 -2.96 56.81 16.25
CA SER E 261 -2.06 57.93 16.09
C SER E 261 -1.49 58.43 17.42
N LYS E 262 -2.11 58.07 18.54
CA LYS E 262 -1.69 58.53 19.86
C LYS E 262 -0.78 57.54 20.58
N SER E 263 0.02 56.78 19.84
CA SER E 263 0.90 55.78 20.42
C SER E 263 2.34 56.06 20.05
N PRO E 264 3.26 56.09 21.02
CA PRO E 264 4.68 56.29 20.69
C PRO E 264 5.24 55.18 19.80
N LEU E 265 4.74 53.96 19.94
CA LEU E 265 5.20 52.87 19.09
C LEU E 265 4.84 53.15 17.63
N ALA E 266 3.73 53.84 17.39
CA ALA E 266 3.39 54.26 16.03
C ALA E 266 4.42 55.24 15.49
N ALA E 267 4.89 56.16 16.34
CA ALA E 267 5.92 57.11 15.90
C ALA E 267 7.26 56.43 15.69
N GLN E 268 7.52 55.33 16.41
CA GLN E 268 8.82 54.68 16.36
C GLN E 268 9.09 53.99 15.03
N CYS E 269 8.05 53.66 14.26
CA CYS E 269 8.24 52.81 13.08
C CYS E 269 9.16 53.46 12.05
N GLY E 270 8.98 54.74 11.78
CA GLY E 270 9.81 55.39 10.78
C GLY E 270 9.41 56.82 10.43
N SER E 271 9.45 57.14 9.15
CA SER E 271 9.11 58.48 8.67
C SER E 271 7.95 58.48 7.67
N LYS E 272 7.98 57.59 6.69
CA LYS E 272 6.97 57.61 5.63
C LYS E 272 5.60 57.18 6.15
N PHE E 273 5.57 56.34 7.19
CA PHE E 273 4.29 55.85 7.70
C PHE E 273 3.45 56.99 8.26
N LEU E 274 4.08 57.94 8.96
CA LEU E 274 3.34 59.10 9.46
C LEU E 274 2.81 59.95 8.32
N ASP E 275 3.60 60.09 7.24
CA ASP E 275 3.12 60.82 6.07
C ASP E 275 1.91 60.13 5.45
N MET E 276 1.94 58.80 5.36
CA MET E 276 0.80 58.07 4.82
C MET E 276 -0.42 58.23 5.72
N LEU E 277 -0.22 58.18 7.04
CA LEU E 277 -1.33 58.37 7.97
C LEU E 277 -1.94 59.76 7.83
N ASP E 278 -1.09 60.79 7.69
CA ASP E 278 -1.59 62.14 7.46
C ASP E 278 -2.35 62.23 6.14
N GLY E 279 -1.86 61.54 5.11
CA GLY E 279 -2.56 61.54 3.83
C GLY E 279 -3.94 60.91 3.93
N ILE E 280 -4.04 59.78 4.61
CA ILE E 280 -5.36 59.15 4.77
C ILE E 280 -6.25 59.97 5.68
N ARG E 281 -5.66 60.73 6.62
CA ARG E 281 -6.44 61.64 7.44
C ARG E 281 -6.91 62.85 6.65
N SER E 282 -6.23 63.20 5.56
CA SER E 282 -6.63 64.34 4.74
C SER E 282 -7.94 64.10 4.00
N LYS E 283 -8.39 62.85 3.92
CA LYS E 283 -9.65 62.49 3.27
C LYS E 283 -9.66 62.88 1.79
N GLN E 284 -8.50 62.84 1.15
CA GLN E 284 -8.39 63.11 -0.28
C GLN E 284 -8.53 61.79 -1.04
N LYS E 285 -8.27 61.82 -2.35
CA LYS E 285 -8.32 60.60 -3.14
C LYS E 285 -7.21 59.65 -2.73
N ILE E 286 -7.49 58.35 -2.85
CA ILE E 286 -6.61 57.34 -2.28
C ILE E 286 -5.48 56.98 -3.25
N GLU E 287 -5.80 56.85 -4.54
CA GLU E 287 -4.84 56.32 -5.49
C GLU E 287 -3.63 57.24 -5.66
N ASP E 288 -3.87 58.53 -5.85
CA ASP E 288 -2.76 59.46 -6.11
C ASP E 288 -1.82 59.56 -4.92
N VAL E 289 -2.39 59.71 -3.72
CA VAL E 289 -1.57 59.80 -2.52
C VAL E 289 -0.84 58.49 -2.28
N ILE E 290 -1.50 57.36 -2.59
CA ILE E 290 -0.88 56.06 -2.42
C ILE E 290 0.34 55.91 -3.31
N LEU E 291 0.21 56.32 -4.58
CA LEU E 291 1.36 56.25 -5.48
C LEU E 291 2.44 57.25 -5.09
N LYS E 292 2.05 58.42 -4.57
CA LYS E 292 3.04 59.38 -4.10
C LYS E 292 3.86 58.81 -2.94
N ALA E 293 3.19 58.13 -2.00
CA ALA E 293 3.90 57.51 -0.89
C ALA E 293 4.61 56.22 -1.31
N LYS E 294 4.25 55.65 -2.46
CA LYS E 294 4.84 54.41 -2.93
C LYS E 294 6.02 54.63 -3.87
N ILE E 295 6.44 55.87 -4.09
CA ILE E 295 7.58 56.12 -4.94
C ILE E 295 8.84 55.50 -4.34
N PHE E 296 9.73 55.01 -5.19
CA PHE E 296 10.96 54.37 -4.77
C PHE E 296 12.10 55.38 -4.89
N GLU E 297 12.59 55.84 -3.73
CA GLU E 297 13.66 56.82 -3.71
C GLU E 297 15.00 56.18 -4.09
N MET F 1 38.68 12.40 17.33
CA MET F 1 38.61 10.94 17.37
C MET F 1 37.16 10.45 17.34
N THR F 2 36.83 9.54 18.25
CA THR F 2 35.48 9.01 18.34
C THR F 2 34.54 10.09 18.85
N GLN F 3 33.66 10.59 17.98
CA GLN F 3 32.74 11.65 18.37
C GLN F 3 31.79 11.18 19.46
N SER F 4 31.45 12.10 20.36
CA SER F 4 30.57 11.80 21.48
C SER F 4 29.28 12.59 21.36
N VAL F 5 28.17 11.95 21.72
CA VAL F 5 26.85 12.57 21.67
C VAL F 5 26.42 12.85 23.10
N SER F 6 26.21 14.12 23.42
CA SER F 6 25.84 14.51 24.77
C SER F 6 24.39 14.12 25.08
N LEU F 7 24.06 14.14 26.37
CA LEU F 7 22.70 13.85 26.80
C LEU F 7 21.75 14.97 26.45
N SER F 8 22.22 16.23 26.54
CA SER F 8 21.35 17.37 26.27
C SER F 8 20.90 17.43 24.83
N ASP F 9 21.63 16.82 23.90
CA ASP F 9 21.19 16.80 22.51
C ASP F 9 19.94 15.95 22.30
N PHE F 10 19.54 15.17 23.30
CA PHE F 10 18.33 14.37 23.24
C PHE F 10 17.19 14.93 24.08
N ILE F 11 17.49 15.55 25.22
CA ILE F 11 16.46 15.98 26.16
C ILE F 11 17.09 16.99 27.11
N VAL F 12 16.34 18.05 27.42
CA VAL F 12 16.80 19.08 28.35
C VAL F 12 15.73 19.29 29.41
N LYS F 13 16.17 19.83 30.54
CA LYS F 13 15.28 20.10 31.66
C LYS F 13 14.37 21.29 31.33
N THR F 14 13.21 21.32 31.99
CA THR F 14 12.25 22.40 31.84
C THR F 14 11.68 22.72 33.22
N GLU F 15 10.58 23.45 33.24
CA GLU F 15 9.98 23.87 34.51
C GLU F 15 9.57 22.67 35.34
N ASP F 16 8.61 21.88 34.84
CA ASP F 16 8.18 20.66 35.52
C ASP F 16 8.52 19.42 34.71
N GLY F 17 8.06 19.33 33.47
CA GLY F 17 8.23 18.14 32.65
C GLY F 17 9.31 18.33 31.60
N TYR F 18 10.13 17.30 31.43
CA TYR F 18 11.18 17.34 30.43
C TYR F 18 10.59 17.46 29.02
N MET F 19 11.29 18.15 28.14
CA MET F 19 10.80 18.47 26.82
C MET F 19 11.83 18.05 25.78
N PRO F 20 11.38 17.69 24.57
CA PRO F 20 12.35 17.41 23.50
C PRO F 20 13.13 18.66 23.13
N SER F 21 14.33 18.45 22.62
CA SER F 21 15.29 19.53 22.36
C SER F 21 15.49 19.71 20.87
N ASP F 22 15.45 20.97 20.43
CA ASP F 22 15.63 21.32 19.03
C ASP F 22 16.95 22.07 18.88
N ARG F 23 17.83 21.56 18.02
CA ARG F 23 19.10 22.20 17.71
C ARG F 23 19.04 23.04 16.44
N GLU F 24 17.84 23.32 15.94
CA GLU F 24 17.70 24.06 14.68
C GLU F 24 18.24 25.48 14.83
N CYS F 25 17.94 26.15 15.94
CA CYS F 25 18.30 27.53 16.14
C CYS F 25 19.11 27.68 17.42
N VAL F 26 20.01 28.67 17.42
CA VAL F 26 20.83 28.98 18.58
C VAL F 26 20.76 30.45 18.97
N ALA F 27 19.92 31.25 18.32
CA ALA F 27 19.84 32.66 18.64
C ALA F 27 19.20 32.92 20.00
N LEU F 28 18.29 32.04 20.43
CA LEU F 28 17.58 32.25 21.68
C LEU F 28 18.46 32.06 22.91
N ASP F 29 19.69 31.56 22.74
CA ASP F 29 20.54 31.24 23.88
C ASP F 29 21.05 32.46 24.62
N ARG F 30 20.83 33.67 24.09
CA ARG F 30 21.35 34.87 24.75
C ARG F 30 20.76 35.05 26.14
N TYR F 31 19.45 34.83 26.28
CA TYR F 31 18.80 34.94 27.58
C TYR F 31 19.11 33.73 28.44
N LEU F 32 19.08 33.94 29.76
CA LEU F 32 19.38 32.87 30.72
C LEU F 32 18.81 33.27 32.07
N SER F 33 19.03 32.41 33.06
CA SER F 33 18.59 32.65 34.43
C SER F 33 19.78 33.06 35.29
N LYS F 34 19.46 33.54 36.50
CA LYS F 34 20.51 34.06 37.38
C LYS F 34 21.51 32.98 37.75
N GLU F 35 21.03 31.83 38.23
CA GLU F 35 21.93 30.72 38.53
C GLU F 35 22.63 30.24 37.26
N GLN F 36 21.90 30.19 36.15
CA GLN F 36 22.48 29.73 34.90
C GLN F 36 23.63 30.63 34.46
N LYS F 37 23.43 31.95 34.51
CA LYS F 37 24.49 32.86 34.10
C LYS F 37 25.65 32.84 35.09
N GLU F 38 25.36 32.70 36.39
CA GLU F 38 26.43 32.62 37.38
C GLU F 38 27.31 31.40 37.12
N LEU F 39 26.70 30.24 36.89
CA LEU F 39 27.47 29.03 36.61
C LEU F 39 28.20 29.14 35.28
N ARG F 40 27.59 29.77 34.28
CA ARG F 40 28.28 29.98 33.01
C ARG F 40 29.53 30.83 33.19
N GLU F 41 29.42 31.91 33.96
CA GLU F 41 30.56 32.77 34.22
C GLU F 41 31.65 32.03 34.98
N THR F 42 31.27 31.25 35.99
CA THR F 42 32.26 30.49 36.74
C THR F 42 32.95 29.46 35.85
N PHE F 43 32.20 28.78 34.99
CA PHE F 43 32.79 27.81 34.07
C PHE F 43 33.76 28.48 33.10
N LYS F 44 33.39 29.64 32.56
CA LYS F 44 34.26 30.33 31.64
C LYS F 44 35.47 30.95 32.34
N ASP F 45 35.38 31.21 33.63
CA ASP F 45 36.46 31.88 34.35
C ASP F 45 37.74 31.05 34.35
N GLY F 46 37.70 29.86 34.97
CA GLY F 46 38.89 29.07 35.15
C GLY F 46 38.58 27.58 35.06
N LYS F 47 39.65 26.79 34.92
CA LYS F 47 39.54 25.34 34.79
C LYS F 47 39.54 24.72 36.17
N ASN F 48 38.34 24.52 36.72
CA ASN F 48 38.16 23.93 38.06
C ASN F 48 37.00 22.94 38.00
N ASP F 49 37.31 21.68 37.77
CA ASP F 49 36.35 20.59 37.79
C ASP F 49 35.19 20.86 36.82
N ARG F 50 35.55 20.86 35.53
CA ARG F 50 34.57 21.20 34.49
C ARG F 50 33.41 20.21 34.48
N SER F 51 33.70 18.91 34.69
CA SER F 51 32.64 17.91 34.62
C SER F 51 31.59 18.11 35.71
N ALA F 52 32.04 18.40 36.94
CA ALA F 52 31.09 18.64 38.02
C ALA F 52 30.23 19.87 37.74
N LEU F 53 30.85 20.93 37.21
CA LEU F 53 30.09 22.12 36.83
C LEU F 53 29.07 21.81 35.75
N ARG F 54 29.45 20.98 34.77
CA ARG F 54 28.51 20.58 33.73
C ARG F 54 27.33 19.81 34.30
N ILE F 55 27.61 18.88 35.21
CA ILE F 55 26.54 18.11 35.84
C ILE F 55 25.61 19.03 36.61
N LYS F 56 26.18 19.99 37.34
CA LYS F 56 25.36 20.97 38.06
C LYS F 56 24.52 21.79 37.09
N MET F 57 25.10 22.14 35.94
CA MET F 57 24.36 22.90 34.92
C MET F 57 23.17 22.11 34.41
N PHE F 58 23.36 20.82 34.13
CA PHE F 58 22.30 20.01 33.54
C PHE F 58 21.13 19.80 34.49
N LEU F 59 21.32 20.01 35.79
CA LEU F 59 20.29 19.73 36.78
C LEU F 59 19.52 20.97 37.22
N SER F 60 19.67 22.09 36.51
CA SER F 60 18.91 23.28 36.84
C SER F 60 17.81 23.51 35.81
N PRO F 61 16.63 23.98 36.23
CA PRO F 61 15.53 24.18 35.29
C PRO F 61 15.81 25.29 34.28
N SER F 62 14.87 25.52 33.38
CA SER F 62 15.01 26.54 32.36
C SER F 62 13.79 27.45 32.35
N PRO F 63 13.95 28.71 32.00
CA PRO F 63 12.81 29.64 31.96
C PRO F 63 11.94 29.40 30.74
N SER F 64 10.79 30.08 30.75
CA SER F 64 9.84 29.98 29.63
C SER F 64 10.25 30.80 28.42
N ARG F 65 11.26 31.66 28.55
CA ARG F 65 11.69 32.47 27.42
C ARG F 65 12.37 31.64 26.34
N ARG F 66 12.95 30.50 26.73
CA ARG F 66 13.67 29.67 25.78
C ARG F 66 12.77 28.75 24.98
N PHE F 67 11.47 28.70 25.28
CA PHE F 67 10.57 27.83 24.56
C PHE F 67 10.39 28.29 23.12
N THR F 68 10.32 27.32 22.20
CA THR F 68 9.98 27.60 20.81
C THR F 68 8.79 26.75 20.40
N GLN F 69 8.43 26.77 19.12
CA GLN F 69 7.31 25.96 18.67
C GLN F 69 7.63 24.47 18.73
N HIS F 70 8.79 24.07 18.21
CA HIS F 70 9.15 22.66 18.20
C HIS F 70 9.45 22.14 19.60
N GLY F 71 10.27 22.88 20.35
CA GLY F 71 10.69 22.43 21.67
C GLY F 71 11.46 23.48 22.44
N VAL F 72 12.54 23.06 23.11
CA VAL F 72 13.33 23.93 23.95
C VAL F 72 14.78 23.90 23.46
N VAL F 73 15.38 25.09 23.37
CA VAL F 73 16.79 25.22 22.97
C VAL F 73 17.67 24.86 24.17
N PRO F 74 18.71 24.06 23.98
CA PRO F 74 19.62 23.74 25.08
C PRO F 74 20.63 24.86 25.30
N MET F 75 21.54 24.63 26.24
CA MET F 75 22.61 25.58 26.50
C MET F 75 23.74 25.40 25.49
N ARG F 76 24.61 26.40 25.42
CA ARG F 76 25.75 26.36 24.51
C ARG F 76 26.94 25.60 25.06
N GLU F 77 26.88 25.14 26.31
CA GLU F 77 28.00 24.44 26.92
C GLU F 77 27.82 22.93 26.99
N ILE F 78 26.60 22.43 26.82
CA ILE F 78 26.35 20.99 26.93
C ILE F 78 25.77 20.48 25.62
N LYS F 79 26.14 21.11 24.51
CA LYS F 79 25.63 20.75 23.19
C LYS F 79 26.80 20.49 22.25
N THR F 80 26.69 19.42 21.47
CA THR F 80 27.72 19.03 20.52
C THR F 80 27.40 19.60 19.14
N ASN F 81 28.21 19.22 18.15
CA ASN F 81 28.06 19.69 16.78
C ASN F 81 28.21 18.52 15.80
N THR F 82 27.72 17.35 16.19
CA THR F 82 27.77 16.17 15.34
C THR F 82 26.34 15.75 14.95
N ASP F 83 26.18 15.42 13.68
CA ASP F 83 24.87 15.01 13.17
C ASP F 83 24.61 13.54 13.45
N ILE F 84 23.35 13.23 13.72
CA ILE F 84 22.93 11.87 14.05
C ILE F 84 21.72 11.50 13.21
N PRO F 85 21.51 10.22 12.90
CA PRO F 85 20.34 9.84 12.10
C PRO F 85 19.03 10.17 12.81
N SER F 86 18.00 10.47 12.01
CA SER F 86 16.72 10.87 12.57
C SER F 86 16.08 9.73 13.36
N THR F 87 16.17 8.51 12.86
CA THR F 87 15.52 7.38 13.51
C THR F 87 16.04 7.16 14.92
N LEU F 88 17.36 7.24 15.09
CA LEU F 88 17.95 7.06 16.41
C LEU F 88 17.44 8.11 17.39
N TRP F 89 17.46 9.37 16.98
CA TRP F 89 16.98 10.45 17.84
C TRP F 89 15.52 10.26 18.20
N THR F 90 14.68 9.95 17.20
CA THR F 90 13.26 9.78 17.44
C THR F 90 13.01 8.65 18.43
N LEU F 91 13.64 7.50 18.21
CA LEU F 91 13.39 6.35 19.07
C LEU F 91 13.85 6.62 20.50
N VAL F 92 15.06 7.16 20.67
CA VAL F 92 15.58 7.39 22.01
C VAL F 92 14.74 8.42 22.74
N THR F 93 14.41 9.53 22.06
CA THR F 93 13.61 10.57 22.71
C THR F 93 12.23 10.03 23.07
N ASP F 94 11.60 9.27 22.18
CA ASP F 94 10.26 8.74 22.46
C ASP F 94 10.29 7.82 23.68
N TRP F 95 11.24 6.88 23.71
CA TRP F 95 11.29 5.95 24.85
C TRP F 95 11.59 6.70 26.15
N LEU F 96 12.56 7.62 26.11
CA LEU F 96 12.97 8.30 27.32
C LEU F 96 11.85 9.17 27.86
N LEU F 97 11.10 9.84 26.98
CA LEU F 97 9.97 10.64 27.44
C LEU F 97 8.81 9.78 27.89
N ASN F 98 8.66 8.58 27.31
CA ASN F 98 7.65 7.65 27.80
C ASN F 98 7.95 7.19 29.20
N LEU F 99 9.23 6.96 29.52
CA LEU F 99 9.59 6.50 30.85
C LEU F 99 9.44 7.61 31.90
N LEU F 100 9.58 8.87 31.48
CA LEU F 100 9.68 10.00 32.40
C LEU F 100 8.33 10.57 32.82
N GLN F 101 7.25 9.81 32.69
CA GLN F 101 5.93 10.27 33.12
C GLN F 101 5.62 9.81 34.53
N ASP F 102 6.47 10.17 35.50
CA ASP F 102 6.27 9.80 36.89
C ASP F 102 7.22 10.62 37.76
N GLU F 103 6.68 11.17 38.85
CA GLU F 103 7.51 11.91 39.79
C GLU F 103 8.54 11.02 40.46
N GLU F 104 8.13 9.81 40.86
CA GLU F 104 9.07 8.87 41.46
C GLU F 104 10.15 8.46 40.47
N ASN F 105 9.77 8.24 39.21
CA ASN F 105 10.77 7.94 38.18
C ASN F 105 11.68 9.14 37.94
N GLN F 106 11.15 10.36 38.04
CA GLN F 106 11.98 11.55 37.95
C GLN F 106 13.03 11.57 39.05
N GLU F 107 12.60 11.29 40.29
CA GLU F 107 13.54 11.26 41.41
C GLU F 107 14.57 10.17 41.23
N MET F 108 14.15 9.01 40.72
CA MET F 108 15.10 7.92 40.47
C MET F 108 16.12 8.32 39.42
N PHE F 109 15.68 8.98 38.34
CA PHE F 109 16.60 9.43 37.30
C PHE F 109 17.59 10.43 37.86
N GLU F 110 17.12 11.38 38.67
CA GLU F 110 18.03 12.36 39.26
C GLU F 110 19.04 11.68 40.19
N ASP F 111 18.58 10.72 41.00
CA ASP F 111 19.49 10.01 41.88
C ASP F 111 20.54 9.25 41.09
N PHE F 112 20.14 8.59 40.00
CA PHE F 112 21.09 7.87 39.18
C PHE F 112 22.09 8.81 38.52
N ILE F 113 21.61 9.94 38.00
CA ILE F 113 22.49 10.88 37.30
C ILE F 113 23.47 11.50 38.29
N SER F 114 23.07 11.64 39.55
CA SER F 114 23.98 12.17 40.56
C SER F 114 24.85 11.10 41.20
N SER F 115 24.62 9.82 40.88
CA SER F 115 25.29 8.73 41.59
C SER F 115 26.64 8.37 40.97
N LYS F 116 26.64 7.96 39.71
CA LYS F 116 27.84 7.37 39.11
C LYS F 116 28.22 7.93 37.75
N PHE F 117 27.51 8.93 37.24
CA PHE F 117 27.84 9.46 35.93
C PHE F 117 29.10 10.31 36.02
N PRO F 118 30.18 9.97 35.32
CA PRO F 118 31.40 10.78 35.40
C PRO F 118 31.34 12.00 34.49
N ASP F 119 30.71 11.86 33.33
CA ASP F 119 30.57 12.96 32.39
C ASP F 119 29.36 12.70 31.50
N VAL F 120 28.82 13.78 30.94
CA VAL F 120 27.62 13.68 30.12
C VAL F 120 27.93 12.95 28.81
N LEU F 121 29.09 13.20 28.23
CA LEU F 121 29.40 12.66 26.91
C LEU F 121 29.42 11.14 26.92
N ALA F 122 29.01 10.56 25.80
CA ALA F 122 28.98 9.12 25.63
C ALA F 122 29.31 8.77 24.18
N SER F 123 29.84 7.57 23.98
CA SER F 123 30.25 7.16 22.65
C SER F 123 29.05 6.95 21.74
N ALA F 124 29.23 7.25 20.45
CA ALA F 124 28.12 7.14 19.50
C ALA F 124 27.79 5.69 19.18
N ASP F 125 28.82 4.86 19.00
CA ASP F 125 28.59 3.46 18.65
C ASP F 125 27.88 2.72 19.77
N LYS F 126 28.14 3.09 21.02
CA LYS F 126 27.40 2.50 22.14
C LYS F 126 25.92 2.81 22.02
N LEU F 127 25.59 4.07 21.72
CA LEU F 127 24.19 4.44 21.53
C LEU F 127 23.56 3.69 20.37
N ALA F 128 24.29 3.55 19.26
CA ALA F 128 23.75 2.84 18.11
C ALA F 128 23.47 1.38 18.45
N ARG F 129 24.41 0.71 19.12
CA ARG F 129 24.20 -0.68 19.49
C ARG F 129 23.06 -0.84 20.48
N PHE F 130 22.94 0.09 21.44
CA PHE F 130 21.84 0.02 22.39
C PHE F 130 20.49 0.20 21.70
N ALA F 131 20.42 1.14 20.76
CA ALA F 131 19.17 1.34 20.03
C ALA F 131 18.87 0.18 19.09
N GLN F 132 19.90 -0.57 18.68
CA GLN F 132 19.68 -1.77 17.89
C GLN F 132 18.82 -2.78 18.65
N ARG F 133 19.05 -2.90 19.96
CA ARG F 133 18.31 -3.83 20.80
C ARG F 133 16.94 -3.30 21.21
N LEU F 134 16.68 -2.01 21.03
CA LEU F 134 15.41 -1.42 21.43
C LEU F 134 14.40 -1.31 20.29
N GLU F 135 14.85 -1.40 19.04
CA GLU F 135 13.94 -1.23 17.92
C GLU F 135 13.00 -2.42 17.76
N ASP F 136 13.50 -3.64 17.98
CA ASP F 136 12.71 -4.84 17.77
C ASP F 136 11.79 -5.09 18.96
N ARG F 137 10.60 -5.61 18.67
CA ARG F 137 9.58 -5.78 19.70
C ARG F 137 9.86 -6.96 20.62
N LYS F 138 10.40 -8.06 20.10
CA LYS F 138 10.58 -9.29 20.87
C LYS F 138 11.98 -9.30 21.49
N ASP F 139 12.10 -8.61 22.62
CA ASP F 139 13.32 -8.61 23.41
C ASP F 139 12.93 -8.67 24.88
N VAL F 140 13.89 -8.40 25.76
CA VAL F 140 13.68 -8.53 27.20
C VAL F 140 13.54 -7.15 27.83
N LEU F 141 14.08 -6.12 27.18
CA LEU F 141 14.11 -4.79 27.77
C LEU F 141 12.72 -4.23 27.98
N HIS F 142 11.76 -4.58 27.12
CA HIS F 142 10.42 -4.01 27.24
C HIS F 142 9.75 -4.42 28.54
N LYS F 143 9.90 -5.69 28.94
CA LYS F 143 9.22 -6.17 30.14
C LYS F 143 9.89 -5.65 31.41
N ASN F 144 11.21 -5.64 31.44
CA ASN F 144 11.97 -5.24 32.64
C ASN F 144 12.51 -3.84 32.41
N PHE F 145 11.86 -2.85 33.03
CA PHE F 145 12.32 -1.47 32.89
C PHE F 145 13.65 -1.24 33.59
N SER F 146 13.85 -1.87 34.75
CA SER F 146 15.06 -1.64 35.53
C SER F 146 16.29 -2.10 34.76
N LYS F 147 16.23 -3.29 34.15
CA LYS F 147 17.37 -3.79 33.38
C LYS F 147 17.66 -2.90 32.18
N ALA F 148 16.61 -2.40 31.52
CA ALA F 148 16.80 -1.47 30.42
C ALA F 148 17.49 -0.19 30.89
N MET F 149 17.11 0.31 32.06
CA MET F 149 17.73 1.52 32.57
C MET F 149 19.19 1.27 32.93
N ASN F 150 19.50 0.10 33.49
CA ASN F 150 20.90 -0.26 33.71
C ASN F 150 21.67 -0.30 32.40
N ALA F 151 21.07 -0.88 31.36
CA ALA F 151 21.74 -0.96 30.06
C ALA F 151 22.02 0.42 29.51
N PHE F 152 21.03 1.31 29.57
CA PHE F 152 21.22 2.67 29.06
C PHE F 152 22.26 3.43 29.87
N GLY F 153 22.28 3.24 31.18
CA GLY F 153 23.30 3.90 32.00
C GLY F 153 24.70 3.41 31.67
N ALA F 154 24.88 2.09 31.66
CA ALA F 154 26.18 1.52 31.31
C ALA F 154 26.59 1.86 29.89
N CYS F 155 25.62 2.21 29.03
CA CYS F 155 25.94 2.69 27.70
C CYS F 155 26.77 3.97 27.72
N PHE F 156 26.72 4.72 28.81
CA PHE F 156 27.43 5.98 28.95
C PHE F 156 28.45 5.93 30.08
N TRP F 157 29.12 4.79 30.24
CA TRP F 157 30.19 4.61 31.22
C TRP F 157 29.72 4.89 32.64
N ALA F 158 28.76 4.08 33.10
CA ALA F 158 28.22 4.21 34.44
C ALA F 158 28.50 3.00 35.33
N ILE F 159 28.24 1.80 34.83
CA ILE F 159 28.46 0.57 35.61
C ILE F 159 29.14 -0.45 34.72
N LYS F 160 29.76 -1.45 35.35
CA LYS F 160 30.43 -2.49 34.60
C LYS F 160 29.40 -3.32 33.84
N PRO F 161 29.54 -3.46 32.52
CA PRO F 161 28.52 -4.16 31.75
C PRO F 161 28.68 -5.67 31.84
N THR F 162 27.59 -6.35 32.16
CA THR F 162 27.54 -7.81 32.15
C THR F 162 27.04 -8.27 30.78
N PHE F 163 26.72 -9.56 30.66
CA PHE F 163 26.21 -10.08 29.41
C PHE F 163 24.80 -9.56 29.12
N ALA F 164 23.93 -9.58 30.13
CA ALA F 164 22.56 -9.15 29.93
C ALA F 164 22.42 -7.65 29.72
N THR F 165 23.44 -6.86 30.01
CA THR F 165 23.40 -5.42 29.86
C THR F 165 24.21 -4.93 28.67
N GLU F 166 24.67 -5.83 27.79
CA GLU F 166 25.45 -5.44 26.64
C GLU F 166 24.53 -4.91 25.53
N GLY F 167 25.08 -4.75 24.34
CA GLY F 167 24.30 -4.25 23.22
C GLY F 167 23.61 -5.37 22.47
N LYS F 168 23.84 -5.46 21.17
CA LYS F 168 23.29 -6.54 20.35
C LYS F 168 24.38 -7.56 20.10
N CYS F 169 24.13 -8.81 20.47
CA CYS F 169 25.15 -9.84 20.41
C CYS F 169 24.47 -11.20 20.32
N ASN F 170 25.28 -12.22 20.03
CA ASN F 170 24.82 -13.59 19.96
C ASN F 170 25.96 -14.49 20.39
N VAL F 171 25.79 -15.18 21.53
CA VAL F 171 26.86 -16.02 22.06
C VAL F 171 27.19 -17.11 21.07
N VAL F 172 28.48 -17.22 20.73
CA VAL F 172 28.92 -18.19 19.74
C VAL F 172 29.56 -19.42 20.37
N ARG F 173 30.03 -19.33 21.60
CA ARG F 173 30.73 -20.44 22.26
C ARG F 173 30.92 -20.10 23.72
N ALA F 174 30.79 -21.10 24.59
CA ALA F 174 31.02 -20.92 26.01
C ALA F 174 32.02 -21.94 26.54
N THR F 175 32.21 -21.97 27.84
CA THR F 175 33.11 -22.91 28.51
C THR F 175 32.77 -22.90 29.99
N ASP F 176 33.62 -23.55 30.80
CA ASP F 176 33.33 -23.65 32.23
C ASP F 176 33.27 -22.28 32.90
N ASP F 177 34.24 -21.41 32.58
CA ASP F 177 34.27 -20.05 33.12
C ASP F 177 34.44 -19.07 31.97
N SER F 178 33.67 -17.98 32.01
CA SER F 178 33.71 -16.90 31.02
C SER F 178 33.14 -17.36 29.69
N MET F 179 32.79 -16.40 28.83
CA MET F 179 32.21 -16.68 27.53
C MET F 179 32.89 -15.81 26.47
N ILE F 180 32.63 -16.13 25.20
CA ILE F 180 33.11 -15.35 24.07
C ILE F 180 31.93 -15.00 23.19
N LEU F 181 31.82 -13.72 22.81
CA LEU F 181 30.72 -13.22 22.01
C LEU F 181 31.25 -12.63 20.71
N GLU F 182 30.38 -12.59 19.71
CA GLU F 182 30.71 -12.03 18.41
C GLU F 182 29.79 -10.86 18.10
N PHE F 183 30.38 -9.80 17.55
CA PHE F 183 29.64 -8.62 17.14
C PHE F 183 29.63 -8.53 15.62
N GLN F 184 28.75 -7.68 15.09
CA GLN F 184 28.58 -7.53 13.66
C GLN F 184 28.45 -6.06 13.33
N PRO F 185 28.77 -5.66 12.10
CA PRO F 185 28.61 -4.26 11.72
C PRO F 185 27.16 -3.79 11.85
N VAL F 186 27.01 -2.55 12.31
CA VAL F 186 25.68 -1.97 12.49
C VAL F 186 25.13 -1.57 11.12
N PRO F 187 23.84 -1.77 10.85
CA PRO F 187 23.29 -1.43 9.54
C PRO F 187 23.45 0.04 9.20
N GLU F 188 23.29 0.34 7.91
CA GLU F 188 23.66 1.66 7.39
C GLU F 188 22.79 2.76 8.01
N TYR F 189 21.48 2.55 8.09
CA TYR F 189 20.63 3.64 8.54
C TYR F 189 20.70 3.89 10.07
N PHE F 190 21.64 3.25 10.76
CA PHE F 190 21.99 3.61 12.12
C PHE F 190 23.40 4.20 12.24
N ARG F 191 24.22 4.08 11.21
CA ARG F 191 25.62 4.43 11.31
C ARG F 191 25.81 5.94 11.47
N CYS F 192 26.72 6.31 12.36
CA CYS F 192 27.11 7.73 12.56
C CYS F 192 28.62 7.76 12.74
N GLY F 193 29.34 7.93 11.63
CA GLY F 193 30.79 7.99 11.66
C GLY F 193 31.42 6.87 10.85
N ARG F 194 32.60 6.43 11.29
CA ARG F 194 33.33 5.40 10.59
C ARG F 194 32.69 4.03 10.82
N SER F 195 33.08 3.06 10.00
CA SER F 195 32.58 1.70 10.07
C SER F 195 33.65 0.79 10.66
N LYS F 196 33.20 -0.26 11.35
CA LYS F 196 34.09 -1.24 11.96
C LYS F 196 33.62 -2.64 11.59
N ALA F 197 34.59 -3.55 11.49
CA ALA F 197 34.33 -4.91 11.05
C ALA F 197 34.04 -5.81 12.25
N THR F 198 34.01 -7.11 12.01
CA THR F 198 33.72 -8.08 13.06
C THR F 198 34.83 -8.08 14.11
N PHE F 199 34.43 -8.17 15.38
CA PHE F 199 35.40 -8.23 16.46
C PHE F 199 34.74 -8.86 17.68
N TYR F 200 35.47 -9.76 18.33
CA TYR F 200 34.94 -10.56 19.44
C TYR F 200 35.23 -9.87 20.77
N LYS F 201 34.99 -10.57 21.86
CA LYS F 201 35.24 -10.06 23.21
C LYS F 201 35.33 -11.25 24.16
N LEU F 202 35.39 -10.95 25.46
CA LEU F 202 35.48 -11.99 26.49
C LEU F 202 35.11 -11.37 27.83
N TYR F 203 34.31 -12.09 28.61
CA TYR F 203 33.83 -11.60 29.90
C TYR F 203 34.10 -12.63 30.97
N PRO F 204 35.03 -12.38 31.90
CA PRO F 204 35.22 -13.32 33.03
C PRO F 204 33.93 -13.50 33.81
N LEU F 205 33.74 -14.71 34.33
CA LEU F 205 32.43 -15.09 34.87
C LEU F 205 32.13 -14.41 36.20
N SER F 206 32.86 -14.79 37.26
CA SER F 206 32.66 -14.14 38.56
C SER F 206 33.92 -13.44 39.06
N ASP F 207 35.00 -14.17 39.34
CA ASP F 207 36.23 -13.54 39.80
C ASP F 207 37.51 -14.16 39.25
N GLU F 208 37.51 -15.42 38.83
CA GLU F 208 38.76 -16.13 38.63
C GLU F 208 39.29 -15.93 37.22
N GLN F 209 40.60 -16.06 37.08
CA GLN F 209 41.25 -15.92 35.78
C GLN F 209 40.88 -17.10 34.90
N PRO F 210 40.44 -16.87 33.66
CA PRO F 210 40.10 -18.00 32.77
C PRO F 210 41.34 -18.79 32.40
N VAL F 211 41.13 -20.08 32.12
CA VAL F 211 42.19 -21.01 31.74
C VAL F 211 42.06 -21.44 30.29
N ASN F 212 40.87 -21.91 29.89
CA ASN F 212 40.62 -22.29 28.51
C ASN F 212 40.10 -21.13 27.67
N GLY F 213 39.74 -20.01 28.30
CA GLY F 213 39.26 -18.88 27.53
C GLY F 213 40.32 -18.32 26.59
N MET F 214 41.57 -18.28 27.03
CA MET F 214 42.65 -17.80 26.17
C MET F 214 42.80 -18.71 24.94
N LEU F 215 42.76 -20.03 25.16
CA LEU F 215 42.87 -20.96 24.03
C LEU F 215 41.70 -20.80 23.07
N ALA F 216 40.48 -20.67 23.61
CA ALA F 216 39.30 -20.51 22.75
C ALA F 216 39.39 -19.24 21.93
N LEU F 217 39.78 -18.13 22.58
CA LEU F 217 39.88 -16.86 21.87
C LEU F 217 40.98 -16.92 20.81
N LYS F 218 42.12 -17.54 21.13
CA LYS F 218 43.19 -17.67 20.16
C LYS F 218 42.75 -18.49 18.96
N ALA F 219 41.95 -19.53 19.20
CA ALA F 219 41.36 -20.29 18.11
C ALA F 219 40.43 -19.43 17.28
N VAL F 220 39.65 -18.57 17.93
CA VAL F 220 38.65 -17.79 17.23
C VAL F 220 39.27 -16.55 16.59
N ALA F 221 40.13 -15.83 17.32
CA ALA F 221 40.64 -14.55 16.83
C ALA F 221 41.45 -14.73 15.55
N GLY F 222 42.33 -15.73 15.52
CA GLY F 222 43.18 -15.93 14.35
C GLY F 222 44.13 -14.78 14.15
N ASN F 223 43.89 -13.97 13.11
CA ASN F 223 44.69 -12.78 12.83
C ASN F 223 43.97 -11.59 13.45
N GLN F 224 44.40 -11.20 14.65
CA GLN F 224 43.79 -10.09 15.37
C GLN F 224 44.78 -9.61 16.42
N PHE F 225 44.31 -8.76 17.33
CA PHE F 225 45.15 -8.21 18.38
C PHE F 225 44.36 -8.19 19.69
N PHE F 226 45.09 -8.14 20.80
CA PHE F 226 44.52 -8.16 22.14
C PHE F 226 44.69 -6.80 22.79
N MET F 227 43.81 -6.49 23.74
CA MET F 227 43.85 -5.21 24.44
C MET F 227 43.06 -5.34 25.73
N TYR F 228 43.19 -4.32 26.58
CA TYR F 228 42.49 -4.27 27.86
C TYR F 228 41.89 -2.89 28.06
N HIS F 229 41.16 -2.41 27.06
CA HIS F 229 40.45 -1.15 27.18
C HIS F 229 39.44 -1.22 28.32
N GLY F 230 39.45 -0.21 29.18
CA GLY F 230 38.58 -0.23 30.34
C GLY F 230 39.00 -1.32 31.32
N HIS F 231 38.02 -1.82 32.07
CA HIS F 231 38.26 -2.88 33.04
C HIS F 231 37.16 -3.94 32.92
N GLY F 232 37.56 -5.21 33.03
CA GLY F 232 36.62 -6.30 32.98
C GLY F 232 36.37 -6.89 31.62
N HIS F 233 37.17 -6.56 30.61
CA HIS F 233 36.99 -7.11 29.27
C HIS F 233 38.34 -7.31 28.62
N ILE F 234 38.37 -8.17 27.61
CA ILE F 234 39.53 -8.36 26.75
C ILE F 234 39.03 -8.22 25.32
N ARG F 235 39.08 -6.99 24.80
CA ARG F 235 38.58 -6.73 23.45
C ARG F 235 39.61 -7.12 22.41
N THR F 236 39.14 -7.32 21.18
CA THR F 236 40.00 -7.61 20.04
C THR F 236 39.68 -6.65 18.92
N VAL F 237 40.72 -6.11 18.29
CA VAL F 237 40.55 -5.16 17.19
C VAL F 237 41.42 -5.60 16.03
N PRO F 238 41.05 -5.21 14.82
CA PRO F 238 41.91 -5.49 13.66
C PRO F 238 43.19 -4.66 13.72
N TYR F 239 44.18 -5.10 12.94
CA TYR F 239 45.49 -4.47 12.98
C TYR F 239 45.43 -3.01 12.53
N HIS F 240 44.63 -2.72 11.50
CA HIS F 240 44.58 -1.36 10.96
C HIS F 240 44.04 -0.38 11.99
N GLU F 241 42.83 -0.65 12.51
CA GLU F 241 42.17 0.29 13.39
C GLU F 241 42.96 0.52 14.68
N LEU F 242 43.85 -0.42 15.04
CA LEU F 242 44.68 -0.22 16.22
C LEU F 242 45.47 1.08 16.13
N ALA F 243 45.79 1.52 14.91
CA ALA F 243 46.40 2.83 14.72
C ALA F 243 45.65 3.90 15.50
N ASP F 244 44.35 4.04 15.20
CA ASP F 244 43.54 5.03 15.90
C ASP F 244 43.54 4.79 17.40
N ALA F 245 43.61 3.52 17.82
CA ALA F 245 43.64 3.21 19.25
C ALA F 245 44.80 3.89 19.94
N ILE F 246 45.95 3.99 19.26
CA ILE F 246 47.11 4.65 19.86
C ILE F 246 46.76 6.10 20.21
N LYS F 247 46.02 6.77 19.32
CA LYS F 247 45.57 8.12 19.65
C LYS F 247 44.71 8.12 20.90
N SER F 248 43.80 7.15 21.02
CA SER F 248 43.00 7.02 22.23
C SER F 248 43.86 6.74 23.45
N TYR F 249 45.06 6.17 23.25
CA TYR F 249 45.97 5.94 24.37
C TYR F 249 46.72 7.20 24.78
N ALA F 250 46.70 8.24 23.94
CA ALA F 250 47.40 9.47 24.30
C ALA F 250 46.65 10.25 25.36
N ARG F 251 45.32 10.30 25.27
CA ARG F 251 44.52 11.09 26.20
C ARG F 251 44.36 10.43 27.56
N LYS F 252 44.81 9.19 27.73
CA LYS F 252 44.64 8.50 29.00
C LYS F 252 45.46 9.18 30.10
N ASP F 253 44.90 9.23 31.30
CA ASP F 253 45.55 9.87 32.43
C ASP F 253 46.60 8.95 33.04
N LYS F 254 47.57 9.57 33.74
CA LYS F 254 48.63 8.80 34.37
C LYS F 254 48.09 7.90 35.47
N GLU F 255 47.16 8.42 36.28
CA GLU F 255 46.59 7.61 37.36
C GLU F 255 45.79 6.43 36.80
N THR F 256 45.03 6.67 35.74
CA THR F 256 44.27 5.58 35.12
C THR F 256 45.19 4.51 34.56
N LEU F 257 46.28 4.93 33.89
CA LEU F 257 47.23 3.97 33.36
C LEU F 257 47.90 3.18 34.48
N GLU F 258 48.24 3.85 35.58
CA GLU F 258 48.84 3.15 36.71
C GLU F 258 47.87 2.14 37.31
N SER F 259 46.60 2.51 37.43
CA SER F 259 45.60 1.56 37.94
C SER F 259 45.43 0.38 37.00
N ILE F 260 45.45 0.63 35.69
CA ILE F 260 45.32 -0.45 34.72
C ILE F 260 46.50 -1.40 34.82
N SER F 261 47.71 -0.87 34.95
CA SER F 261 48.91 -1.70 35.00
C SER F 261 48.98 -2.57 36.25
N LYS F 262 48.22 -2.24 37.29
CA LYS F 262 48.25 -2.97 38.55
C LYS F 262 47.15 -4.02 38.66
N SER F 263 46.74 -4.63 37.55
CA SER F 263 45.69 -5.62 37.54
C SER F 263 46.21 -6.94 36.98
N PRO F 264 45.99 -8.07 37.67
CA PRO F 264 46.39 -9.36 37.10
C PRO F 264 45.70 -9.69 35.79
N LEU F 265 44.45 -9.25 35.61
CA LEU F 265 43.76 -9.47 34.34
C LEU F 265 44.47 -8.77 33.19
N ALA F 266 45.13 -7.63 33.47
CA ALA F 266 45.95 -6.98 32.46
C ALA F 266 47.15 -7.85 32.08
N ALA F 267 47.73 -8.54 33.05
CA ALA F 267 48.85 -9.43 32.75
C ALA F 267 48.38 -10.68 32.01
N GLN F 268 47.14 -11.09 32.22
CA GLN F 268 46.65 -12.35 31.65
C GLN F 268 46.44 -12.26 30.13
N CYS F 269 46.36 -11.05 29.57
CA CYS F 269 45.99 -10.91 28.16
C CYS F 269 47.01 -11.59 27.23
N GLY F 270 48.29 -11.37 27.49
CA GLY F 270 49.30 -11.96 26.63
C GLY F 270 50.72 -11.48 26.87
N SER F 271 51.46 -11.21 25.80
CA SER F 271 52.85 -10.76 25.89
C SER F 271 53.07 -9.40 25.24
N LYS F 272 52.56 -9.19 24.03
CA LYS F 272 52.84 -7.95 23.30
C LYS F 272 52.14 -6.75 23.93
N PHE F 273 51.02 -6.97 24.61
CA PHE F 273 50.28 -5.86 25.20
C PHE F 273 51.09 -5.17 26.29
N LEU F 274 51.79 -5.95 27.11
CA LEU F 274 52.66 -5.36 28.13
C LEU F 274 53.79 -4.56 27.50
N ASP F 275 54.34 -5.05 26.38
CA ASP F 275 55.37 -4.31 25.68
C ASP F 275 54.84 -2.99 25.15
N MET F 276 53.62 -3.01 24.60
CA MET F 276 53.01 -1.76 24.12
C MET F 276 52.75 -0.79 25.27
N LEU F 277 52.30 -1.31 26.41
CA LEU F 277 52.07 -0.45 27.57
C LEU F 277 53.38 0.17 28.06
N ASP F 278 54.45 -0.62 28.08
CA ASP F 278 55.76 -0.07 28.45
C ASP F 278 56.21 0.99 27.45
N GLY F 279 55.95 0.76 26.16
CA GLY F 279 56.32 1.74 25.16
C GLY F 279 55.57 3.05 25.33
N ILE F 280 54.27 2.99 25.61
CA ILE F 280 53.52 4.23 25.83
C ILE F 280 53.90 4.87 27.15
N ARG F 281 54.37 4.07 28.12
CA ARG F 281 54.89 4.64 29.36
C ARG F 281 56.25 5.30 29.16
N SER F 282 57.00 4.89 28.12
CA SER F 282 58.31 5.48 27.86
C SER F 282 58.22 6.92 27.40
N LYS F 283 57.02 7.39 27.00
CA LYS F 283 56.80 8.77 26.57
C LYS F 283 57.66 9.13 25.35
N GLN F 284 57.93 8.16 24.50
CA GLN F 284 58.66 8.41 23.26
C GLN F 284 57.67 8.72 22.14
N LYS F 285 58.15 8.78 20.91
CA LYS F 285 57.27 9.02 19.77
C LYS F 285 56.33 7.84 19.57
N ILE F 286 55.13 8.13 19.09
CA ILE F 286 54.07 7.13 19.06
C ILE F 286 54.14 6.27 17.80
N GLU F 287 54.42 6.89 16.65
CA GLU F 287 54.32 6.19 15.38
C GLU F 287 55.33 5.05 15.27
N ASP F 288 56.60 5.34 15.59
CA ASP F 288 57.65 4.34 15.42
C ASP F 288 57.43 3.14 16.33
N VAL F 289 57.13 3.39 17.61
CA VAL F 289 56.88 2.31 18.55
C VAL F 289 55.63 1.54 18.15
N ILE F 290 54.62 2.26 17.63
CA ILE F 290 53.39 1.61 17.21
C ILE F 290 53.66 0.63 16.06
N LEU F 291 54.45 1.06 15.08
CA LEU F 291 54.78 0.17 13.97
C LEU F 291 55.68 -0.97 14.43
N LYS F 292 56.57 -0.72 15.40
CA LYS F 292 57.40 -1.79 15.93
C LYS F 292 56.55 -2.86 16.60
N ALA F 293 55.55 -2.44 17.38
CA ALA F 293 54.65 -3.40 18.02
C ALA F 293 53.64 -3.98 17.04
N LYS F 294 53.46 -3.37 15.88
CA LYS F 294 52.50 -3.83 14.88
C LYS F 294 53.11 -4.75 13.84
N ILE F 295 54.39 -5.10 13.97
CA ILE F 295 55.01 -6.00 13.02
C ILE F 295 54.33 -7.36 13.09
N PHE F 296 54.23 -8.02 11.93
CA PHE F 296 53.58 -9.33 11.82
C PHE F 296 54.68 -10.39 11.80
N GLU F 297 54.77 -11.15 12.89
CA GLU F 297 55.78 -12.20 13.01
C GLU F 297 55.41 -13.41 12.14
N MET G 1 9.17 -41.68 11.36
CA MET G 1 7.78 -41.62 10.91
C MET G 1 7.22 -40.21 11.04
N THR G 2 6.04 -40.11 11.62
CA THR G 2 5.39 -38.82 11.84
C THR G 2 6.16 -38.03 12.89
N GLN G 3 6.83 -36.96 12.47
CA GLN G 3 7.63 -36.16 13.38
C GLN G 3 6.75 -35.51 14.42
N SER G 4 7.27 -35.39 15.64
CA SER G 4 6.54 -34.81 16.76
C SER G 4 7.22 -33.53 17.22
N VAL G 5 6.41 -32.52 17.57
CA VAL G 5 6.89 -31.23 18.04
C VAL G 5 6.64 -31.16 19.54
N SER G 6 7.72 -31.03 20.31
CA SER G 6 7.59 -31.00 21.75
C SER G 6 7.02 -29.67 22.23
N LEU G 7 6.58 -29.66 23.50
CA LEU G 7 6.03 -28.44 24.09
C LEU G 7 7.14 -27.43 24.36
N SER G 8 8.32 -27.90 24.77
CA SER G 8 9.41 -26.99 25.11
C SER G 8 9.91 -26.21 23.92
N ASP G 9 9.69 -26.69 22.70
CA ASP G 9 10.09 -25.92 21.52
C ASP G 9 9.25 -24.67 21.33
N PHE G 10 8.15 -24.52 22.07
CA PHE G 10 7.31 -23.34 22.02
C PHE G 10 7.45 -22.44 23.24
N ILE G 11 7.70 -23.01 24.41
CA ILE G 11 7.71 -22.27 25.66
C ILE G 11 8.44 -23.09 26.71
N VAL G 12 9.25 -22.41 27.53
CA VAL G 12 9.95 -23.06 28.63
C VAL G 12 9.69 -22.29 29.92
N LYS G 13 9.87 -22.99 31.03
CA LYS G 13 9.68 -22.39 32.34
C LYS G 13 10.82 -21.43 32.65
N THR G 14 10.54 -20.45 33.53
CA THR G 14 11.52 -19.49 33.97
C THR G 14 11.30 -19.27 35.46
N GLU G 15 11.90 -18.20 36.00
CA GLU G 15 11.81 -17.93 37.43
C GLU G 15 10.37 -17.72 37.87
N ASP G 16 9.73 -16.66 37.36
CA ASP G 16 8.32 -16.41 37.64
C ASP G 16 7.46 -16.52 36.40
N GLY G 17 7.77 -15.78 35.34
CA GLY G 17 6.94 -15.73 34.14
C GLY G 17 7.55 -16.53 33.01
N TYR G 18 6.70 -17.29 32.32
CA TYR G 18 7.14 -18.06 31.18
C TYR G 18 7.67 -17.15 30.08
N MET G 19 8.67 -17.64 29.35
CA MET G 19 9.37 -16.85 28.35
C MET G 19 9.40 -17.61 27.03
N PRO G 20 9.44 -16.90 25.91
CA PRO G 20 9.61 -17.59 24.62
C PRO G 20 10.97 -18.26 24.54
N SER G 21 11.05 -19.30 23.72
CA SER G 21 12.22 -20.17 23.66
C SER G 21 12.92 -20.00 22.31
N ASP G 22 14.23 -19.85 22.36
CA ASP G 22 15.05 -19.68 21.17
C ASP G 22 15.92 -20.92 20.99
N ARG G 23 15.78 -21.57 19.83
CA ARG G 23 16.59 -22.72 19.48
C ARG G 23 17.79 -22.36 18.62
N GLU G 24 18.12 -21.09 18.53
CA GLU G 24 19.23 -20.66 17.67
C GLU G 24 20.57 -21.19 18.16
N CYS G 25 20.79 -21.17 19.47
CA CYS G 25 22.05 -21.58 20.05
C CYS G 25 21.85 -22.66 21.08
N VAL G 26 22.84 -23.53 21.22
CA VAL G 26 22.82 -24.61 22.20
C VAL G 26 24.07 -24.63 23.08
N ALA G 27 24.96 -23.65 22.95
CA ALA G 27 26.18 -23.65 23.74
C ALA G 27 25.91 -23.35 25.21
N LEU G 28 24.87 -22.58 25.51
CA LEU G 28 24.58 -22.19 26.89
C LEU G 28 24.07 -23.33 27.74
N ASP G 29 23.77 -24.49 27.15
CA ASP G 29 23.16 -25.59 27.87
C ASP G 29 24.12 -26.25 28.86
N ARG G 30 25.40 -25.91 28.85
CA ARG G 30 26.36 -26.56 29.73
C ARG G 30 26.00 -26.33 31.20
N TYR G 31 25.63 -25.10 31.55
CA TYR G 31 25.27 -24.79 32.92
C TYR G 31 23.85 -25.30 33.22
N LEU G 32 23.62 -25.61 34.49
CA LEU G 32 22.33 -26.14 34.92
C LEU G 32 22.20 -25.93 36.43
N SER G 33 21.05 -26.31 36.97
CA SER G 33 20.79 -26.23 38.40
C SER G 33 20.98 -27.60 39.06
N LYS G 34 21.03 -27.59 40.39
CA LYS G 34 21.31 -28.80 41.15
C LYS G 34 20.26 -29.87 40.89
N GLU G 35 18.98 -29.51 41.03
CA GLU G 35 17.91 -30.46 40.73
C GLU G 35 17.93 -30.84 39.26
N GLN G 36 18.20 -29.87 38.39
CA GLN G 36 18.23 -30.14 36.96
C GLN G 36 19.32 -31.14 36.60
N LYS G 37 20.53 -30.95 37.15
CA LYS G 37 21.62 -31.88 36.85
C LYS G 37 21.38 -33.24 37.48
N GLU G 38 20.80 -33.28 38.69
CA GLU G 38 20.49 -34.57 39.31
C GLU G 38 19.49 -35.35 38.46
N LEU G 39 18.43 -34.69 38.00
CA LEU G 39 17.45 -35.35 37.15
C LEU G 39 18.06 -35.76 35.80
N ARG G 40 18.94 -34.93 35.23
CA ARG G 40 19.60 -35.31 33.99
C ARG G 40 20.45 -36.56 34.17
N GLU G 41 21.20 -36.62 35.28
CA GLU G 41 22.03 -37.79 35.56
C GLU G 41 21.16 -39.04 35.74
N THR G 42 20.06 -38.91 36.49
CA THR G 42 19.18 -40.06 36.68
C THR G 42 18.57 -40.52 35.37
N PHE G 43 18.16 -39.58 34.52
CA PHE G 43 17.59 -39.94 33.22
C PHE G 43 18.62 -40.64 32.35
N LYS G 44 19.86 -40.15 32.34
CA LYS G 44 20.90 -40.78 31.53
C LYS G 44 21.33 -42.13 32.10
N ASP G 45 21.15 -42.35 33.40
CA ASP G 45 21.63 -43.56 34.06
C ASP G 45 20.95 -44.82 33.51
N GLY G 46 19.63 -44.93 33.68
CA GLY G 46 18.92 -46.13 33.30
C GLY G 46 17.53 -45.80 32.76
N LYS G 47 16.93 -46.82 32.14
CA LYS G 47 15.61 -46.70 31.52
C LYS G 47 14.55 -47.02 32.57
N ASN G 48 14.08 -45.98 33.27
CA ASN G 48 13.07 -46.13 34.32
C ASN G 48 12.07 -44.99 34.19
N ASP G 49 10.98 -45.24 33.46
CA ASP G 49 9.86 -44.30 33.32
C ASP G 49 10.34 -42.95 32.81
N ARG G 50 10.82 -42.98 31.55
CA ARG G 50 11.38 -41.78 30.94
C ARG G 50 10.37 -40.66 30.85
N SER G 51 9.11 -40.99 30.54
CA SER G 51 8.09 -39.95 30.37
C SER G 51 7.84 -39.20 31.66
N ALA G 52 7.74 -39.92 32.78
CA ALA G 52 7.52 -39.27 34.07
C ALA G 52 8.69 -38.36 34.43
N LEU G 53 9.92 -38.82 34.16
CA LEU G 53 11.09 -38.00 34.41
C LEU G 53 11.07 -36.74 33.54
N ARG G 54 10.65 -36.89 32.28
CA ARG G 54 10.56 -35.73 31.40
C ARG G 54 9.54 -34.72 31.92
N ILE G 55 8.38 -35.21 32.37
CA ILE G 55 7.36 -34.32 32.92
C ILE G 55 7.88 -33.61 34.16
N LYS G 56 8.58 -34.33 35.02
CA LYS G 56 9.18 -33.70 36.19
C LYS G 56 10.20 -32.65 35.80
N MET G 57 10.99 -32.93 34.76
CA MET G 57 11.98 -31.98 34.28
C MET G 57 11.32 -30.70 33.79
N PHE G 58 10.22 -30.83 33.03
CA PHE G 58 9.57 -29.66 32.45
C PHE G 58 8.95 -28.75 33.50
N LEU G 59 8.72 -29.25 34.71
CA LEU G 59 8.03 -28.48 35.75
C LEU G 59 8.99 -27.84 36.75
N SER G 60 10.29 -27.82 36.45
CA SER G 60 11.24 -27.15 37.33
C SER G 60 11.70 -25.83 36.72
N PRO G 61 11.91 -24.80 37.53
CA PRO G 61 12.32 -23.50 36.98
C PRO G 61 13.71 -23.52 36.39
N SER G 62 14.15 -22.38 35.85
CA SER G 62 15.46 -22.27 35.24
C SER G 62 16.21 -21.08 35.82
N PRO G 63 17.53 -21.16 35.88
CA PRO G 63 18.32 -20.04 36.44
C PRO G 63 18.42 -18.90 35.44
N SER G 64 18.96 -17.78 35.93
CA SER G 64 19.16 -16.60 35.10
C SER G 64 20.36 -16.70 34.18
N ARG G 65 21.22 -17.70 34.36
CA ARG G 65 22.39 -17.84 33.51
C ARG G 65 22.02 -18.26 32.09
N ARG G 66 20.87 -18.91 31.93
CA ARG G 66 20.46 -19.39 30.61
C ARG G 66 19.78 -18.32 29.77
N PHE G 67 19.54 -17.13 30.32
CA PHE G 67 18.88 -16.08 29.57
C PHE G 67 19.77 -15.57 28.44
N THR G 68 19.16 -15.28 27.31
CA THR G 68 19.86 -14.61 26.20
C THR G 68 19.09 -13.36 25.81
N GLN G 69 19.51 -12.71 24.72
CA GLN G 69 18.81 -11.51 24.28
C GLN G 69 17.41 -11.84 23.76
N HIS G 70 17.31 -12.84 22.89
CA HIS G 70 16.02 -13.19 22.31
C HIS G 70 15.10 -13.83 23.34
N GLY G 71 15.61 -14.80 24.10
CA GLY G 71 14.79 -15.53 25.04
C GLY G 71 15.58 -16.47 25.94
N VAL G 72 15.06 -17.67 26.16
CA VAL G 72 15.67 -18.65 27.06
C VAL G 72 15.92 -19.92 26.27
N VAL G 73 17.11 -20.50 26.46
CA VAL G 73 17.48 -21.76 25.83
C VAL G 73 16.83 -22.91 26.59
N PRO G 74 16.21 -23.87 25.91
CA PRO G 74 15.62 -25.02 26.60
C PRO G 74 16.70 -26.05 26.96
N MET G 75 16.24 -27.16 27.52
CA MET G 75 17.14 -28.25 27.84
C MET G 75 17.41 -29.11 26.60
N ARG G 76 18.44 -29.94 26.69
CA ARG G 76 18.82 -30.82 25.59
C ARG G 76 18.02 -32.11 25.57
N GLU G 77 17.17 -32.35 26.56
CA GLU G 77 16.40 -33.59 26.63
C GLU G 77 14.95 -33.44 26.21
N ILE G 78 14.43 -32.21 26.16
CA ILE G 78 13.02 -31.99 25.83
C ILE G 78 12.93 -31.10 24.58
N LYS G 79 13.92 -31.21 23.71
CA LYS G 79 13.97 -30.39 22.51
C LYS G 79 14.14 -31.29 21.29
N THR G 80 13.38 -31.00 20.24
CA THR G 80 13.42 -31.77 19.00
C THR G 80 14.38 -31.14 18.00
N ASN G 81 14.41 -31.69 16.80
CA ASN G 81 15.30 -31.22 15.73
C ASN G 81 14.55 -31.12 14.41
N THR G 82 13.27 -30.76 14.47
CA THR G 82 12.45 -30.61 13.28
C THR G 82 12.07 -29.14 13.10
N ASP G 83 12.16 -28.66 11.88
CA ASP G 83 11.84 -27.27 11.58
C ASP G 83 10.34 -27.08 11.39
N ILE G 84 9.85 -25.92 11.82
CA ILE G 84 8.43 -25.60 11.74
C ILE G 84 8.26 -24.23 11.12
N PRO G 85 7.15 -23.95 10.44
CA PRO G 85 6.97 -22.62 9.84
C PRO G 85 6.92 -21.52 10.89
N SER G 86 7.39 -20.34 10.50
CA SER G 86 7.47 -19.22 11.43
C SER G 86 6.08 -18.79 11.91
N THR G 87 5.10 -18.76 11.00
CA THR G 87 3.77 -18.29 11.36
C THR G 87 3.14 -19.14 12.46
N LEU G 88 3.27 -20.46 12.35
CA LEU G 88 2.71 -21.35 13.36
C LEU G 88 3.32 -21.09 14.72
N TRP G 89 4.65 -21.00 14.78
CA TRP G 89 5.34 -20.74 16.04
C TRP G 89 4.92 -19.41 16.63
N THR G 90 4.89 -18.36 15.80
CA THR G 90 4.52 -17.03 16.29
C THR G 90 3.12 -17.03 16.86
N LEU G 91 2.16 -17.60 16.12
CA LEU G 91 0.77 -17.57 16.56
C LEU G 91 0.59 -18.35 17.85
N VAL G 92 1.14 -19.57 17.92
CA VAL G 92 0.96 -20.40 19.10
C VAL G 92 1.61 -19.75 20.31
N THR G 93 2.84 -19.27 20.15
CA THR G 93 3.53 -18.63 21.27
C THR G 93 2.79 -17.39 21.74
N ASP G 94 2.32 -16.56 20.81
CA ASP G 94 1.61 -15.34 21.18
C ASP G 94 0.35 -15.66 21.96
N TRP G 95 -0.47 -16.59 21.46
CA TRP G 95 -1.70 -16.92 22.17
C TRP G 95 -1.41 -17.53 23.54
N LEU G 96 -0.45 -18.46 23.60
CA LEU G 96 -0.18 -19.14 24.86
C LEU G 96 0.36 -18.17 25.90
N LEU G 97 1.21 -17.23 25.49
CA LEU G 97 1.72 -16.24 26.43
C LEU G 97 0.65 -15.23 26.82
N ASN G 98 -0.29 -14.95 25.91
CA ASN G 98 -1.41 -14.08 26.27
C ASN G 98 -2.29 -14.73 27.33
N LEU G 99 -2.45 -16.05 27.24
CA LEU G 99 -3.29 -16.75 28.22
C LEU G 99 -2.62 -16.82 29.58
N LEU G 100 -1.29 -16.83 29.62
CA LEU G 100 -0.54 -17.15 30.83
C LEU G 100 -0.25 -15.94 31.71
N GLN G 101 -1.03 -14.86 31.57
CA GLN G 101 -0.85 -13.68 32.41
C GLN G 101 -1.79 -13.72 33.62
N ASP G 102 -1.68 -14.80 34.40
CA ASP G 102 -2.49 -14.95 35.61
C ASP G 102 -1.95 -16.09 36.48
N GLU G 103 -1.84 -15.83 37.79
CA GLU G 103 -1.38 -16.86 38.71
C GLU G 103 -2.36 -18.02 38.78
N GLU G 104 -3.66 -17.72 38.83
CA GLU G 104 -4.66 -18.78 38.83
C GLU G 104 -4.62 -19.59 37.55
N ASN G 105 -4.45 -18.91 36.40
CA ASN G 105 -4.29 -19.63 35.14
C ASN G 105 -3.02 -20.46 35.14
N GLN G 106 -1.95 -19.97 35.77
CA GLN G 106 -0.73 -20.78 35.89
C GLN G 106 -1.01 -22.05 36.69
N GLU G 107 -1.71 -21.92 37.81
CA GLU G 107 -2.03 -23.10 38.62
C GLU G 107 -2.91 -24.07 37.84
N MET G 108 -3.88 -23.55 37.09
CA MET G 108 -4.73 -24.40 36.27
C MET G 108 -3.91 -25.14 35.21
N PHE G 109 -2.97 -24.44 34.57
CA PHE G 109 -2.14 -25.07 33.56
C PHE G 109 -1.29 -26.18 34.17
N GLU G 110 -0.70 -25.93 35.35
CA GLU G 110 0.09 -26.97 35.99
C GLU G 110 -0.77 -28.16 36.39
N ASP G 111 -1.99 -27.90 36.90
CA ASP G 111 -2.88 -28.99 37.25
C ASP G 111 -3.23 -29.83 36.04
N PHE G 112 -3.52 -29.17 34.90
CA PHE G 112 -3.84 -29.90 33.68
C PHE G 112 -2.64 -30.70 33.19
N ILE G 113 -1.45 -30.11 33.21
CA ILE G 113 -0.27 -30.79 32.69
C ILE G 113 0.09 -31.98 33.58
N SER G 114 -0.26 -31.91 34.88
CA SER G 114 -0.02 -33.03 35.78
C SER G 114 -1.17 -34.03 35.79
N SER G 115 -2.27 -33.75 35.11
CA SER G 115 -3.47 -34.58 35.24
C SER G 115 -3.49 -35.72 34.23
N LYS G 116 -3.48 -35.40 32.92
CA LYS G 116 -3.74 -36.40 31.91
C LYS G 116 -2.73 -36.44 30.77
N PHE G 117 -1.67 -35.64 30.83
CA PHE G 117 -0.69 -35.65 29.75
C PHE G 117 0.19 -36.89 29.85
N PRO G 118 0.19 -37.76 28.85
CA PRO G 118 1.03 -38.96 28.91
C PRO G 118 2.47 -38.68 28.52
N ASP G 119 2.68 -37.78 27.56
CA ASP G 119 4.02 -37.42 27.12
C ASP G 119 3.96 -36.04 26.49
N VAL G 120 5.12 -35.38 26.47
CA VAL G 120 5.19 -34.02 25.96
C VAL G 120 4.96 -34.00 24.45
N LEU G 121 5.49 -34.99 23.74
CA LEU G 121 5.46 -34.97 22.28
C LEU G 121 4.02 -35.00 21.76
N ALA G 122 3.81 -34.33 20.63
CA ALA G 122 2.51 -34.27 19.99
C ALA G 122 2.69 -34.24 18.48
N SER G 123 1.68 -34.72 17.76
CA SER G 123 1.77 -34.79 16.31
C SER G 123 1.78 -33.40 15.69
N ALA G 124 2.50 -33.26 14.57
CA ALA G 124 2.62 -31.96 13.92
C ALA G 124 1.34 -31.57 13.20
N ASP G 125 0.71 -32.53 12.52
CA ASP G 125 -0.51 -32.23 11.77
C ASP G 125 -1.64 -31.81 12.70
N LYS G 126 -1.69 -32.36 13.91
CA LYS G 126 -2.68 -31.92 14.89
C LYS G 126 -2.47 -30.45 15.23
N LEU G 127 -1.22 -30.05 15.45
CA LEU G 127 -0.92 -28.65 15.74
C LEU G 127 -1.30 -27.76 14.55
N ALA G 128 -0.99 -28.20 13.33
CA ALA G 128 -1.33 -27.39 12.16
C ALA G 128 -2.84 -27.21 12.03
N ARG G 129 -3.61 -28.29 12.20
CA ARG G 129 -5.05 -28.18 12.10
C ARG G 129 -5.62 -27.31 13.22
N PHE G 130 -5.08 -27.43 14.43
CA PHE G 130 -5.55 -26.59 15.53
C PHE G 130 -5.27 -25.12 15.26
N ALA G 131 -4.09 -24.81 14.73
CA ALA G 131 -3.76 -23.42 14.42
C ALA G 131 -4.57 -22.91 13.23
N GLN G 132 -5.05 -23.81 12.37
CA GLN G 132 -5.93 -23.41 11.28
C GLN G 132 -7.21 -22.76 11.83
N ARG G 133 -7.73 -23.30 12.93
CA ARG G 133 -8.95 -22.78 13.54
C ARG G 133 -8.71 -21.56 14.41
N LEU G 134 -7.45 -21.25 14.74
CA LEU G 134 -7.14 -20.11 15.60
C LEU G 134 -6.74 -18.86 14.82
N GLU G 135 -6.38 -19.00 13.55
CA GLU G 135 -5.92 -17.84 12.79
C GLU G 135 -7.07 -16.90 12.44
N ASP G 136 -8.24 -17.44 12.12
CA ASP G 136 -9.37 -16.62 11.69
C ASP G 136 -10.08 -16.02 12.90
N ARG G 137 -10.57 -14.79 12.72
CA ARG G 137 -11.16 -14.05 13.84
C ARG G 137 -12.55 -14.55 14.21
N LYS G 138 -13.36 -14.95 13.23
CA LYS G 138 -14.76 -15.31 13.47
C LYS G 138 -14.86 -16.82 13.72
N ASP G 139 -14.57 -17.20 14.95
CA ASP G 139 -14.73 -18.59 15.40
C ASP G 139 -15.31 -18.56 16.82
N VAL G 140 -15.27 -19.71 17.49
CA VAL G 140 -15.88 -19.84 18.81
C VAL G 140 -14.81 -19.84 19.89
N LEU G 141 -13.59 -20.23 19.52
CA LEU G 141 -12.53 -20.39 20.51
C LEU G 141 -12.19 -19.08 21.22
N HIS G 142 -12.31 -17.95 20.52
CA HIS G 142 -11.94 -16.67 21.12
C HIS G 142 -12.82 -16.34 22.32
N LYS G 143 -14.13 -16.57 22.21
CA LYS G 143 -15.04 -16.20 23.29
C LYS G 143 -14.92 -17.15 24.47
N ASN G 144 -14.82 -18.45 24.21
CA ASN G 144 -14.78 -19.47 25.26
C ASN G 144 -13.33 -19.93 25.43
N PHE G 145 -12.66 -19.43 26.46
CA PHE G 145 -11.28 -19.81 26.72
C PHE G 145 -11.17 -21.26 27.14
N SER G 146 -12.13 -21.74 27.96
CA SER G 146 -12.07 -23.10 28.47
C SER G 146 -12.14 -24.12 27.34
N LYS G 147 -13.05 -23.93 26.39
CA LYS G 147 -13.17 -24.86 25.28
C LYS G 147 -11.91 -24.86 24.42
N ALA G 148 -11.33 -23.68 24.21
CA ALA G 148 -10.07 -23.61 23.46
C ALA G 148 -8.97 -24.36 24.18
N MET G 149 -8.92 -24.24 25.51
CA MET G 149 -7.88 -24.95 26.26
C MET G 149 -8.10 -26.46 26.19
N ASN G 150 -9.35 -26.90 26.25
CA ASN G 150 -9.65 -28.32 26.06
C ASN G 150 -9.21 -28.79 24.68
N ALA G 151 -9.47 -27.99 23.65
CA ALA G 151 -9.08 -28.35 22.29
C ALA G 151 -7.58 -28.48 22.17
N PHE G 152 -6.84 -27.51 22.73
CA PHE G 152 -5.39 -27.56 22.68
C PHE G 152 -4.85 -28.77 23.43
N GLY G 153 -5.44 -29.08 24.59
CA GLY G 153 -5.01 -30.25 25.32
C GLY G 153 -5.25 -31.55 24.57
N ALA G 154 -6.46 -31.70 24.02
CA ALA G 154 -6.78 -32.88 23.22
C ALA G 154 -5.94 -32.97 21.96
N CYS G 155 -5.39 -31.83 21.51
CA CYS G 155 -4.47 -31.84 20.38
C CYS G 155 -3.21 -32.66 20.65
N PHE G 156 -2.88 -32.88 21.92
CA PHE G 156 -1.68 -33.60 22.32
C PHE G 156 -2.02 -34.86 23.11
N TRP G 157 -3.10 -35.54 22.72
CA TRP G 157 -3.50 -36.83 23.29
C TRP G 157 -3.74 -36.73 24.79
N ALA G 158 -4.72 -35.89 25.16
CA ALA G 158 -5.09 -35.71 26.56
C ALA G 158 -6.50 -36.17 26.87
N ILE G 159 -7.49 -35.81 26.06
CA ILE G 159 -8.87 -36.20 26.29
C ILE G 159 -9.48 -36.64 24.97
N LYS G 160 -10.57 -37.40 25.06
CA LYS G 160 -11.25 -37.87 23.86
C LYS G 160 -11.85 -36.68 23.11
N PRO G 161 -11.54 -36.50 21.83
CA PRO G 161 -12.02 -35.32 21.11
C PRO G 161 -13.46 -35.50 20.64
N THR G 162 -14.30 -34.52 20.96
CA THR G 162 -15.67 -34.49 20.45
C THR G 162 -15.69 -33.67 19.15
N PHE G 163 -16.89 -33.34 18.68
CA PHE G 163 -17.01 -32.54 17.47
C PHE G 163 -16.54 -31.11 17.70
N ALA G 164 -16.97 -30.50 18.81
CA ALA G 164 -16.62 -29.11 19.09
C ALA G 164 -15.15 -28.92 19.45
N THR G 165 -14.42 -29.99 19.75
CA THR G 165 -13.02 -29.90 20.11
C THR G 165 -12.09 -30.41 19.02
N GLU G 166 -12.61 -30.63 17.81
CA GLU G 166 -11.80 -31.13 16.71
C GLU G 166 -11.01 -29.97 16.10
N GLY G 167 -10.40 -30.21 14.94
CA GLY G 167 -9.64 -29.18 14.26
C GLY G 167 -10.50 -28.33 13.35
N LYS G 168 -10.13 -28.24 12.07
CA LYS G 168 -10.91 -27.52 11.08
C LYS G 168 -11.70 -28.52 10.26
N CYS G 169 -13.02 -28.37 10.21
CA CYS G 169 -13.88 -29.34 9.58
C CYS G 169 -15.18 -28.67 9.17
N ASN G 170 -15.99 -29.41 8.41
CA ASN G 170 -17.30 -28.94 7.99
C ASN G 170 -18.20 -30.15 7.80
N VAL G 171 -19.23 -30.27 8.63
CA VAL G 171 -20.10 -31.44 8.58
C VAL G 171 -20.77 -31.52 7.22
N VAL G 172 -20.64 -32.69 6.58
CA VAL G 172 -21.19 -32.88 5.25
C VAL G 172 -22.49 -33.67 5.25
N ARG G 173 -22.77 -34.43 6.31
CA ARG G 173 -23.97 -35.25 6.38
C ARG G 173 -24.13 -35.79 7.79
N ALA G 174 -25.37 -35.88 8.26
CA ALA G 174 -25.65 -36.43 9.58
C ALA G 174 -26.70 -37.52 9.47
N THR G 175 -27.15 -38.02 10.61
CA THR G 175 -28.17 -39.06 10.70
C THR G 175 -28.68 -39.09 12.13
N ASP G 176 -29.48 -40.10 12.46
CA ASP G 176 -30.09 -40.17 13.79
C ASP G 176 -29.02 -40.27 14.88
N ASP G 177 -28.02 -41.11 14.67
CA ASP G 177 -26.92 -41.27 15.63
C ASP G 177 -25.61 -41.16 14.87
N SER G 178 -24.65 -40.43 15.47
CA SER G 178 -23.31 -40.23 14.91
C SER G 178 -23.34 -39.35 13.67
N MET G 179 -22.19 -38.81 13.29
CA MET G 179 -22.07 -37.93 12.13
C MET G 179 -20.85 -38.33 11.33
N ILE G 180 -20.75 -37.78 10.12
CA ILE G 180 -19.60 -37.98 9.25
C ILE G 180 -19.07 -36.62 8.82
N LEU G 181 -17.76 -36.41 8.96
CA LEU G 181 -17.12 -35.15 8.64
C LEU G 181 -16.10 -35.35 7.53
N GLU G 182 -15.79 -34.27 6.83
CA GLU G 182 -14.81 -34.27 5.76
C GLU G 182 -13.68 -33.31 6.10
N PHE G 183 -12.45 -33.73 5.82
CA PHE G 183 -11.27 -32.92 6.01
C PHE G 183 -10.69 -32.54 4.66
N GLN G 184 -9.79 -31.56 4.67
CA GLN G 184 -9.19 -31.04 3.45
C GLN G 184 -7.70 -30.84 3.69
N PRO G 185 -6.90 -30.84 2.63
CA PRO G 185 -5.46 -30.60 2.80
C PRO G 185 -5.19 -29.23 3.41
N VAL G 186 -4.19 -29.19 4.29
CA VAL G 186 -3.80 -27.94 4.94
C VAL G 186 -3.03 -27.07 3.96
N PRO G 187 -3.24 -25.75 3.93
CA PRO G 187 -2.53 -24.91 2.96
C PRO G 187 -1.02 -24.99 3.11
N GLU G 188 -0.32 -24.47 2.09
CA GLU G 188 1.12 -24.68 1.97
C GLU G 188 1.89 -24.05 3.12
N TYR G 189 1.58 -22.80 3.45
CA TYR G 189 2.36 -22.07 4.43
C TYR G 189 2.09 -22.48 5.87
N PHE G 190 1.33 -23.57 6.06
CA PHE G 190 1.24 -24.24 7.35
C PHE G 190 1.87 -25.63 7.35
N ARG G 191 2.16 -26.18 6.18
CA ARG G 191 2.59 -27.58 6.08
C ARG G 191 3.96 -27.79 6.71
N CYS G 192 4.10 -28.89 7.44
CA CYS G 192 5.38 -29.31 8.02
C CYS G 192 5.48 -30.82 7.85
N GLY G 193 6.07 -31.26 6.74
CA GLY G 193 6.24 -32.66 6.45
C GLY G 193 5.52 -33.08 5.19
N ARG G 194 5.06 -34.33 5.17
CA ARG G 194 4.39 -34.87 4.01
C ARG G 194 2.97 -34.32 3.90
N SER G 195 2.37 -34.50 2.73
CA SER G 195 1.02 -34.05 2.44
C SER G 195 0.06 -35.23 2.43
N LYS G 196 -1.19 -34.96 2.81
CA LYS G 196 -2.24 -35.97 2.82
C LYS G 196 -3.47 -35.43 2.09
N ALA G 197 -4.21 -36.35 1.49
CA ALA G 197 -5.36 -35.99 0.68
C ALA G 197 -6.63 -36.00 1.53
N THR G 198 -7.78 -35.92 0.87
CA THR G 198 -9.07 -35.90 1.56
C THR G 198 -9.31 -37.22 2.26
N PHE G 199 -9.85 -37.15 3.49
CA PHE G 199 -10.19 -38.34 4.24
C PHE G 199 -11.24 -38.00 5.28
N TYR G 200 -12.24 -38.86 5.40
CA TYR G 200 -13.40 -38.61 6.25
C TYR G 200 -13.17 -39.22 7.64
N LYS G 201 -14.22 -39.25 8.45
CA LYS G 201 -14.16 -39.81 9.80
C LYS G 201 -15.59 -40.14 10.24
N LEU G 202 -15.73 -40.51 11.51
CA LEU G 202 -17.04 -40.84 12.07
C LEU G 202 -16.94 -40.81 13.59
N TYR G 203 -17.94 -40.22 14.24
CA TYR G 203 -17.95 -40.06 15.69
C TYR G 203 -19.26 -40.59 16.25
N PRO G 204 -19.25 -41.71 16.98
CA PRO G 204 -20.49 -42.16 17.64
C PRO G 204 -21.03 -41.10 18.58
N LEU G 205 -22.36 -41.06 18.68
CA LEU G 205 -23.00 -39.91 19.32
C LEU G 205 -22.83 -39.94 20.84
N SER G 206 -23.47 -40.91 21.52
CA SER G 206 -23.32 -41.01 22.97
C SER G 206 -22.71 -42.35 23.38
N ASP G 207 -23.40 -43.47 23.16
CA ASP G 207 -22.85 -44.78 23.51
C ASP G 207 -23.15 -45.90 22.51
N GLU G 208 -24.19 -45.79 21.70
CA GLU G 208 -24.70 -46.96 20.98
C GLU G 208 -23.98 -47.13 19.65
N GLN G 209 -23.95 -48.38 19.19
CA GLN G 209 -23.34 -48.70 17.90
C GLN G 209 -24.20 -48.13 16.77
N PRO G 210 -23.61 -47.37 15.84
CA PRO G 210 -24.41 -46.84 14.73
C PRO G 210 -24.90 -47.95 13.81
N VAL G 211 -26.05 -47.70 13.18
CA VAL G 211 -26.68 -48.64 12.26
C VAL G 211 -26.60 -48.16 10.81
N ASN G 212 -27.03 -46.92 10.56
CA ASN G 212 -26.95 -46.34 9.23
C ASN G 212 -25.61 -45.64 8.98
N GLY G 213 -24.79 -45.46 10.01
CA GLY G 213 -23.51 -44.82 9.82
C GLY G 213 -22.59 -45.61 8.90
N MET G 214 -22.60 -46.94 9.03
CA MET G 214 -21.79 -47.77 8.14
C MET G 214 -22.22 -47.61 6.70
N LEU G 215 -23.53 -47.62 6.44
CA LEU G 215 -24.02 -47.45 5.08
C LEU G 215 -23.65 -46.08 4.53
N ALA G 216 -23.82 -45.03 5.34
CA ALA G 216 -23.48 -43.69 4.90
C ALA G 216 -22.00 -43.56 4.57
N LEU G 217 -21.14 -44.10 5.44
CA LEU G 217 -19.70 -44.03 5.19
C LEU G 217 -19.32 -44.83 3.96
N LYS G 218 -19.91 -46.02 3.78
CA LYS G 218 -19.62 -46.82 2.61
C LYS G 218 -20.04 -46.09 1.34
N ALA G 219 -21.16 -45.37 1.38
CA ALA G 219 -21.56 -44.54 0.25
C ALA G 219 -20.56 -43.43 0.02
N VAL G 220 -20.03 -42.84 1.08
CA VAL G 220 -19.14 -41.69 0.95
C VAL G 220 -17.72 -42.14 0.62
N ALA G 221 -17.22 -43.14 1.34
CA ALA G 221 -15.81 -43.53 1.21
C ALA G 221 -15.49 -44.00 -0.20
N GLY G 222 -16.34 -44.85 -0.77
CA GLY G 222 -16.07 -45.39 -2.08
C GLY G 222 -14.84 -46.28 -2.10
N ASN G 223 -13.76 -45.79 -2.71
CA ASN G 223 -12.48 -46.49 -2.74
C ASN G 223 -11.63 -45.93 -1.60
N GLN G 224 -11.61 -46.65 -0.48
CA GLN G 224 -10.87 -46.22 0.71
C GLN G 224 -10.68 -47.44 1.60
N PHE G 225 -10.22 -47.20 2.83
CA PHE G 225 -9.98 -48.26 3.79
C PHE G 225 -10.47 -47.81 5.17
N PHE G 226 -10.73 -48.80 6.03
CA PHE G 226 -11.23 -48.55 7.37
C PHE G 226 -10.16 -48.89 8.40
N MET G 227 -10.26 -48.25 9.57
CA MET G 227 -9.29 -48.45 10.63
C MET G 227 -9.90 -48.00 11.95
N TYR G 228 -9.22 -48.33 13.04
CA TYR G 228 -9.66 -47.96 14.38
C TYR G 228 -8.48 -47.41 15.19
N HIS G 229 -7.75 -46.47 14.59
CA HIS G 229 -6.66 -45.81 15.29
C HIS G 229 -7.19 -45.10 16.54
N GLY G 230 -6.52 -45.31 17.66
CA GLY G 230 -7.02 -44.75 18.91
C GLY G 230 -8.32 -45.39 19.34
N HIS G 231 -9.12 -44.63 20.07
CA HIS G 231 -10.42 -45.09 20.53
C HIS G 231 -11.47 -44.00 20.31
N GLY G 232 -12.66 -44.41 19.88
CA GLY G 232 -13.76 -43.50 19.69
C GLY G 232 -13.88 -42.92 18.30
N HIS G 233 -13.16 -43.46 17.31
CA HIS G 233 -13.25 -42.96 15.95
C HIS G 233 -13.11 -44.12 14.98
N ILE G 234 -13.59 -43.89 13.75
CA ILE G 234 -13.37 -44.83 12.64
C ILE G 234 -12.81 -43.99 11.49
N ARG G 235 -11.48 -43.91 11.42
CA ARG G 235 -10.83 -43.10 10.41
C ARG G 235 -10.76 -43.86 9.08
N THR G 236 -10.57 -43.10 8.01
CA THR G 236 -10.40 -43.67 6.68
C THR G 236 -9.14 -43.08 6.06
N VAL G 237 -8.35 -43.94 5.43
CA VAL G 237 -7.10 -43.51 4.79
C VAL G 237 -7.06 -44.07 3.38
N PRO G 238 -6.32 -43.41 2.48
CA PRO G 238 -6.13 -43.98 1.14
C PRO G 238 -5.27 -45.23 1.19
N TYR G 239 -5.34 -46.00 0.11
CA TYR G 239 -4.64 -47.29 0.06
C TYR G 239 -3.13 -47.11 0.16
N HIS G 240 -2.58 -46.09 -0.49
CA HIS G 240 -1.13 -45.91 -0.51
C HIS G 240 -0.60 -45.62 0.89
N GLU G 241 -1.12 -44.58 1.53
CA GLU G 241 -0.59 -44.14 2.82
C GLU G 241 -0.73 -45.22 3.90
N LEU G 242 -1.66 -46.17 3.71
CA LEU G 242 -1.80 -47.26 4.66
C LEU G 242 -0.49 -48.01 4.84
N ALA G 243 0.36 -48.03 3.81
CA ALA G 243 1.71 -48.59 3.95
C ALA G 243 2.39 -48.03 5.20
N ASP G 244 2.52 -46.70 5.27
CA ASP G 244 3.14 -46.08 6.43
C ASP G 244 2.41 -46.44 7.71
N ALA G 245 1.09 -46.61 7.64
CA ALA G 245 0.32 -46.97 8.83
C ALA G 245 0.84 -48.27 9.44
N ILE G 246 1.25 -49.22 8.59
CA ILE G 246 1.77 -50.48 9.11
C ILE G 246 2.99 -50.23 10.00
N LYS G 247 3.85 -49.30 9.59
CA LYS G 247 4.97 -48.93 10.44
C LYS G 247 4.48 -48.39 11.78
N SER G 248 3.44 -47.55 11.75
CA SER G 248 2.86 -47.06 13.01
C SER G 248 2.26 -48.19 13.83
N TYR G 249 1.90 -49.31 13.18
CA TYR G 249 1.39 -50.45 13.92
C TYR G 249 2.50 -51.28 14.54
N ALA G 250 3.76 -51.07 14.14
CA ALA G 250 4.86 -51.82 14.72
C ALA G 250 5.17 -51.37 16.14
N ARG G 251 5.12 -50.06 16.39
CA ARG G 251 5.49 -49.51 17.68
C ARG G 251 4.41 -49.67 18.73
N LYS G 252 3.23 -50.15 18.37
CA LYS G 252 2.15 -50.29 19.32
C LYS G 252 2.47 -51.34 20.37
N ASP G 253 2.08 -51.09 21.61
CA ASP G 253 2.36 -51.99 22.71
C ASP G 253 1.38 -53.16 22.72
N LYS G 254 1.81 -54.27 23.34
CA LYS G 254 0.97 -55.45 23.42
C LYS G 254 -0.29 -55.19 24.24
N GLU G 255 -0.15 -54.49 25.37
CA GLU G 255 -1.31 -54.19 26.19
C GLU G 255 -2.30 -53.29 25.46
N THR G 256 -1.78 -52.28 24.75
CA THR G 256 -2.66 -51.41 23.99
C THR G 256 -3.40 -52.16 22.90
N LEU G 257 -2.70 -53.06 22.19
CA LEU G 257 -3.35 -53.86 21.16
C LEU G 257 -4.41 -54.77 21.76
N GLU G 258 -4.12 -55.37 22.91
CA GLU G 258 -5.09 -56.23 23.57
C GLU G 258 -6.33 -55.44 23.99
N SER G 259 -6.13 -54.22 24.51
CA SER G 259 -7.26 -53.38 24.88
C SER G 259 -8.09 -52.99 23.65
N ILE G 260 -7.41 -52.69 22.54
CA ILE G 260 -8.11 -52.33 21.31
C ILE G 260 -8.95 -53.51 20.82
N SER G 261 -8.37 -54.72 20.84
CA SER G 261 -9.08 -55.89 20.32
C SER G 261 -10.30 -56.26 21.16
N LYS G 262 -10.41 -55.77 22.39
CA LYS G 262 -11.51 -56.11 23.28
C LYS G 262 -12.63 -55.08 23.27
N SER G 263 -12.86 -54.42 22.14
CA SER G 263 -13.89 -53.39 22.04
C SER G 263 -14.89 -53.76 20.95
N PRO G 264 -16.19 -53.71 21.24
CA PRO G 264 -17.19 -53.97 20.18
C PRO G 264 -17.11 -52.99 19.03
N LEU G 265 -16.74 -51.72 19.30
CA LEU G 265 -16.59 -50.75 18.23
C LEU G 265 -15.48 -51.18 17.26
N ALA G 266 -14.46 -51.87 17.76
CA ALA G 266 -13.44 -52.43 16.87
C ALA G 266 -14.04 -53.50 15.95
N ALA G 267 -14.95 -54.32 16.49
CA ALA G 267 -15.59 -55.33 15.66
C ALA G 267 -16.56 -54.70 14.66
N GLN G 268 -17.11 -53.54 14.98
CA GLN G 268 -18.14 -52.93 14.13
C GLN G 268 -17.57 -52.36 12.83
N CYS G 269 -16.25 -52.14 12.75
CA CYS G 269 -15.69 -51.44 11.59
C CYS G 269 -15.92 -52.20 10.30
N GLY G 270 -15.71 -53.51 10.30
CA GLY G 270 -15.88 -54.28 9.09
C GLY G 270 -15.41 -55.71 9.16
N SER G 271 -14.73 -56.17 8.10
CA SER G 271 -14.22 -57.54 8.02
C SER G 271 -12.71 -57.60 7.85
N LYS G 272 -12.15 -56.81 6.93
CA LYS G 272 -10.72 -56.91 6.63
C LYS G 272 -9.87 -56.38 7.78
N PHE G 273 -10.39 -55.45 8.57
CA PHE G 273 -9.60 -54.87 9.65
C PHE G 273 -9.25 -55.92 10.71
N LEU G 274 -10.20 -56.80 11.03
CA LEU G 274 -9.91 -57.88 11.97
C LEU G 274 -8.85 -58.83 11.41
N ASP G 275 -8.91 -59.10 10.10
CA ASP G 275 -7.88 -59.94 9.47
C ASP G 275 -6.51 -59.28 9.57
N MET G 276 -6.44 -57.97 9.33
CA MET G 276 -5.17 -57.26 9.46
C MET G 276 -4.67 -57.28 10.89
N LEU G 277 -5.56 -57.11 11.87
CA LEU G 277 -5.16 -57.18 13.26
C LEU G 277 -4.63 -58.55 13.63
N ASP G 278 -5.28 -59.61 13.14
CA ASP G 278 -4.79 -60.96 13.37
C ASP G 278 -3.42 -61.16 12.72
N GLY G 279 -3.23 -60.60 11.53
CA GLY G 279 -1.94 -60.71 10.86
C GLY G 279 -0.82 -60.03 11.64
N ILE G 280 -1.09 -58.82 12.15
CA ILE G 280 -0.07 -58.15 12.95
C ILE G 280 0.13 -58.84 14.29
N ARG G 281 -0.90 -59.53 14.80
CA ARG G 281 -0.74 -60.34 16.00
C ARG G 281 0.07 -61.60 15.74
N SER G 282 0.09 -62.07 14.49
CA SER G 282 0.84 -63.29 14.16
C SER G 282 2.35 -63.08 14.25
N LYS G 283 2.81 -61.83 14.32
CA LYS G 283 4.23 -61.50 14.44
C LYS G 283 5.06 -62.04 13.28
N GLN G 284 4.45 -62.10 12.09
CA GLN G 284 5.15 -62.52 10.89
C GLN G 284 5.74 -61.29 10.20
N LYS G 285 6.24 -61.46 8.98
CA LYS G 285 6.76 -60.32 8.23
C LYS G 285 5.64 -59.36 7.86
N ILE G 286 5.98 -58.08 7.81
CA ILE G 286 4.95 -57.05 7.68
C ILE G 286 4.57 -56.82 6.22
N GLU G 287 5.56 -56.80 5.33
CA GLU G 287 5.30 -56.39 3.95
C GLU G 287 4.36 -57.34 3.22
N ASP G 288 4.63 -58.65 3.32
CA ASP G 288 3.84 -59.62 2.57
C ASP G 288 2.39 -59.63 3.03
N VAL G 289 2.17 -59.66 4.35
CA VAL G 289 0.82 -59.64 4.88
C VAL G 289 0.14 -58.31 4.55
N ILE G 290 0.92 -57.23 4.52
CA ILE G 290 0.36 -55.92 4.19
C ILE G 290 -0.18 -55.92 2.76
N LEU G 291 0.61 -56.43 1.82
CA LEU G 291 0.12 -56.50 0.44
C LEU G 291 -1.01 -57.50 0.28
N LYS G 292 -1.00 -58.59 1.05
CA LYS G 292 -2.10 -59.54 1.01
C LYS G 292 -3.41 -58.88 1.44
N ALA G 293 -3.36 -58.09 2.52
CA ALA G 293 -4.54 -57.37 2.98
C ALA G 293 -4.86 -56.17 2.10
N LYS G 294 -3.90 -55.71 1.30
CA LYS G 294 -4.08 -54.54 0.45
C LYS G 294 -4.55 -54.89 -0.97
N ILE G 295 -4.83 -56.17 -1.24
CA ILE G 295 -5.31 -56.54 -2.57
C ILE G 295 -6.67 -55.90 -2.82
N PHE G 296 -6.90 -55.53 -4.08
CA PHE G 296 -8.15 -54.88 -4.48
C PHE G 296 -9.05 -55.93 -5.11
N GLU G 297 -10.12 -56.28 -4.40
CA GLU G 297 -11.06 -57.29 -4.88
C GLU G 297 -11.94 -56.73 -6.00
N MET H 1 -42.14 -11.75 -5.98
CA MET H 1 -42.07 -10.31 -6.07
C MET H 1 -40.83 -9.78 -5.34
N THR H 2 -41.03 -8.77 -4.50
CA THR H 2 -39.94 -8.19 -3.73
C THR H 2 -39.48 -9.19 -2.66
N GLN H 3 -38.28 -9.74 -2.84
CA GLN H 3 -37.77 -10.73 -1.90
C GLN H 3 -37.56 -10.12 -0.53
N SER H 4 -37.81 -10.91 0.51
CA SER H 4 -37.70 -10.47 1.89
C SER H 4 -36.59 -11.24 2.59
N VAL H 5 -35.84 -10.54 3.44
CA VAL H 5 -34.75 -11.12 4.20
C VAL H 5 -35.20 -11.23 5.65
N SER H 6 -35.24 -12.46 6.16
CA SER H 6 -35.70 -12.69 7.51
C SER H 6 -34.66 -12.24 8.53
N LEU H 7 -35.11 -12.12 9.78
CA LEU H 7 -34.21 -11.74 10.86
C LEU H 7 -33.26 -12.86 11.22
N SER H 8 -33.74 -14.12 11.16
CA SER H 8 -32.91 -15.25 11.55
C SER H 8 -31.73 -15.46 10.61
N ASP H 9 -31.79 -14.95 9.38
CA ASP H 9 -30.66 -15.06 8.48
C ASP H 9 -29.47 -14.22 8.93
N PHE H 10 -29.66 -13.33 9.91
CA PHE H 10 -28.59 -12.52 10.46
C PHE H 10 -28.15 -12.95 11.85
N ILE H 11 -29.06 -13.47 12.66
CA ILE H 11 -28.78 -13.75 14.07
C ILE H 11 -29.85 -14.71 14.58
N VAL H 12 -29.42 -15.69 15.38
CA VAL H 12 -30.34 -16.63 16.01
C VAL H 12 -30.07 -16.68 17.50
N LYS H 13 -31.08 -17.12 18.24
CA LYS H 13 -30.96 -17.24 19.68
C LYS H 13 -30.06 -18.43 20.04
N THR H 14 -29.46 -18.35 21.23
CA THR H 14 -28.62 -19.42 21.74
C THR H 14 -28.91 -19.57 23.23
N GLU H 15 -28.03 -20.26 23.95
CA GLU H 15 -28.26 -20.53 25.36
C GLU H 15 -28.33 -19.22 26.15
N ASP H 16 -27.23 -18.47 26.19
CA ASP H 16 -27.21 -17.17 26.85
C ASP H 16 -27.00 -16.02 25.87
N GLY H 17 -25.93 -16.06 25.08
CA GLY H 17 -25.59 -14.97 24.19
C GLY H 17 -25.91 -15.29 22.75
N TYR H 18 -26.45 -14.31 22.03
CA TYR H 18 -26.76 -14.47 20.62
C TYR H 18 -25.47 -14.72 19.83
N MET H 19 -25.60 -15.50 18.77
CA MET H 19 -24.46 -15.95 17.98
C MET H 19 -24.73 -15.67 16.51
N PRO H 20 -23.68 -15.43 15.72
CA PRO H 20 -23.88 -15.29 14.28
C PRO H 20 -24.36 -16.60 13.66
N SER H 21 -25.07 -16.48 12.55
CA SER H 21 -25.75 -17.60 11.92
C SER H 21 -25.10 -17.95 10.59
N ASP H 22 -24.87 -19.24 10.38
CA ASP H 22 -24.26 -19.74 9.16
C ASP H 22 -25.28 -20.55 8.38
N ARG H 23 -25.50 -20.18 7.12
CA ARG H 23 -26.40 -20.89 6.23
C ARG H 23 -25.68 -21.86 5.30
N GLU H 24 -24.42 -22.17 5.59
CA GLU H 24 -23.65 -23.05 4.72
C GLU H 24 -24.22 -24.46 4.69
N CYS H 25 -24.63 -24.97 5.85
CA CYS H 25 -25.12 -26.34 5.96
C CYS H 25 -26.51 -26.35 6.58
N VAL H 26 -27.31 -27.34 6.18
CA VAL H 26 -28.67 -27.51 6.70
C VAL H 26 -28.82 -28.94 7.20
N ALA H 27 -27.73 -29.71 7.20
CA ALA H 27 -27.79 -31.10 7.63
C ALA H 27 -28.06 -31.22 9.12
N LEU H 28 -27.54 -30.29 9.92
CA LEU H 28 -27.65 -30.38 11.37
C LEU H 28 -29.08 -30.11 11.87
N ASP H 29 -29.98 -29.66 10.99
CA ASP H 29 -31.31 -29.25 11.42
C ASP H 29 -32.18 -30.42 11.88
N ARG H 30 -31.74 -31.66 11.69
CA ARG H 30 -32.57 -32.80 12.06
C ARG H 30 -32.86 -32.82 13.56
N TYR H 31 -31.87 -32.55 14.38
CA TYR H 31 -32.05 -32.51 15.83
C TYR H 31 -32.76 -31.22 16.24
N LEU H 32 -33.48 -31.30 17.36
CA LEU H 32 -34.23 -30.16 17.87
C LEU H 32 -34.51 -30.39 19.35
N SER H 33 -35.22 -29.44 19.96
CA SER H 33 -35.63 -29.52 21.34
C SER H 33 -37.11 -29.88 21.44
N LYS H 34 -37.53 -30.25 22.65
CA LYS H 34 -38.90 -30.71 22.85
C LYS H 34 -39.91 -29.62 22.49
N GLU H 35 -39.72 -28.42 23.03
CA GLU H 35 -40.60 -27.31 22.66
C GLU H 35 -40.46 -26.98 21.18
N GLN H 36 -39.24 -27.02 20.66
CA GLN H 36 -39.02 -26.70 19.25
C GLN H 36 -39.77 -27.67 18.34
N LYS H 37 -39.67 -28.97 18.63
CA LYS H 37 -40.38 -29.95 17.80
C LYS H 37 -41.88 -29.86 18.00
N GLU H 38 -42.34 -29.54 19.21
CA GLU H 38 -43.77 -29.38 19.44
C GLU H 38 -44.33 -28.24 18.59
N LEU H 39 -43.68 -27.08 18.63
CA LEU H 39 -44.14 -25.96 17.81
C LEU H 39 -43.99 -26.25 16.33
N ARG H 40 -42.94 -26.97 15.93
CA ARG H 40 -42.81 -27.34 14.52
C ARG H 40 -43.97 -28.21 14.07
N GLU H 41 -44.34 -29.20 14.88
CA GLU H 41 -45.47 -30.06 14.55
C GLU H 41 -46.77 -29.27 14.48
N THR H 42 -46.99 -28.37 15.44
CA THR H 42 -48.21 -27.58 15.42
C THR H 42 -48.26 -26.67 14.20
N PHE H 43 -47.13 -26.07 13.84
CA PHE H 43 -47.08 -25.21 12.65
C PHE H 43 -47.37 -26.01 11.38
N LYS H 44 -46.78 -27.21 11.27
CA LYS H 44 -47.02 -28.03 10.08
C LYS H 44 -48.43 -28.60 10.06
N ASP H 45 -49.09 -28.71 11.22
CA ASP H 45 -50.41 -29.33 11.27
C ASP H 45 -51.44 -28.54 10.47
N GLY H 46 -51.71 -27.30 10.88
CA GLY H 46 -52.76 -26.52 10.29
C GLY H 46 -52.41 -25.05 10.23
N LYS H 47 -53.20 -24.30 9.45
CA LYS H 47 -52.98 -22.88 9.23
C LYS H 47 -53.73 -22.11 10.32
N ASN H 48 -53.03 -21.82 11.42
CA ASN H 48 -53.61 -21.09 12.55
C ASN H 48 -52.58 -20.09 13.06
N ASP H 49 -52.67 -18.85 12.56
CA ASP H 49 -51.84 -17.74 13.02
C ASP H 49 -50.35 -18.08 12.90
N ARG H 50 -49.93 -18.22 11.64
CA ARG H 50 -48.55 -18.62 11.36
C ARG H 50 -47.55 -17.61 11.89
N SER H 51 -47.85 -16.32 11.78
CA SER H 51 -46.91 -15.29 12.21
C SER H 51 -46.67 -15.34 13.71
N ALA H 52 -47.73 -15.54 14.50
CA ALA H 52 -47.54 -15.65 15.95
C ALA H 52 -46.71 -16.86 16.31
N LEU H 53 -46.94 -17.98 15.63
CA LEU H 53 -46.13 -19.18 15.87
C LEU H 53 -44.67 -18.93 15.50
N ARG H 54 -44.43 -18.20 14.42
CA ARG H 54 -43.06 -17.88 14.02
C ARG H 54 -42.38 -17.01 15.08
N ILE H 55 -43.10 -16.01 15.59
CA ILE H 55 -42.53 -15.15 16.63
C ILE H 55 -42.23 -15.95 17.88
N LYS H 56 -43.13 -16.86 18.25
CA LYS H 56 -42.87 -17.73 19.40
C LYS H 56 -41.65 -18.61 19.15
N MET H 57 -41.49 -19.11 17.92
CA MET H 57 -40.34 -19.92 17.59
C MET H 57 -39.04 -19.15 17.74
N PHE H 58 -39.01 -17.90 17.26
CA PHE H 58 -37.79 -17.12 17.30
C PHE H 58 -37.34 -16.76 18.71
N LEU H 59 -38.23 -16.87 19.69
CA LEU H 59 -37.93 -16.46 21.06
C LEU H 59 -37.59 -17.62 21.97
N SER H 60 -37.34 -18.81 21.41
CA SER H 60 -36.94 -19.94 22.23
C SER H 60 -35.46 -20.24 22.00
N PRO H 61 -34.74 -20.65 23.05
CA PRO H 61 -33.30 -20.91 22.91
C PRO H 61 -33.01 -22.12 22.04
N SER H 62 -31.73 -22.42 21.84
CA SER H 62 -31.31 -23.54 21.03
C SER H 62 -30.32 -24.41 21.80
N PRO H 63 -30.30 -25.71 21.54
CA PRO H 63 -29.37 -26.60 22.24
C PRO H 63 -27.95 -26.45 21.70
N SER H 64 -27.02 -27.10 22.41
CA SER H 64 -25.63 -27.07 22.02
C SER H 64 -25.31 -28.03 20.87
N ARG H 65 -26.24 -28.90 20.51
CA ARG H 65 -25.99 -29.85 19.42
C ARG H 65 -25.94 -29.15 18.07
N ARG H 66 -26.59 -27.99 17.94
CA ARG H 66 -26.65 -27.28 16.67
C ARG H 66 -25.42 -26.41 16.42
N PHE H 67 -24.50 -26.31 17.39
CA PHE H 67 -23.32 -25.48 17.21
C PHE H 67 -22.39 -26.08 16.17
N THR H 68 -21.79 -25.21 15.36
CA THR H 68 -20.74 -25.63 14.44
C THR H 68 -19.50 -24.78 14.67
N GLN H 69 -18.49 -24.92 13.81
CA GLN H 69 -17.28 -24.13 13.97
C GLN H 69 -17.53 -22.65 13.70
N HIS H 70 -18.19 -22.34 12.58
CA HIS H 70 -18.44 -20.95 12.23
C HIS H 70 -19.46 -20.32 13.16
N GLY H 71 -20.58 -20.99 13.40
CA GLY H 71 -21.65 -20.42 14.20
C GLY H 71 -22.76 -21.41 14.51
N VAL H 72 -24.01 -20.96 14.42
CA VAL H 72 -25.17 -21.77 14.76
C VAL H 72 -26.08 -21.84 13.55
N VAL H 73 -26.58 -23.04 13.26
CA VAL H 73 -27.53 -23.24 12.17
C VAL H 73 -28.91 -22.79 12.60
N PRO H 74 -29.64 -22.04 11.77
CA PRO H 74 -30.99 -21.63 12.15
C PRO H 74 -32.01 -22.74 11.90
N MET H 75 -33.28 -22.44 12.13
CA MET H 75 -34.34 -23.41 11.84
C MET H 75 -34.70 -23.38 10.37
N ARG H 76 -35.42 -24.41 9.94
CA ARG H 76 -35.85 -24.51 8.54
C ARG H 76 -37.12 -23.74 8.26
N GLU H 77 -37.76 -23.14 9.28
CA GLU H 77 -39.01 -22.42 9.09
C GLU H 77 -38.85 -20.91 9.08
N ILE H 78 -37.72 -20.39 9.58
CA ILE H 78 -37.52 -18.94 9.67
C ILE H 78 -36.30 -18.55 8.86
N LYS H 79 -36.01 -19.30 7.80
CA LYS H 79 -34.84 -19.06 6.97
C LYS H 79 -35.26 -18.93 5.51
N THR H 80 -34.70 -17.95 4.82
CA THR H 80 -35.02 -17.69 3.43
C THR H 80 -34.02 -18.38 2.52
N ASN H 81 -34.12 -18.13 1.22
CA ASN H 81 -33.26 -18.73 0.21
C ASN H 81 -32.79 -17.69 -0.79
N THR H 82 -32.57 -16.46 -0.33
CA THR H 82 -32.10 -15.38 -1.17
C THR H 82 -30.69 -14.96 -0.74
N ASP H 83 -29.82 -14.75 -1.72
CA ASP H 83 -28.45 -14.36 -1.45
C ASP H 83 -28.35 -12.86 -1.22
N ILE H 84 -27.43 -12.48 -0.34
CA ILE H 84 -27.23 -11.08 0.02
C ILE H 84 -25.74 -10.76 -0.03
N PRO H 85 -25.35 -9.52 -0.31
CA PRO H 85 -23.92 -9.18 -0.35
C PRO H 85 -23.24 -9.40 1.00
N SER H 86 -21.96 -9.75 0.94
CA SER H 86 -21.21 -10.05 2.15
C SER H 86 -21.08 -8.82 3.05
N THR H 87 -20.84 -7.65 2.45
CA THR H 87 -20.63 -6.44 3.24
C THR H 87 -21.85 -6.10 4.09
N LEU H 88 -23.04 -6.20 3.51
CA LEU H 88 -24.26 -5.90 4.25
C LEU H 88 -24.42 -6.83 5.45
N TRP H 89 -24.23 -8.13 5.23
CA TRP H 89 -24.35 -9.11 6.31
C TRP H 89 -23.32 -8.82 7.40
N THR H 90 -22.08 -8.60 7.02
CA THR H 90 -21.02 -8.37 8.00
C THR H 90 -21.32 -7.13 8.83
N LEU H 91 -21.69 -6.03 8.17
CA LEU H 91 -21.93 -4.78 8.90
C LEU H 91 -23.11 -4.91 9.85
N VAL H 92 -24.23 -5.47 9.37
CA VAL H 92 -25.42 -5.57 10.20
C VAL H 92 -25.16 -6.50 11.39
N THR H 93 -24.54 -7.66 11.13
CA THR H 93 -24.26 -8.59 12.21
C THR H 93 -23.32 -7.99 13.23
N ASP H 94 -22.27 -7.31 12.77
CA ASP H 94 -21.30 -6.71 13.69
C ASP H 94 -21.97 -5.67 14.57
N TRP H 95 -22.75 -4.76 13.98
CA TRP H 95 -23.39 -3.73 14.79
C TRP H 95 -24.39 -4.34 15.77
N LEU H 96 -25.20 -5.28 15.30
CA LEU H 96 -26.23 -5.86 16.15
C LEU H 96 -25.62 -6.63 17.31
N LEU H 97 -24.53 -7.36 17.07
CA LEU H 97 -23.88 -8.08 18.15
C LEU H 97 -23.15 -7.13 19.09
N ASN H 98 -22.65 -6.00 18.57
CA ASN H 98 -22.06 -5.00 19.46
C ASN H 98 -23.12 -4.40 20.37
N LEU H 99 -24.35 -4.22 19.88
CA LEU H 99 -25.41 -3.66 20.71
C LEU H 99 -25.87 -4.64 21.78
N LEU H 100 -25.79 -5.94 21.52
CA LEU H 100 -26.43 -6.95 22.35
C LEU H 100 -25.55 -7.43 23.50
N GLN H 101 -24.55 -6.65 23.90
CA GLN H 101 -23.70 -7.01 25.03
C GLN H 101 -24.21 -6.42 26.34
N ASP H 102 -25.48 -6.68 26.67
CA ASP H 102 -26.07 -6.16 27.90
C ASP H 102 -27.37 -6.91 28.18
N GLU H 103 -27.56 -7.34 29.42
CA GLU H 103 -28.79 -8.02 29.79
C GLU H 103 -29.99 -7.08 29.70
N GLU H 104 -29.83 -5.83 30.14
CA GLU H 104 -30.92 -4.87 30.03
C GLU H 104 -31.25 -4.59 28.56
N ASN H 105 -30.22 -4.48 27.71
CA ASN H 105 -30.48 -4.33 26.28
C ASN H 105 -31.13 -5.58 25.70
N GLN H 106 -30.78 -6.76 26.20
CA GLN H 106 -31.45 -7.98 25.77
C GLN H 106 -32.94 -7.93 26.11
N GLU H 107 -33.27 -7.51 27.34
CA GLU H 107 -34.66 -7.40 27.75
C GLU H 107 -35.40 -6.36 26.91
N MET H 108 -34.74 -5.24 26.62
CA MET H 108 -35.36 -4.21 25.77
C MET H 108 -35.63 -4.75 24.37
N PHE H 109 -34.69 -5.49 23.80
CA PHE H 109 -34.89 -6.06 22.47
C PHE H 109 -36.05 -7.04 22.48
N GLU H 110 -36.12 -7.89 23.51
CA GLU H 110 -37.23 -8.84 23.59
C GLU H 110 -38.57 -8.12 23.73
N ASP H 111 -38.61 -7.06 24.55
CA ASP H 111 -39.84 -6.30 24.71
C ASP H 111 -40.26 -5.66 23.39
N PHE H 112 -39.31 -5.10 22.65
CA PHE H 112 -39.64 -4.51 21.36
C PHE H 112 -40.13 -5.56 20.37
N ILE H 113 -39.45 -6.70 20.32
CA ILE H 113 -39.82 -7.75 19.35
C ILE H 113 -41.19 -8.32 19.69
N SER H 114 -41.57 -8.28 20.97
CA SER H 114 -42.90 -8.72 21.37
C SER H 114 -43.94 -7.61 21.29
N SER H 115 -43.54 -6.38 21.00
CA SER H 115 -44.46 -5.24 21.09
C SER H 115 -45.21 -4.99 19.79
N LYS H 116 -44.48 -4.70 18.71
CA LYS H 116 -45.11 -4.19 17.50
C LYS H 116 -44.68 -4.88 16.22
N PHE H 117 -43.84 -5.91 16.29
CA PHE H 117 -43.40 -6.59 15.07
C PHE H 117 -44.53 -7.45 14.53
N PRO H 118 -45.02 -7.20 13.32
CA PRO H 118 -46.10 -8.03 12.77
C PRO H 118 -45.60 -9.34 12.18
N ASP H 119 -44.41 -9.31 11.58
CA ASP H 119 -43.81 -10.51 11.00
C ASP H 119 -42.31 -10.31 10.91
N VAL H 120 -41.60 -11.44 10.88
CA VAL H 120 -40.14 -11.39 10.85
C VAL H 120 -39.64 -10.80 9.54
N LEU H 121 -40.28 -11.15 8.43
CA LEU H 121 -39.79 -10.76 7.11
C LEU H 121 -39.76 -9.25 6.96
N ALA H 122 -38.78 -8.76 6.21
CA ALA H 122 -38.63 -7.34 5.95
C ALA H 122 -38.10 -7.14 4.54
N SER H 123 -38.39 -5.99 3.95
CA SER H 123 -37.99 -5.72 2.57
C SER H 123 -36.48 -5.57 2.47
N ALA H 124 -35.94 -5.99 1.32
CA ALA H 124 -34.50 -5.95 1.13
C ALA H 124 -34.00 -4.52 0.90
N ASP H 125 -34.73 -3.74 0.10
CA ASP H 125 -34.29 -2.39 -0.21
C ASP H 125 -34.29 -1.50 1.03
N LYS H 126 -35.26 -1.69 1.92
CA LYS H 126 -35.25 -0.94 3.18
C LYS H 126 -33.99 -1.23 3.97
N LEU H 127 -33.60 -2.51 4.05
CA LEU H 127 -32.39 -2.88 4.76
C LEU H 127 -31.15 -2.28 4.10
N ALA H 128 -31.10 -2.30 2.77
CA ALA H 128 -29.95 -1.73 2.06
C ALA H 128 -29.84 -0.24 2.32
N ARG H 129 -30.97 0.48 2.26
CA ARG H 129 -30.94 1.92 2.52
C ARG H 129 -30.55 2.21 3.96
N PHE H 130 -31.03 1.41 4.91
CA PHE H 130 -30.64 1.61 6.30
C PHE H 130 -29.15 1.38 6.49
N ALA H 131 -28.60 0.35 5.85
CA ALA H 131 -27.16 0.10 5.96
C ALA H 131 -26.35 1.17 5.26
N GLN H 132 -26.94 1.85 4.26
CA GLN H 132 -26.25 2.96 3.62
C GLN H 132 -25.93 4.06 4.62
N ARG H 133 -26.84 4.31 5.56
CA ARG H 133 -26.66 5.34 6.56
C ARG H 133 -25.78 4.91 7.72
N LEU H 134 -25.50 3.61 7.85
CA LEU H 134 -24.70 3.10 8.95
C LEU H 134 -23.23 2.92 8.59
N GLU H 135 -22.89 2.88 7.31
CA GLU H 135 -21.52 2.62 6.90
C GLU H 135 -20.61 3.82 7.17
N ASP H 136 -21.11 5.04 6.97
CA ASP H 136 -20.29 6.24 7.12
C ASP H 136 -20.19 6.64 8.58
N ARG H 137 -19.02 7.16 8.95
CA ARG H 137 -18.74 7.48 10.35
C ARG H 137 -19.43 8.75 10.82
N LYS H 138 -19.57 9.75 9.96
CA LYS H 138 -20.11 11.05 10.36
C LYS H 138 -21.61 11.07 10.08
N ASP H 139 -22.37 10.51 11.02
CA ASP H 139 -23.83 10.55 10.99
C ASP H 139 -24.32 10.77 12.42
N VAL H 140 -25.62 10.57 12.63
CA VAL H 140 -26.24 10.85 13.92
C VAL H 140 -26.50 9.55 14.66
N LEU H 141 -26.62 8.44 13.92
CA LEU H 141 -27.02 7.18 14.53
C LEU H 141 -26.00 6.69 15.55
N HIS H 142 -24.72 6.97 15.33
CA HIS H 142 -23.69 6.46 16.22
C HIS H 142 -23.85 7.03 17.63
N LYS H 143 -24.13 8.33 17.74
CA LYS H 143 -24.22 8.96 19.05
C LYS H 143 -25.50 8.57 19.78
N ASN H 144 -26.62 8.53 19.08
CA ASN H 144 -27.92 8.25 19.68
C ASN H 144 -28.29 6.81 19.38
N PHE H 145 -28.10 5.94 20.38
CA PHE H 145 -28.44 4.52 20.20
C PHE H 145 -29.94 4.33 20.04
N SER H 146 -30.74 5.07 20.80
CA SER H 146 -32.19 4.88 20.76
C SER H 146 -32.76 5.23 19.39
N LYS H 147 -32.30 6.32 18.78
CA LYS H 147 -32.80 6.70 17.46
C LYS H 147 -32.43 5.66 16.41
N ALA H 148 -31.19 5.15 16.46
CA ALA H 148 -30.80 4.10 15.51
C ALA H 148 -31.63 2.85 15.72
N MET H 149 -31.90 2.49 16.98
CA MET H 149 -32.74 1.33 17.25
C MET H 149 -34.15 1.51 16.69
N ASN H 150 -34.74 2.69 16.88
CA ASN H 150 -36.05 2.95 16.31
C ASN H 150 -36.02 2.91 14.78
N ALA H 151 -34.97 3.44 14.18
CA ALA H 151 -34.83 3.40 12.72
C ALA H 151 -34.79 1.95 12.22
N PHE H 152 -33.99 1.12 12.88
CA PHE H 152 -33.88 -0.28 12.48
C PHE H 152 -35.22 -0.99 12.67
N GLY H 153 -35.92 -0.69 13.76
CA GLY H 153 -37.22 -1.31 13.97
C GLY H 153 -38.23 -0.91 12.92
N ALA H 154 -38.31 0.39 12.61
CA ALA H 154 -39.23 0.85 11.58
C ALA H 154 -38.82 0.38 10.20
N CYS H 155 -37.57 -0.04 10.02
CA CYS H 155 -37.15 -0.61 8.75
C CYS H 155 -37.91 -1.88 8.40
N PHE H 156 -38.49 -2.56 9.39
CA PHE H 156 -39.21 -3.81 9.19
C PHE H 156 -40.70 -3.67 9.53
N TRP H 157 -41.29 -2.55 9.14
CA TRP H 157 -42.73 -2.31 9.27
C TRP H 157 -43.19 -2.40 10.73
N ALA H 158 -42.58 -1.58 11.57
CA ALA H 158 -42.95 -1.52 12.98
C ALA H 158 -43.40 -0.15 13.44
N ILE H 159 -42.71 0.90 13.03
CA ILE H 159 -43.01 2.28 13.44
C ILE H 159 -43.21 3.12 12.19
N LYS H 160 -44.18 4.02 12.25
CA LYS H 160 -44.39 4.96 11.15
C LYS H 160 -43.15 5.84 11.01
N PRO H 161 -42.50 5.86 9.85
CA PRO H 161 -41.20 6.54 9.73
C PRO H 161 -41.36 8.05 9.61
N THR H 162 -40.63 8.79 10.43
CA THR H 162 -40.52 10.23 10.32
C THR H 162 -39.33 10.57 9.43
N PHE H 163 -38.94 11.84 9.40
CA PHE H 163 -37.79 12.24 8.60
C PHE H 163 -36.49 11.73 9.21
N ALA H 164 -36.35 11.87 10.53
CA ALA H 164 -35.11 11.47 11.19
C ALA H 164 -34.91 9.96 11.23
N THR H 165 -35.96 9.18 10.97
CA THR H 165 -35.88 7.72 11.02
C THR H 165 -35.92 7.08 9.63
N GLU H 166 -35.77 7.88 8.57
CA GLU H 166 -35.79 7.34 7.21
C GLU H 166 -34.44 6.73 6.87
N GLY H 167 -34.22 6.43 5.60
CA GLY H 167 -32.97 5.85 5.16
C GLY H 167 -31.94 6.90 4.82
N LYS H 168 -31.39 6.85 3.61
CA LYS H 168 -30.45 7.86 3.13
C LYS H 168 -31.19 8.80 2.21
N CYS H 169 -31.14 10.10 2.52
CA CYS H 169 -31.93 11.08 1.79
C CYS H 169 -31.27 12.45 1.95
N ASN H 170 -31.78 13.41 1.19
CA ASN H 170 -31.31 14.79 1.25
C ASN H 170 -32.46 15.70 0.87
N VAL H 171 -32.94 16.50 1.82
CA VAL H 171 -34.09 17.36 1.58
C VAL H 171 -33.78 18.33 0.46
N VAL H 172 -34.64 18.35 -0.56
CA VAL H 172 -34.43 19.21 -1.72
C VAL H 172 -35.28 20.47 -1.69
N ARG H 173 -36.38 20.49 -0.92
CA ARG H 173 -37.27 21.64 -0.87
C ARG H 173 -38.26 21.45 0.27
N ALA H 174 -38.59 22.54 0.95
CA ALA H 174 -39.58 22.49 2.02
C ALA H 174 -40.67 23.54 1.79
N THR H 175 -41.55 23.69 2.75
CA THR H 175 -42.64 24.66 2.70
C THR H 175 -43.19 24.81 4.12
N ASP H 176 -44.32 25.51 4.25
CA ASP H 176 -44.87 25.77 5.57
C ASP H 176 -45.23 24.47 6.29
N ASP H 177 -45.89 23.55 5.59
CA ASP H 177 -46.25 22.26 6.15
C ASP H 177 -45.79 21.16 5.21
N SER H 178 -45.22 20.10 5.78
CA SER H 178 -44.73 18.92 5.06
C SER H 178 -43.49 19.26 4.22
N MET H 179 -42.77 18.23 3.81
CA MET H 179 -41.55 18.39 3.02
C MET H 179 -41.55 17.40 1.87
N ILE H 180 -40.62 17.59 0.94
CA ILE H 180 -40.41 16.69 -0.18
C ILE H 180 -38.95 16.28 -0.21
N LEU H 181 -38.70 14.98 -0.33
CA LEU H 181 -37.35 14.44 -0.33
C LEU H 181 -37.08 13.70 -1.63
N GLU H 182 -35.80 13.59 -1.97
CA GLU H 182 -35.36 12.90 -3.17
C GLU H 182 -34.47 11.71 -2.79
N PHE H 183 -34.68 10.59 -3.46
CA PHE H 183 -33.87 9.40 -3.27
C PHE H 183 -33.02 9.16 -4.51
N GLN H 184 -32.03 8.29 -4.36
CA GLN H 184 -31.09 8.00 -5.43
C GLN H 184 -30.85 6.50 -5.48
N PRO H 185 -30.43 5.97 -6.63
CA PRO H 185 -30.14 4.54 -6.72
C PRO H 185 -29.03 4.13 -5.75
N VAL H 186 -29.19 2.95 -5.15
CA VAL H 186 -28.21 2.42 -4.22
C VAL H 186 -27.01 1.91 -4.99
N PRO H 187 -25.77 2.12 -4.51
CA PRO H 187 -24.60 1.67 -5.27
C PRO H 187 -24.59 0.17 -5.51
N GLU H 188 -23.72 -0.26 -6.41
CA GLU H 188 -23.75 -1.63 -6.92
C GLU H 188 -23.47 -2.65 -5.82
N TYR H 189 -22.42 -2.43 -5.03
CA TYR H 189 -21.99 -3.43 -4.05
C TYR H 189 -22.89 -3.49 -2.83
N PHE H 190 -24.04 -2.82 -2.85
CA PHE H 190 -25.11 -3.04 -1.88
C PHE H 190 -26.36 -3.65 -2.51
N ARG H 191 -26.46 -3.66 -3.82
CA ARG H 191 -27.70 -4.05 -4.49
C ARG H 191 -27.99 -5.54 -4.30
N CYS H 192 -29.26 -5.85 -4.04
CA CYS H 192 -29.73 -7.23 -3.94
C CYS H 192 -31.09 -7.29 -4.63
N GLY H 193 -31.09 -7.60 -5.93
CA GLY H 193 -32.29 -7.71 -6.72
C GLY H 193 -32.33 -6.70 -7.85
N ARG H 194 -33.53 -6.26 -8.19
CA ARG H 194 -33.72 -5.33 -9.28
C ARG H 194 -33.28 -3.92 -8.87
N SER H 195 -33.12 -3.06 -9.87
CA SER H 195 -32.70 -1.68 -9.67
C SER H 195 -33.89 -0.74 -9.88
N LYS H 196 -33.87 0.38 -9.16
CA LYS H 196 -34.91 1.39 -9.25
C LYS H 196 -34.27 2.75 -9.46
N ALA H 197 -34.99 3.62 -10.17
CA ALA H 197 -34.49 4.93 -10.53
C ALA H 197 -34.89 5.96 -9.46
N THR H 198 -34.69 7.24 -9.78
CA THR H 198 -35.01 8.31 -8.84
C THR H 198 -36.50 8.39 -8.60
N PHE H 199 -36.89 8.62 -7.35
CA PHE H 199 -38.29 8.76 -6.99
C PHE H 199 -38.40 9.54 -5.69
N TYR H 200 -39.34 10.48 -5.65
CA TYR H 200 -39.48 11.40 -4.53
C TYR H 200 -40.50 10.84 -3.52
N LYS H 201 -40.88 11.66 -2.55
CA LYS H 201 -41.85 11.27 -1.53
C LYS H 201 -42.42 12.54 -0.92
N LEU H 202 -43.21 12.38 0.15
CA LEU H 202 -43.82 13.51 0.84
C LEU H 202 -44.27 13.05 2.22
N TYR H 203 -44.05 13.87 3.24
CA TYR H 203 -44.38 13.54 4.62
C TYR H 203 -45.17 14.67 5.24
N PRO H 204 -46.46 14.49 5.52
CA PRO H 204 -47.21 15.52 6.25
C PRO H 204 -46.57 15.83 7.59
N LEU H 205 -46.67 17.10 8.00
CA LEU H 205 -45.85 17.56 9.12
C LEU H 205 -46.38 17.03 10.46
N SER H 206 -47.56 17.49 10.89
CA SER H 206 -48.14 16.99 12.13
C SER H 206 -49.48 16.31 11.92
N ASP H 207 -50.51 17.04 11.48
CA ASP H 207 -51.82 16.41 11.24
C ASP H 207 -52.55 16.93 10.02
N GLU H 208 -52.28 18.13 9.54
CA GLU H 208 -53.17 18.80 8.59
C GLU H 208 -52.84 18.42 7.15
N GLN H 209 -53.85 18.50 6.30
CA GLN H 209 -53.66 18.20 4.88
C GLN H 209 -52.83 19.31 4.24
N PRO H 210 -51.77 18.97 3.49
CA PRO H 210 -50.97 20.00 2.83
C PRO H 210 -51.77 20.72 1.75
N VAL H 211 -51.39 21.98 1.50
CA VAL H 211 -52.04 22.81 0.50
C VAL H 211 -51.10 23.11 -0.66
N ASN H 212 -49.88 23.57 -0.38
CA ASN H 212 -48.89 23.81 -1.41
C ASN H 212 -48.02 22.59 -1.70
N GLY H 213 -48.12 21.55 -0.87
CA GLY H 213 -47.33 20.36 -1.12
C GLY H 213 -47.69 19.68 -2.42
N MET H 214 -48.98 19.64 -2.75
CA MET H 214 -49.41 19.06 -4.01
C MET H 214 -48.82 19.82 -5.20
N LEU H 215 -48.87 21.15 -5.14
CA LEU H 215 -48.30 21.95 -6.22
C LEU H 215 -46.80 21.73 -6.34
N ALA H 216 -46.10 21.70 -5.21
CA ALA H 216 -44.65 21.50 -5.24
C ALA H 216 -44.30 20.14 -5.83
N LEU H 217 -45.02 19.09 -5.41
CA LEU H 217 -44.75 17.75 -5.93
C LEU H 217 -45.07 17.67 -7.42
N LYS H 218 -46.18 18.28 -7.84
CA LYS H 218 -46.53 18.29 -9.26
C LYS H 218 -45.45 19.00 -10.08
N ALA H 219 -44.89 20.09 -9.54
CA ALA H 219 -43.78 20.74 -10.20
C ALA H 219 -42.57 19.83 -10.27
N VAL H 220 -42.32 19.06 -9.21
CA VAL H 220 -41.12 18.22 -9.15
C VAL H 220 -41.32 16.91 -9.90
N ALA H 221 -42.45 16.25 -9.70
CA ALA H 221 -42.64 14.91 -10.26
C ALA H 221 -42.61 14.93 -11.78
N GLY H 222 -43.27 15.90 -12.40
CA GLY H 222 -43.32 15.95 -13.85
C GLY H 222 -44.04 14.76 -14.45
N ASN H 223 -43.29 13.87 -15.08
CA ASN H 223 -43.83 12.62 -15.62
C ASN H 223 -43.62 11.52 -14.60
N GLN H 224 -44.65 11.24 -13.82
CA GLN H 224 -44.59 10.24 -12.76
C GLN H 224 -46.01 9.84 -12.39
N PHE H 225 -46.16 9.09 -11.30
CA PHE H 225 -47.45 8.63 -10.84
C PHE H 225 -47.53 8.77 -9.32
N PHE H 226 -48.75 8.81 -8.82
CA PHE H 226 -49.02 8.98 -7.40
C PHE H 226 -49.58 7.70 -6.81
N MET H 227 -49.38 7.52 -5.50
CA MET H 227 -49.85 6.32 -4.82
C MET H 227 -49.90 6.60 -3.33
N TYR H 228 -50.51 5.67 -2.59
CA TYR H 228 -50.66 5.78 -1.14
C TYR H 228 -50.30 4.44 -0.50
N HIS H 229 -49.15 3.88 -0.88
CA HIS H 229 -48.68 2.65 -0.25
C HIS H 229 -48.48 2.88 1.24
N GLY H 230 -48.98 1.96 2.05
CA GLY H 230 -48.92 2.14 3.49
C GLY H 230 -49.78 3.30 3.94
N HIS H 231 -49.37 3.91 5.05
CA HIS H 231 -50.07 5.06 5.62
C HIS H 231 -49.06 6.13 6.01
N GLY H 232 -49.42 7.39 5.75
CA GLY H 232 -48.59 8.51 6.13
C GLY H 232 -47.60 8.97 5.09
N HIS H 233 -47.72 8.50 3.84
CA HIS H 233 -46.79 8.92 2.79
C HIS H 233 -47.54 9.01 1.47
N ILE H 234 -46.97 9.76 0.53
CA ILE H 234 -47.45 9.83 -0.84
C ILE H 234 -46.24 9.55 -1.73
N ARG H 235 -46.03 8.28 -2.06
CA ARG H 235 -44.87 7.89 -2.85
C ARG H 235 -45.13 8.13 -4.33
N THR H 236 -44.05 8.22 -5.10
CA THR H 236 -44.12 8.37 -6.54
C THR H 236 -43.26 7.30 -7.19
N VAL H 237 -43.79 6.67 -8.24
CA VAL H 237 -43.07 5.62 -8.94
C VAL H 237 -43.11 5.92 -10.44
N PRO H 238 -42.14 5.41 -11.19
CA PRO H 238 -42.20 5.54 -12.65
C PRO H 238 -43.32 4.69 -13.23
N TYR H 239 -43.69 5.02 -14.47
CA TYR H 239 -44.82 4.35 -15.10
C TYR H 239 -44.58 2.86 -15.28
N HIS H 240 -43.35 2.48 -15.66
CA HIS H 240 -43.07 1.07 -15.95
C HIS H 240 -43.21 0.21 -14.69
N GLU H 241 -42.51 0.60 -13.62
CA GLU H 241 -42.48 -0.23 -12.41
C GLU H 241 -43.84 -0.36 -11.78
N LEU H 242 -44.75 0.58 -12.07
CA LEU H 242 -46.12 0.49 -11.55
C LEU H 242 -46.76 -0.84 -11.93
N ALA H 243 -46.35 -1.41 -13.07
CA ALA H 243 -46.79 -2.76 -13.43
C ALA H 243 -46.63 -3.72 -12.26
N ASP H 244 -45.39 -3.85 -11.76
CA ASP H 244 -45.15 -4.73 -10.63
C ASP H 244 -45.98 -4.34 -9.42
N ALA H 245 -46.24 -3.04 -9.25
CA ALA H 245 -47.04 -2.58 -8.11
C ALA H 245 -48.42 -3.22 -8.12
N ILE H 246 -48.99 -3.44 -9.31
CA ILE H 246 -50.30 -4.07 -9.39
C ILE H 246 -50.26 -5.46 -8.77
N LYS H 247 -49.17 -6.19 -9.00
CA LYS H 247 -49.01 -7.49 -8.36
C LYS H 247 -49.00 -7.33 -6.84
N SER H 248 -48.29 -6.32 -6.34
CA SER H 248 -48.30 -6.05 -4.91
C SER H 248 -49.68 -5.66 -4.41
N TYR H 249 -50.54 -5.16 -5.30
CA TYR H 249 -51.91 -4.85 -4.91
C TYR H 249 -52.80 -6.07 -4.86
N ALA H 250 -52.35 -7.19 -5.44
CA ALA H 250 -53.17 -8.40 -5.41
C ALA H 250 -53.17 -9.04 -4.03
N ARG H 251 -52.02 -9.06 -3.35
CA ARG H 251 -51.89 -9.73 -2.06
C ARG H 251 -52.50 -8.93 -0.92
N LYS H 252 -52.92 -7.69 -1.15
CA LYS H 252 -53.47 -6.87 -0.09
C LYS H 252 -54.78 -7.46 0.42
N ASP H 253 -54.99 -7.37 1.74
CA ASP H 253 -56.18 -7.91 2.37
C ASP H 253 -57.36 -6.96 2.19
N LYS H 254 -58.57 -7.53 2.29
CA LYS H 254 -59.78 -6.74 2.14
C LYS H 254 -59.92 -5.72 3.26
N GLU H 255 -59.63 -6.12 4.49
CA GLU H 255 -59.72 -5.19 5.62
C GLU H 255 -58.72 -4.05 5.48
N THR H 256 -57.49 -4.37 5.06
CA THR H 256 -56.47 -3.33 4.86
C THR H 256 -56.90 -2.35 3.77
N LEU H 257 -57.44 -2.87 2.66
CA LEU H 257 -57.91 -1.99 1.59
C LEU H 257 -59.05 -1.11 2.07
N GLU H 258 -59.97 -1.68 2.85
CA GLU H 258 -61.09 -0.89 3.37
C GLU H 258 -60.58 0.21 4.30
N SER H 259 -59.60 -0.11 5.15
CA SER H 259 -59.03 0.91 6.03
C SER H 259 -58.32 2.00 5.23
N ILE H 260 -57.62 1.61 4.17
CA ILE H 260 -56.94 2.59 3.33
C ILE H 260 -57.94 3.52 2.65
N SER H 261 -59.04 2.96 2.14
CA SER H 261 -60.03 3.76 1.43
C SER H 261 -60.76 4.75 2.33
N LYS H 262 -60.71 4.55 3.65
CA LYS H 262 -61.42 5.40 4.59
C LYS H 262 -60.54 6.50 5.19
N SER H 263 -59.56 6.99 4.43
CA SER H 263 -58.65 8.02 4.92
C SER H 263 -58.72 9.26 4.03
N PRO H 264 -58.89 10.45 4.60
CA PRO H 264 -58.86 11.68 3.78
C PRO H 264 -57.55 11.88 3.05
N LEU H 265 -56.43 11.45 3.64
CA LEU H 265 -55.15 11.57 2.96
C LEU H 265 -55.12 10.73 1.68
N ALA H 266 -55.86 9.61 1.67
CA ALA H 266 -56.00 8.83 0.45
C ALA H 266 -56.74 9.62 -0.62
N ALA H 267 -57.76 10.39 -0.22
CA ALA H 267 -58.49 11.21 -1.18
C ALA H 267 -57.65 12.39 -1.66
N GLN H 268 -56.71 12.87 -0.84
CA GLN H 268 -55.96 14.06 -1.18
C GLN H 268 -54.94 13.83 -2.29
N CYS H 269 -54.60 12.57 -2.59
CA CYS H 269 -53.52 12.30 -3.53
C CYS H 269 -53.82 12.84 -4.93
N GLY H 270 -55.03 12.61 -5.41
CA GLY H 270 -55.37 13.08 -6.74
C GLY H 270 -56.70 12.59 -7.28
N SER H 271 -56.72 12.18 -8.55
CA SER H 271 -57.93 11.70 -9.21
C SER H 271 -57.81 10.28 -9.72
N LYS H 272 -56.71 9.96 -10.42
CA LYS H 272 -56.58 8.65 -11.04
C LYS H 272 -56.39 7.54 -10.01
N PHE H 273 -55.82 7.86 -8.85
CA PHE H 273 -55.57 6.83 -7.84
C PHE H 273 -56.88 6.24 -7.32
N LEU H 274 -57.90 7.08 -7.12
CA LEU H 274 -59.20 6.56 -6.70
C LEU H 274 -59.81 5.68 -7.77
N ASP H 275 -59.64 6.04 -9.04
CA ASP H 275 -60.12 5.19 -10.13
C ASP H 275 -59.43 3.84 -10.12
N MET H 276 -58.11 3.84 -9.90
CA MET H 276 -57.38 2.57 -9.83
C MET H 276 -57.83 1.73 -8.64
N LEU H 277 -58.08 2.38 -7.50
CA LEU H 277 -58.55 1.65 -6.33
C LEU H 277 -59.94 1.04 -6.59
N ASP H 278 -60.82 1.80 -7.25
CA ASP H 278 -62.12 1.25 -7.62
C ASP H 278 -61.97 0.08 -8.58
N GLY H 279 -61.03 0.18 -9.53
CA GLY H 279 -60.81 -0.91 -10.45
C GLY H 279 -60.33 -2.17 -9.77
N ILE H 280 -59.40 -2.04 -8.82
CA ILE H 280 -58.93 -3.22 -8.09
C ILE H 280 -60.01 -3.74 -7.15
N ARG H 281 -60.91 -2.86 -6.69
CA ARG H 281 -62.06 -3.31 -5.91
C ARG H 281 -63.09 -4.03 -6.76
N SER H 282 -63.12 -3.76 -8.07
CA SER H 282 -64.08 -4.41 -8.95
C SER H 282 -63.79 -5.89 -9.14
N LYS H 283 -62.60 -6.35 -8.75
CA LYS H 283 -62.21 -7.77 -8.84
C LYS H 283 -62.26 -8.28 -10.29
N GLN H 284 -61.98 -7.41 -11.24
CA GLN H 284 -61.91 -7.79 -12.64
C GLN H 284 -60.47 -8.20 -12.98
N LYS H 285 -60.19 -8.39 -14.26
CA LYS H 285 -58.82 -8.73 -14.68
C LYS H 285 -57.90 -7.54 -14.44
N ILE H 286 -56.64 -7.85 -14.14
CA ILE H 286 -55.71 -6.81 -13.68
C ILE H 286 -55.05 -6.10 -14.84
N GLU H 287 -54.66 -6.84 -15.89
CA GLU H 287 -53.83 -6.27 -16.94
C GLU H 287 -54.58 -5.18 -17.72
N ASP H 288 -55.82 -5.47 -18.13
CA ASP H 288 -56.57 -4.52 -18.96
C ASP H 288 -56.85 -3.23 -18.20
N VAL H 289 -57.33 -3.35 -16.96
CA VAL H 289 -57.61 -2.16 -16.16
C VAL H 289 -56.32 -1.40 -15.86
N ILE H 290 -55.22 -2.14 -15.66
CA ILE H 290 -53.94 -1.50 -15.39
C ILE H 290 -53.50 -0.66 -16.58
N LEU H 291 -53.61 -1.21 -17.79
CA LEU H 291 -53.25 -0.44 -18.98
C LEU H 291 -54.22 0.71 -19.23
N LYS H 292 -55.50 0.53 -18.89
CA LYS H 292 -56.46 1.63 -19.03
C LYS H 292 -56.09 2.79 -18.11
N ALA H 293 -55.70 2.48 -16.87
CA ALA H 293 -55.28 3.52 -15.94
C ALA H 293 -53.88 4.04 -16.24
N LYS H 294 -53.11 3.31 -17.03
CA LYS H 294 -51.74 3.69 -17.37
C LYS H 294 -51.63 4.49 -18.66
N ILE H 295 -52.76 4.81 -19.30
CA ILE H 295 -52.72 5.59 -20.53
C ILE H 295 -52.14 6.98 -20.23
N PHE H 296 -51.39 7.52 -21.19
CA PHE H 296 -50.76 8.81 -21.06
C PHE H 296 -51.62 9.85 -21.79
N GLU H 297 -52.28 10.71 -21.03
CA GLU H 297 -53.15 11.73 -21.59
C GLU H 297 -52.34 12.85 -22.22
#